data_4PSP
#
_entry.id   4PSP
#
_cell.length_a   53.871
_cell.length_b   75.887
_cell.length_c   80.845
_cell.angle_alpha   105.910
_cell.angle_beta   107.230
_cell.angle_gamma   106.750
#
_symmetry.space_group_name_H-M   'P 1'
#
loop_
_entity.id
_entity.type
_entity.pdbx_description
1 polymer 'Alpha-fucosidase GH29'
2 branched alpha-D-mannopyranose-(1-2)-alpha-D-mannopyranose-(1-2)-alpha-D-mannopyranose-(1-3)-[alpha-D-mannopyranose-(1-6)]beta-D-mannopyranose-(1-4)-2-acetamido-2-deoxy-beta-D-glucopyranose-(1-4)-2-acetamido-2-deoxy-beta-D-glucopyranose
3 branched alpha-D-mannopyranose-(1-2)-alpha-D-mannopyranose-(1-2)-alpha-D-mannopyranose-(1-3)-beta-D-mannopyranose-(1-4)-2-acetamido-2-deoxy-beta-D-glucopyranose-(1-4)-2-acetamido-2-deoxy-beta-D-glucopyranose
4 non-polymer 2-acetamido-2-deoxy-beta-D-glucopyranose
5 non-polymer 2-AMINO-2-HYDROXYMETHYL-PROPANE-1,3-DIOL
6 non-polymer 'SODIUM ION'
7 non-polymer GLYCEROL
8 water water
#
_entity_poly.entity_id   1
_entity_poly.type   'polypeptide(L)'
_entity_poly.pdbx_seq_one_letter_code
;AKADGPYEATWESTDKHNAAPEWYRDAKFGVYWHWGAFTTAQYASEWYPRNMYEPDSDQRKHHTETYGPPEEWGYENFIK
GAKDKKGNFVQFKPVLKSKGGEFDPEAIIKIVKGSGARFAGPVAEHHDGFSMWDSKVNEWNPVNYGPKLDLVKLWADLVR
ENDMKLVIAMHQAYNYNGFFQWAPKTNDTSLQKLLGQLPRDEEDQLWFDKHREMLDHVQPDIIWNDFSLDSPGECGSFEG
PCAVDEQKRLEFLAYYFNRGEEWGKEVVTTYKHHDHGFRNTSAVDDWERGGPSNLVRPYWQTDDAISASSWSYTVGIKYY
SSKAMVHSLLDRVSKNGNMLLNISPMANGVLPEEQIKVLNDIGDFLSRYGEAVYDTRAWDIYGEGPNQVEGGSFTAPLQG
NSSDIRFTRNKEDDVLYVTVLGWPEDNLVSVKNLGSNALVDLESLKSVELLGDKAGDYVKVSEWEQSKDALDITLPSQPA
ESLAYVLKLTFDGGIPVPQPERGAAVFSKADATGKGVALALGTFDTVFLTEAGLKPEEIRSIRVSDGTKATLFSGFRFTG
ESKELSAGEHEVEDGSVGSIVVSKI
;
_entity_poly.pdbx_strand_id   A,B
#
loop_
_chem_comp.id
_chem_comp.type
_chem_comp.name
_chem_comp.formula
BMA D-saccharide, beta linking beta-D-mannopyranose 'C6 H12 O6'
GOL non-polymer GLYCEROL 'C3 H8 O3'
MAN D-saccharide, alpha linking alpha-D-mannopyranose 'C6 H12 O6'
NA non-polymer 'SODIUM ION' 'Na 1'
NAG D-saccharide, beta linking 2-acetamido-2-deoxy-beta-D-glucopyranose 'C8 H15 N O6'
TRS non-polymer 2-AMINO-2-HYDROXYMETHYL-PROPANE-1,3-DIOL 'C4 H12 N O3 1'
#
# COMPACT_ATOMS: atom_id res chain seq x y z
N GLY A 5 32.86 -12.13 -18.77
CA GLY A 5 32.61 -12.90 -17.57
C GLY A 5 31.59 -13.98 -17.81
N PRO A 6 31.34 -14.83 -16.79
CA PRO A 6 30.44 -15.96 -17.00
C PRO A 6 28.97 -15.60 -17.14
N TYR A 7 28.53 -14.43 -16.66
CA TYR A 7 27.11 -14.11 -16.68
C TYR A 7 26.65 -13.56 -18.01
N GLU A 8 25.49 -14.04 -18.44
CA GLU A 8 24.79 -13.53 -19.60
C GLU A 8 23.56 -12.78 -19.15
N ALA A 9 23.07 -11.88 -20.01
CA ALA A 9 21.90 -11.09 -19.72
C ALA A 9 20.59 -11.91 -19.87
N THR A 10 20.45 -12.93 -19.01
CA THR A 10 19.24 -13.76 -18.91
C THR A 10 18.89 -14.01 -17.45
N TRP A 11 17.64 -14.34 -17.16
CA TRP A 11 17.27 -14.60 -15.77
C TRP A 11 17.96 -15.87 -15.28
N GLU A 12 18.01 -16.87 -16.14
CA GLU A 12 18.56 -18.16 -15.76
C GLU A 12 20.05 -18.06 -15.43
N SER A 13 20.79 -17.24 -16.19
CA SER A 13 22.21 -17.07 -15.94
C SER A 13 22.47 -16.25 -14.68
N THR A 14 21.77 -15.15 -14.55
CA THR A 14 22.01 -14.24 -13.42
C THR A 14 21.43 -14.82 -12.12
N ASP A 15 20.46 -15.75 -12.20
CA ASP A 15 19.95 -16.45 -11.02
C ASP A 15 21.07 -17.13 -10.22
N LYS A 16 22.15 -17.55 -10.89
CA LYS A 16 23.21 -18.29 -10.23
C LYS A 16 24.08 -17.43 -9.32
N HIS A 17 23.97 -16.11 -9.43
CA HIS A 17 24.70 -15.23 -8.53
C HIS A 17 24.20 -15.41 -7.10
N ASN A 18 25.11 -15.46 -6.14
CA ASN A 18 24.74 -15.61 -4.72
C ASN A 18 24.24 -14.29 -4.18
N ALA A 19 22.95 -14.22 -3.86
CA ALA A 19 22.32 -12.95 -3.56
C ALA A 19 22.89 -12.23 -2.34
N ALA A 20 23.10 -12.99 -1.27
CA ALA A 20 23.48 -12.44 0.02
C ALA A 20 24.69 -13.20 0.55
N PRO A 21 25.90 -12.73 0.23
CA PRO A 21 27.12 -13.43 0.64
C PRO A 21 27.35 -13.34 2.14
N GLU A 22 28.22 -14.19 2.65
CA GLU A 22 28.37 -14.26 4.11
C GLU A 22 28.79 -12.92 4.74
N TRP A 23 29.64 -12.14 4.08
CA TRP A 23 30.08 -10.88 4.69
C TRP A 23 28.90 -9.94 4.91
N TYR A 24 27.93 -9.99 3.98
CA TYR A 24 26.77 -9.13 4.02
C TYR A 24 25.83 -9.58 5.14
N ARG A 25 25.66 -10.88 5.31
CA ARG A 25 24.85 -11.41 6.40
C ARG A 25 25.50 -11.10 7.74
N ASP A 26 26.83 -11.03 7.76
CA ASP A 26 27.56 -10.73 8.98
C ASP A 26 27.46 -9.27 9.40
N ALA A 27 27.27 -8.39 8.40
CA ALA A 27 27.42 -6.95 8.58
C ALA A 27 26.35 -6.27 9.44
N LYS A 28 25.09 -6.63 9.18
CA LYS A 28 23.92 -6.25 9.97
C LYS A 28 23.47 -4.78 9.83
N PHE A 29 24.42 -3.85 9.93
CA PHE A 29 24.10 -2.44 10.06
C PHE A 29 24.92 -1.62 9.07
N GLY A 30 24.25 -0.77 8.31
CA GLY A 30 24.91 0.15 7.41
C GLY A 30 24.26 1.51 7.42
N VAL A 31 24.91 2.50 6.79
CA VAL A 31 24.42 3.88 6.79
C VAL A 31 24.56 4.48 5.40
N TYR A 32 23.55 5.20 4.97
CA TYR A 32 23.65 5.98 3.74
C TYR A 32 22.98 7.33 3.94
N TRP A 33 23.05 8.18 2.91
CA TRP A 33 22.55 9.54 3.09
C TRP A 33 21.89 10.10 1.82
N HIS A 34 20.68 10.60 2.00
CA HIS A 34 19.94 11.31 0.97
C HIS A 34 20.40 12.77 0.98
N TRP A 35 21.44 13.05 0.22
CA TRP A 35 22.01 14.41 0.14
C TRP A 35 22.31 14.71 -1.30
N GLY A 36 21.76 15.82 -1.81
CA GLY A 36 22.01 16.22 -3.18
C GLY A 36 21.31 17.52 -3.50
N ALA A 37 21.19 17.82 -4.78
CA ALA A 37 20.56 19.07 -5.19
C ALA A 37 19.08 19.12 -4.77
N PHE A 38 18.48 17.96 -4.50
CA PHE A 38 17.10 17.93 -4.01
C PHE A 38 17.01 18.45 -2.56
N THR A 39 18.15 18.54 -1.88
CA THR A 39 18.22 19.10 -0.53
C THR A 39 18.28 20.63 -0.50
N THR A 40 18.60 21.24 -1.65
CA THR A 40 18.87 22.68 -1.68
C THR A 40 17.73 23.51 -1.10
N ALA A 41 16.48 23.18 -1.44
CA ALA A 41 15.37 23.95 -0.92
C ALA A 41 15.12 23.73 0.58
N GLN A 42 15.61 22.62 1.11
CA GLN A 42 15.38 22.26 2.51
C GLN A 42 13.92 22.42 2.92
N TYR A 43 13.04 21.90 2.07
CA TYR A 43 11.61 22.02 2.26
C TYR A 43 10.88 20.75 1.83
N ALA A 44 9.95 20.33 2.69
CA ALA A 44 9.00 19.24 2.45
C ALA A 44 9.67 17.86 2.53
N SER A 45 10.38 17.49 1.47
CA SER A 45 11.08 16.23 1.40
C SER A 45 12.02 16.17 0.21
N GLU A 46 12.68 15.03 0.07
CA GLU A 46 13.49 14.74 -1.09
C GLU A 46 12.69 14.68 -2.38
N TRP A 47 11.35 14.67 -2.30
CA TRP A 47 10.52 14.72 -3.52
C TRP A 47 10.20 16.16 -3.91
N TYR A 48 10.80 17.14 -3.25
CA TYR A 48 10.59 18.53 -3.63
C TYR A 48 10.77 18.83 -5.13
N PRO A 49 11.79 18.25 -5.79
CA PRO A 49 11.92 18.51 -7.25
C PRO A 49 10.68 18.15 -8.09
N ARG A 50 10.00 17.09 -7.66
CA ARG A 50 8.73 16.67 -8.29
C ARG A 50 7.57 17.57 -7.88
N ASN A 51 7.42 17.78 -6.57
CA ASN A 51 6.22 18.46 -6.07
C ASN A 51 6.22 19.99 -6.25
N MET A 52 7.37 20.60 -6.47
CA MET A 52 7.43 22.04 -6.72
C MET A 52 6.62 22.41 -7.97
N TYR A 53 6.41 21.43 -8.85
CA TYR A 53 5.66 21.64 -10.08
C TYR A 53 4.20 21.24 -9.97
N GLU A 54 3.84 20.53 -8.91
CA GLU A 54 2.54 19.91 -8.80
C GLU A 54 1.44 20.98 -8.68
N PRO A 55 0.39 20.88 -9.52
CA PRO A 55 -0.71 21.84 -9.39
C PRO A 55 -1.30 21.91 -7.98
N ASP A 56 -1.46 23.14 -7.50
CA ASP A 56 -2.14 23.43 -6.24
C ASP A 56 -1.44 22.86 -5.00
N SER A 57 -0.16 22.49 -5.10
CA SER A 57 0.51 21.84 -3.98
C SER A 57 1.13 22.86 -3.04
N ASP A 58 1.37 22.43 -1.79
CA ASP A 58 2.06 23.28 -0.84
C ASP A 58 3.50 23.55 -1.30
N GLN A 59 4.13 22.57 -1.92
CA GLN A 59 5.49 22.74 -2.40
C GLN A 59 5.55 23.78 -3.54
N ARG A 60 4.55 23.76 -4.41
CA ARG A 60 4.48 24.74 -5.49
C ARG A 60 4.27 26.14 -4.91
N LYS A 61 3.44 26.23 -3.87
CA LYS A 61 3.17 27.50 -3.21
C LYS A 61 4.46 28.05 -2.62
N HIS A 62 5.14 27.21 -1.82
CA HIS A 62 6.39 27.61 -1.24
C HIS A 62 7.39 28.05 -2.33
N HIS A 63 7.47 27.27 -3.40
CA HIS A 63 8.43 27.55 -4.46
C HIS A 63 8.13 28.88 -5.11
N THR A 64 6.84 29.11 -5.38
CA THR A 64 6.42 30.33 -6.06
C THR A 64 6.68 31.54 -5.18
N GLU A 65 6.51 31.37 -3.87
CA GLU A 65 6.74 32.51 -2.99
C GLU A 65 8.20 32.80 -2.74
N THR A 66 9.04 31.77 -2.82
CA THR A 66 10.43 31.86 -2.42
C THR A 66 11.37 32.11 -3.62
N TYR A 67 11.10 31.43 -4.73
CA TYR A 67 11.98 31.49 -5.90
C TYR A 67 11.32 32.19 -7.08
N GLY A 68 10.18 31.65 -7.51
CA GLY A 68 9.41 32.17 -8.61
C GLY A 68 8.47 31.08 -9.10
N PRO A 69 7.55 31.41 -9.99
CA PRO A 69 6.74 30.34 -10.57
C PRO A 69 7.63 29.24 -11.16
N PRO A 70 7.27 27.96 -10.92
CA PRO A 70 8.17 26.89 -11.37
C PRO A 70 8.32 26.82 -12.88
N GLU A 71 7.38 27.42 -13.61
CA GLU A 71 7.49 27.50 -15.06
C GLU A 71 8.64 28.42 -15.53
N GLU A 72 9.02 29.38 -14.69
CA GLU A 72 10.16 30.27 -14.96
C GLU A 72 11.42 29.91 -14.14
N TRP A 73 11.22 29.50 -12.88
CA TRP A 73 12.33 29.14 -11.98
C TRP A 73 12.25 27.63 -11.77
N GLY A 74 12.71 26.89 -12.78
CA GLY A 74 12.62 25.45 -12.78
C GLY A 74 13.62 24.75 -11.88
N TYR A 75 13.44 23.45 -11.70
CA TYR A 75 14.30 22.69 -10.80
C TYR A 75 15.77 22.81 -11.21
N GLU A 76 16.03 22.91 -12.52
CA GLU A 76 17.40 23.00 -12.97
C GLU A 76 18.15 24.21 -12.37
N ASN A 77 17.44 25.26 -11.95
CA ASN A 77 18.11 26.41 -11.34
C ASN A 77 18.81 26.06 -10.01
N PHE A 78 18.35 25.03 -9.29
CA PHE A 78 19.05 24.67 -8.06
C PHE A 78 20.43 24.11 -8.40
N ILE A 79 20.56 23.49 -9.57
CA ILE A 79 21.80 22.88 -10.00
C ILE A 79 22.72 23.93 -10.64
N LYS A 80 22.17 24.74 -11.54
CA LYS A 80 22.97 25.74 -12.28
C LYS A 80 23.10 27.08 -11.56
N GLY A 81 22.24 27.32 -10.57
CA GLY A 81 22.30 28.51 -9.77
C GLY A 81 21.41 29.63 -10.30
N ALA A 82 20.75 30.31 -9.38
CA ALA A 82 19.86 31.42 -9.73
C ALA A 82 19.52 32.24 -8.50
N LYS A 83 19.19 33.52 -8.69
CA LYS A 83 18.74 34.33 -7.56
C LYS A 83 17.30 34.02 -7.19
N ASP A 84 17.02 34.05 -5.88
CA ASP A 84 15.66 33.85 -5.39
C ASP A 84 14.92 35.19 -5.44
N LYS A 85 13.69 35.20 -4.94
CA LYS A 85 12.82 36.38 -5.12
C LYS A 85 13.36 37.58 -4.34
N LYS A 86 14.11 37.31 -3.26
CA LYS A 86 14.73 38.37 -2.47
C LYS A 86 16.16 38.70 -2.93
N GLY A 87 16.57 38.13 -4.05
CA GLY A 87 17.84 38.48 -4.67
C GLY A 87 19.07 37.72 -4.16
N ASN A 88 18.85 36.70 -3.34
CA ASN A 88 19.92 35.83 -2.86
C ASN A 88 20.27 34.73 -3.86
N PHE A 89 21.55 34.52 -4.13
CA PHE A 89 21.96 33.47 -5.06
C PHE A 89 21.79 32.10 -4.42
N VAL A 90 21.07 31.22 -5.10
CA VAL A 90 20.75 29.88 -4.61
C VAL A 90 21.37 28.84 -5.51
N GLN A 91 22.07 27.85 -4.93
CA GLN A 91 22.68 26.78 -5.71
C GLN A 91 23.13 25.67 -4.76
N PHE A 92 22.99 24.43 -5.19
CA PHE A 92 23.67 23.33 -4.51
C PHE A 92 25.16 23.46 -4.78
N LYS A 93 25.91 23.83 -3.75
CA LYS A 93 27.30 24.18 -3.93
C LYS A 93 28.04 24.05 -2.62
N PRO A 94 28.17 22.80 -2.12
CA PRO A 94 28.89 22.61 -0.87
C PRO A 94 30.34 22.99 -1.05
N VAL A 95 30.91 23.60 -0.03
CA VAL A 95 32.30 24.07 -0.05
C VAL A 95 33.09 23.31 1.02
N LEU A 96 34.18 22.67 0.59
CA LEU A 96 35.00 21.86 1.52
C LEU A 96 35.58 22.68 2.64
N LYS A 97 35.63 22.05 3.81
CA LYS A 97 36.24 22.61 5.01
C LYS A 97 37.68 23.02 4.71
N SER A 98 38.40 22.21 3.93
CA SER A 98 39.78 22.56 3.55
C SER A 98 39.86 23.80 2.67
N LYS A 99 38.71 24.22 2.11
CA LYS A 99 38.63 25.45 1.30
C LYS A 99 37.93 26.58 2.05
N GLY A 100 37.77 26.42 3.36
CA GLY A 100 37.15 27.43 4.18
C GLY A 100 35.65 27.30 4.35
N GLY A 101 35.07 26.26 3.75
CA GLY A 101 33.64 26.00 3.88
C GLY A 101 33.24 25.11 5.07
N GLU A 102 32.00 24.64 5.03
CA GLU A 102 31.41 23.88 6.12
C GLU A 102 31.26 22.39 5.83
N PHE A 103 31.48 21.98 4.58
CA PHE A 103 31.31 20.60 4.19
C PHE A 103 32.59 19.81 4.53
N ASP A 104 32.48 18.91 5.51
CA ASP A 104 33.61 18.12 6.03
C ASP A 104 33.30 16.62 5.87
N PRO A 105 33.50 16.10 4.65
CA PRO A 105 33.10 14.70 4.43
C PRO A 105 33.92 13.72 5.28
N GLU A 106 35.18 14.05 5.55
CA GLU A 106 36.02 13.19 6.38
C GLU A 106 35.45 13.03 7.79
N ALA A 107 34.99 14.14 8.37
CA ALA A 107 34.38 14.09 9.69
C ALA A 107 33.11 13.23 9.67
N ILE A 108 32.32 13.37 8.62
CA ILE A 108 31.06 12.65 8.53
C ILE A 108 31.38 11.15 8.45
N ILE A 109 32.38 10.77 7.66
CA ILE A 109 32.66 9.35 7.55
C ILE A 109 33.26 8.80 8.86
N LYS A 110 34.02 9.60 9.61
CA LYS A 110 34.47 9.15 10.94
C LYS A 110 33.31 8.91 11.88
N ILE A 111 32.27 9.76 11.80
CA ILE A 111 31.08 9.59 12.61
C ILE A 111 30.34 8.32 12.18
N VAL A 112 30.22 8.10 10.87
CA VAL A 112 29.58 6.88 10.39
C VAL A 112 30.34 5.63 10.86
N LYS A 113 31.67 5.67 10.77
N LYS A 113 31.68 5.67 10.78
CA LYS A 113 32.49 4.56 11.24
CA LYS A 113 32.44 4.52 11.25
C LYS A 113 32.26 4.31 12.73
C LYS A 113 32.24 4.31 12.74
N GLY A 114 32.22 5.40 13.48
CA GLY A 114 32.00 5.34 14.91
C GLY A 114 30.64 4.82 15.29
N SER A 115 29.68 4.86 14.37
CA SER A 115 28.34 4.34 14.65
C SER A 115 28.25 2.82 14.61
N GLY A 116 29.32 2.17 14.13
CA GLY A 116 29.35 0.73 14.02
C GLY A 116 28.88 0.20 12.66
N ALA A 117 28.65 1.11 11.73
CA ALA A 117 28.29 0.75 10.36
C ALA A 117 29.39 -0.12 9.74
N ARG A 118 29.00 -1.22 9.09
CA ARG A 118 29.94 -2.06 8.37
CA ARG A 118 29.90 -2.10 8.36
C ARG A 118 29.85 -1.87 6.87
N PHE A 119 28.81 -1.17 6.41
CA PHE A 119 28.75 -0.69 5.02
C PHE A 119 28.17 0.71 5.04
N ALA A 120 28.62 1.54 4.09
CA ALA A 120 28.22 2.94 4.06
C ALA A 120 28.40 3.52 2.69
N GLY A 121 27.65 4.58 2.40
CA GLY A 121 27.85 5.31 1.16
C GLY A 121 26.72 6.25 0.84
N PRO A 122 26.87 7.00 -0.26
CA PRO A 122 25.88 8.01 -0.66
C PRO A 122 24.73 7.47 -1.50
N VAL A 123 23.64 8.22 -1.50
CA VAL A 123 22.80 8.28 -2.68
C VAL A 123 23.63 8.92 -3.78
N ALA A 124 23.90 8.15 -4.83
CA ALA A 124 24.69 8.64 -5.96
C ALA A 124 23.82 9.34 -7.00
N GLU A 125 22.57 8.89 -7.13
CA GLU A 125 21.59 9.57 -7.98
C GLU A 125 20.20 9.22 -7.48
N HIS A 126 19.41 10.24 -7.17
CA HIS A 126 18.05 10.04 -6.72
C HIS A 126 17.14 10.03 -7.96
N HIS A 127 15.90 10.50 -7.83
CA HIS A 127 14.91 10.52 -8.92
C HIS A 127 15.07 11.76 -9.81
N ASP A 128 15.92 12.69 -9.38
CA ASP A 128 15.91 14.04 -9.91
C ASP A 128 16.87 14.31 -11.07
N GLY A 129 17.49 13.26 -11.59
CA GLY A 129 18.25 13.35 -12.84
C GLY A 129 19.68 13.84 -12.70
N PHE A 130 20.11 14.02 -11.45
CA PHE A 130 21.44 14.59 -11.12
C PHE A 130 22.39 13.50 -10.64
N SER A 131 23.34 13.10 -11.49
CA SER A 131 24.33 12.08 -11.17
C SER A 131 25.44 12.74 -10.36
N MET A 132 25.75 12.23 -9.17
CA MET A 132 26.68 12.96 -8.30
C MET A 132 28.12 12.44 -8.38
N TRP A 133 28.43 11.69 -9.43
CA TRP A 133 29.81 11.42 -9.83
C TRP A 133 30.18 12.21 -11.09
N ASP A 134 31.45 12.18 -11.46
CA ASP A 134 31.94 12.79 -12.71
C ASP A 134 31.47 11.95 -13.88
N SER A 135 30.34 12.35 -14.48
CA SER A 135 29.67 11.51 -15.46
C SER A 135 29.85 12.04 -16.89
N LYS A 136 30.20 11.13 -17.80
CA LYS A 136 30.25 11.43 -19.22
C LYS A 136 28.87 11.22 -19.87
N VAL A 137 28.10 10.26 -19.37
CA VAL A 137 26.79 10.01 -19.96
C VAL A 137 25.72 10.98 -19.47
N ASN A 138 25.97 11.67 -18.36
CA ASN A 138 25.02 12.66 -17.86
C ASN A 138 25.71 13.96 -17.42
N GLU A 139 25.53 15.03 -18.20
CA GLU A 139 26.17 16.31 -17.92
C GLU A 139 25.64 17.00 -16.65
N TRP A 140 24.50 16.52 -16.18
CA TRP A 140 23.89 17.03 -14.97
C TRP A 140 24.58 16.39 -13.77
N ASN A 141 25.68 17.00 -13.35
CA ASN A 141 26.52 16.42 -12.31
C ASN A 141 27.30 17.53 -11.62
N PRO A 142 27.81 17.27 -10.40
CA PRO A 142 28.39 18.30 -9.55
C PRO A 142 29.86 18.63 -9.89
N VAL A 143 30.40 17.98 -10.91
CA VAL A 143 31.72 18.37 -11.44
C VAL A 143 31.52 19.49 -12.48
N ASN A 144 30.55 19.32 -13.37
CA ASN A 144 30.19 20.35 -14.35
C ASN A 144 29.58 21.62 -13.76
N TYR A 145 28.74 21.42 -12.73
CA TYR A 145 27.94 22.48 -12.12
C TYR A 145 28.15 22.50 -10.62
N GLY A 146 27.85 23.63 -9.99
CA GLY A 146 27.80 23.72 -8.55
C GLY A 146 29.17 23.62 -7.89
N PRO A 147 29.37 22.60 -7.05
CA PRO A 147 30.59 22.56 -6.23
C PRO A 147 31.88 22.21 -6.99
N LYS A 148 31.76 21.71 -8.21
CA LYS A 148 32.89 21.29 -9.04
C LYS A 148 33.67 20.19 -8.29
N LEU A 149 32.89 19.28 -7.70
CA LEU A 149 33.41 18.15 -6.93
C LEU A 149 32.74 16.87 -7.36
N ASP A 150 33.53 15.81 -7.48
CA ASP A 150 33.00 14.47 -7.69
C ASP A 150 32.60 13.94 -6.32
N LEU A 151 31.35 14.19 -5.90
CA LEU A 151 30.96 13.88 -4.54
C LEU A 151 30.98 12.40 -4.27
N VAL A 152 30.53 11.61 -5.26
CA VAL A 152 30.45 10.18 -5.05
C VAL A 152 31.85 9.56 -4.90
N LYS A 153 32.82 10.04 -5.68
N LYS A 153 32.82 10.04 -5.69
N LYS A 153 32.82 10.03 -5.68
CA LYS A 153 34.19 9.55 -5.55
CA LYS A 153 34.20 9.58 -5.57
CA LYS A 153 34.19 9.53 -5.55
C LYS A 153 34.81 9.94 -4.21
C LYS A 153 34.79 9.94 -4.21
C LYS A 153 34.80 9.94 -4.21
N LEU A 154 34.55 11.18 -3.79
CA LEU A 154 35.02 11.69 -2.49
C LEU A 154 34.51 10.78 -1.36
N TRP A 155 33.21 10.51 -1.39
CA TRP A 155 32.64 9.66 -0.36
C TRP A 155 33.23 8.25 -0.43
N ALA A 156 33.32 7.68 -1.63
CA ALA A 156 33.76 6.30 -1.78
C ALA A 156 35.17 6.12 -1.27
N ASP A 157 36.04 7.06 -1.64
CA ASP A 157 37.44 6.95 -1.22
C ASP A 157 37.53 6.99 0.30
N LEU A 158 36.75 7.87 0.92
CA LEU A 158 36.74 7.96 2.39
C LEU A 158 36.16 6.72 3.06
N VAL A 159 35.11 6.13 2.48
CA VAL A 159 34.56 4.90 3.04
C VAL A 159 35.62 3.78 3.04
N ARG A 160 36.36 3.64 1.95
N ARG A 160 36.34 3.64 1.94
N ARG A 160 36.37 3.64 1.95
CA ARG A 160 37.38 2.60 1.88
CA ARG A 160 37.41 2.66 1.82
CA ARG A 160 37.38 2.60 1.88
C ARG A 160 38.55 2.89 2.83
C ARG A 160 38.50 2.91 2.85
C ARG A 160 38.53 2.89 2.84
N GLU A 161 38.88 4.16 2.99
CA GLU A 161 39.96 4.58 3.91
C GLU A 161 39.63 4.18 5.34
N ASN A 162 38.35 4.14 5.63
CA ASN A 162 37.88 3.83 6.97
C ASN A 162 37.33 2.40 7.14
N ASP A 163 37.71 1.54 6.20
N ASP A 163 37.77 1.49 6.28
CA ASP A 163 37.54 0.08 6.30
CA ASP A 163 37.49 0.05 6.44
C ASP A 163 36.09 -0.39 6.45
C ASP A 163 36.00 -0.25 6.63
N MET A 164 35.20 0.26 5.71
CA MET A 164 33.80 -0.16 5.56
C MET A 164 33.57 -0.57 4.11
N LYS A 165 32.63 -1.47 3.91
CA LYS A 165 32.15 -1.81 2.57
C LYS A 165 31.36 -0.63 2.00
N LEU A 166 31.36 -0.50 0.68
CA LEU A 166 30.73 0.64 0.01
C LEU A 166 29.35 0.25 -0.55
N VAL A 167 28.31 0.95 -0.09
CA VAL A 167 27.00 0.88 -0.72
C VAL A 167 26.77 2.16 -1.53
N ILE A 168 26.16 1.99 -2.71
CA ILE A 168 25.74 3.12 -3.53
C ILE A 168 24.24 2.96 -3.79
N ALA A 169 23.46 4.00 -3.52
CA ALA A 169 22.02 4.00 -3.77
C ALA A 169 21.71 4.77 -5.05
N MET A 170 20.89 4.12 -5.88
CA MET A 170 20.53 4.59 -7.20
C MET A 170 19.01 4.57 -7.31
N HIS A 171 18.41 5.71 -7.67
CA HIS A 171 16.95 5.82 -7.78
C HIS A 171 16.58 6.38 -9.17
N GLN A 172 17.32 6.02 -10.21
CA GLN A 172 17.19 6.75 -11.48
C GLN A 172 16.13 6.16 -12.42
N ALA A 173 15.41 5.12 -12.00
CA ALA A 173 14.28 4.63 -12.82
C ALA A 173 13.05 5.51 -12.76
N TYR A 174 12.66 6.01 -11.58
CA TYR A 174 11.43 6.78 -11.51
C TYR A 174 11.58 8.15 -12.19
N ASN A 175 12.82 8.57 -12.41
CA ASN A 175 13.11 9.81 -13.13
C ASN A 175 12.31 9.98 -14.43
N TYR A 176 12.19 8.89 -15.19
CA TYR A 176 11.50 8.96 -16.48
C TYR A 176 10.21 8.17 -16.49
N ASN A 177 9.79 7.74 -15.31
CA ASN A 177 8.55 7.00 -15.12
C ASN A 177 7.52 7.75 -14.30
N GLY A 178 7.71 9.07 -14.21
CA GLY A 178 6.67 9.95 -13.73
C GLY A 178 7.08 10.96 -12.69
N PHE A 179 8.28 10.81 -12.11
CA PHE A 179 8.71 11.76 -11.08
C PHE A 179 8.50 13.20 -11.50
N PHE A 180 8.93 13.53 -12.71
CA PHE A 180 8.86 14.90 -13.21
C PHE A 180 7.61 15.14 -14.10
N GLN A 181 6.55 14.39 -13.86
CA GLN A 181 5.37 14.46 -14.75
C GLN A 181 4.78 15.87 -14.87
N TRP A 182 4.96 16.70 -13.85
CA TRP A 182 4.37 18.05 -13.83
C TRP A 182 5.30 19.16 -14.31
N ALA A 183 6.55 18.81 -14.65
CA ALA A 183 7.47 19.80 -15.22
C ALA A 183 7.04 20.16 -16.62
N PRO A 184 7.25 21.42 -17.01
CA PRO A 184 6.93 21.79 -18.39
C PRO A 184 7.68 20.94 -19.41
N LYS A 185 7.04 20.65 -20.52
CA LYS A 185 7.73 20.07 -21.64
C LYS A 185 8.80 21.03 -22.14
N THR A 186 9.94 20.47 -22.54
CA THR A 186 11.04 21.25 -23.09
C THR A 186 11.60 20.58 -24.34
N ASN A 187 12.03 21.39 -25.31
CA ASN A 187 12.70 20.92 -26.52
C ASN A 187 14.23 21.02 -26.43
N ASP A 188 14.70 21.52 -25.30
CA ASP A 188 16.12 21.53 -24.96
C ASP A 188 16.53 20.10 -24.62
N THR A 189 17.32 19.45 -25.46
CA THR A 189 17.59 18.04 -25.26
C THR A 189 18.43 17.78 -24.02
N SER A 190 19.25 18.75 -23.60
CA SER A 190 19.98 18.56 -22.31
C SER A 190 18.99 18.58 -21.15
N LEU A 191 18.11 19.57 -21.12
CA LEU A 191 17.11 19.67 -20.07
C LEU A 191 16.18 18.46 -20.08
N GLN A 192 15.90 17.89 -21.26
CA GLN A 192 15.11 16.66 -21.34
C GLN A 192 15.77 15.53 -20.57
N LYS A 193 17.10 15.45 -20.60
CA LYS A 193 17.80 14.39 -19.91
C LYS A 193 17.64 14.53 -18.39
N LEU A 194 17.74 15.75 -17.88
CA LEU A 194 17.47 15.97 -16.44
C LEU A 194 16.06 15.57 -16.05
N LEU A 195 15.09 15.94 -16.88
CA LEU A 195 13.68 15.84 -16.51
C LEU A 195 12.98 14.57 -17.01
N GLY A 196 13.75 13.63 -17.56
CA GLY A 196 13.23 12.33 -17.96
C GLY A 196 12.29 12.41 -19.16
N GLN A 197 12.60 13.32 -20.09
CA GLN A 197 11.75 13.57 -21.26
C GLN A 197 12.35 13.06 -22.59
N LEU A 198 13.45 12.33 -22.53
CA LEU A 198 14.04 11.76 -23.72
C LEU A 198 13.14 10.63 -24.21
N PRO A 199 13.33 10.20 -25.45
CA PRO A 199 12.60 9.01 -25.91
C PRO A 199 12.83 7.84 -24.95
N ARG A 200 11.82 6.99 -24.75
N ARG A 200 11.79 7.03 -24.80
CA ARG A 200 11.95 5.96 -23.72
CA ARG A 200 11.79 5.90 -23.89
C ARG A 200 13.08 4.97 -23.98
C ARG A 200 13.03 5.02 -24.01
N ASP A 201 13.37 4.65 -25.24
CA ASP A 201 14.47 3.73 -25.50
C ASP A 201 15.80 4.34 -25.04
N GLU A 202 15.94 5.64 -25.26
CA GLU A 202 17.15 6.34 -24.82
C GLU A 202 17.20 6.40 -23.30
N GLU A 203 16.05 6.56 -22.66
CA GLU A 203 16.02 6.60 -21.20
C GLU A 203 16.40 5.26 -20.60
N ASP A 204 15.89 4.19 -21.19
CA ASP A 204 16.23 2.84 -20.73
C ASP A 204 17.73 2.57 -20.90
N GLN A 205 18.30 2.99 -22.02
CA GLN A 205 19.73 2.86 -22.22
C GLN A 205 20.51 3.67 -21.18
N LEU A 206 20.03 4.87 -20.89
CA LEU A 206 20.68 5.77 -19.94
C LEU A 206 20.62 5.21 -18.53
N TRP A 207 19.54 4.51 -18.18
CA TRP A 207 19.44 3.86 -16.87
C TRP A 207 20.61 2.88 -16.68
N PHE A 208 20.86 2.05 -17.69
CA PHE A 208 21.94 1.12 -17.67
C PHE A 208 23.29 1.84 -17.73
N ASP A 209 23.42 2.82 -18.62
CA ASP A 209 24.71 3.50 -18.78
C ASP A 209 25.13 4.20 -17.49
N LYS A 210 24.17 4.78 -16.76
CA LYS A 210 24.46 5.38 -15.47
C LYS A 210 25.00 4.35 -14.46
N HIS A 211 24.31 3.22 -14.34
CA HIS A 211 24.76 2.13 -13.47
C HIS A 211 26.18 1.70 -13.84
N ARG A 212 26.41 1.43 -15.11
N ARG A 212 26.40 1.43 -15.12
CA ARG A 212 27.70 0.92 -15.59
CA ARG A 212 27.66 0.94 -15.62
C ARG A 212 28.83 1.89 -15.29
C ARG A 212 28.82 1.89 -15.30
N GLU A 213 28.62 3.16 -15.60
CA GLU A 213 29.64 4.16 -15.42
C GLU A 213 29.94 4.35 -13.95
N MET A 214 28.89 4.43 -13.14
CA MET A 214 29.06 4.58 -11.71
C MET A 214 29.80 3.39 -11.12
N LEU A 215 29.44 2.17 -11.52
CA LEU A 215 29.99 1.03 -10.79
C LEU A 215 31.44 0.75 -11.21
N ASP A 216 31.80 1.10 -12.45
CA ASP A 216 33.19 1.01 -12.86
C ASP A 216 34.06 2.11 -12.19
N HIS A 217 33.42 3.23 -11.85
CA HIS A 217 34.07 4.39 -11.26
C HIS A 217 34.45 4.15 -9.79
N VAL A 218 33.58 3.50 -9.03
CA VAL A 218 33.81 3.35 -7.59
C VAL A 218 33.75 1.91 -7.06
N GLN A 219 33.45 0.93 -7.92
CA GLN A 219 33.47 -0.49 -7.55
C GLN A 219 32.69 -0.80 -6.25
N PRO A 220 31.40 -0.47 -6.27
CA PRO A 220 30.60 -0.67 -5.06
C PRO A 220 30.43 -2.14 -4.71
N ASP A 221 30.43 -2.39 -3.40
CA ASP A 221 30.14 -3.71 -2.84
C ASP A 221 28.64 -4.02 -2.86
N ILE A 222 27.84 -2.96 -2.75
CA ILE A 222 26.39 -3.08 -2.83
C ILE A 222 25.83 -2.00 -3.73
N ILE A 223 25.00 -2.36 -4.70
CA ILE A 223 24.21 -1.36 -5.42
C ILE A 223 22.73 -1.50 -5.03
N TRP A 224 22.23 -0.45 -4.39
CA TRP A 224 20.88 -0.38 -3.86
C TRP A 224 20.03 0.33 -4.89
N ASN A 225 18.84 -0.22 -5.20
CA ASN A 225 17.92 0.35 -6.19
C ASN A 225 16.57 0.68 -5.62
N ASP A 226 15.99 1.80 -6.06
CA ASP A 226 14.62 2.18 -5.70
C ASP A 226 13.66 1.59 -6.72
N PHE A 227 12.38 1.87 -6.50
CA PHE A 227 11.27 1.29 -7.26
C PHE A 227 11.21 1.78 -8.71
N SER A 228 10.24 1.23 -9.44
CA SER A 228 10.00 1.51 -10.87
C SER A 228 10.98 0.72 -11.75
N LEU A 229 11.50 -0.39 -11.24
CA LEU A 229 12.25 -1.31 -12.07
C LEU A 229 11.22 -2.11 -12.89
N ASP A 230 10.18 -2.59 -12.19
CA ASP A 230 8.98 -3.18 -12.83
C ASP A 230 7.92 -3.22 -11.74
N SER A 231 7.29 -2.08 -11.51
CA SER A 231 6.26 -1.98 -10.47
C SER A 231 5.06 -1.24 -11.02
N PRO A 232 4.34 -1.92 -11.92
CA PRO A 232 3.12 -1.33 -12.49
C PRO A 232 2.13 -0.92 -11.41
N GLY A 233 1.54 0.24 -11.61
CA GLY A 233 0.56 0.81 -10.71
C GLY A 233 1.14 1.69 -9.61
N GLU A 234 2.46 1.73 -9.51
CA GLU A 234 3.11 2.46 -8.43
C GLU A 234 3.54 3.89 -8.79
N CYS A 235 3.31 4.29 -10.03
CA CYS A 235 3.79 5.59 -10.52
C CYS A 235 2.64 6.61 -10.64
N GLY A 236 1.67 6.50 -9.74
CA GLY A 236 0.60 7.48 -9.66
C GLY A 236 -0.15 7.66 -10.95
N SER A 237 -0.39 8.91 -11.33
CA SER A 237 -1.23 9.24 -12.48
C SER A 237 -0.46 9.35 -13.80
N PHE A 238 0.85 9.16 -13.75
CA PHE A 238 1.64 9.15 -14.97
C PHE A 238 1.28 7.93 -15.82
N GLU A 239 1.06 8.17 -17.10
CA GLU A 239 0.73 7.10 -18.03
C GLU A 239 2.02 6.42 -18.49
N GLY A 240 2.21 5.17 -18.08
CA GLY A 240 3.43 4.45 -18.36
C GLY A 240 3.55 3.16 -17.57
N PRO A 241 4.57 2.35 -17.91
CA PRO A 241 4.73 1.01 -17.35
C PRO A 241 5.30 0.99 -15.92
N CYS A 242 5.81 2.13 -15.44
CA CYS A 242 6.44 2.18 -14.11
C CYS A 242 7.53 1.12 -14.06
N ALA A 243 8.40 1.17 -15.07
CA ALA A 243 9.34 0.09 -15.29
C ALA A 243 10.52 0.50 -16.14
N VAL A 244 11.59 -0.28 -16.00
CA VAL A 244 12.77 -0.23 -16.87
C VAL A 244 12.72 -1.39 -17.83
N ASP A 245 13.10 -1.15 -19.08
CA ASP A 245 13.14 -2.23 -20.05
C ASP A 245 13.82 -3.48 -19.51
N GLU A 246 13.18 -4.62 -19.69
CA GLU A 246 13.67 -5.87 -19.11
C GLU A 246 15.08 -6.24 -19.55
N GLN A 247 15.37 -6.02 -20.84
N GLN A 247 15.41 -6.04 -20.83
CA GLN A 247 16.69 -6.29 -21.39
CA GLN A 247 16.74 -6.38 -21.28
C GLN A 247 17.77 -5.47 -20.68
C GLN A 247 17.81 -5.46 -20.67
N LYS A 248 17.46 -4.21 -20.39
CA LYS A 248 18.41 -3.32 -19.73
C LYS A 248 18.60 -3.75 -18.28
N ARG A 249 17.55 -4.21 -17.62
CA ARG A 249 17.74 -4.71 -16.25
C ARG A 249 18.66 -5.92 -16.24
N LEU A 250 18.45 -6.83 -17.18
CA LEU A 250 19.26 -8.01 -17.27
C LEU A 250 20.71 -7.68 -17.63
N GLU A 251 20.92 -6.69 -18.49
CA GLU A 251 22.27 -6.27 -18.88
C GLU A 251 23.01 -5.67 -17.66
N PHE A 252 22.28 -4.95 -16.83
CA PHE A 252 22.87 -4.44 -15.59
C PHE A 252 23.30 -5.57 -14.65
N LEU A 253 22.40 -6.51 -14.40
CA LEU A 253 22.71 -7.62 -13.52
C LEU A 253 23.93 -8.37 -14.02
N ALA A 254 23.95 -8.73 -15.32
CA ALA A 254 25.08 -9.46 -15.83
C ALA A 254 26.37 -8.64 -15.73
N TYR A 255 26.29 -7.33 -16.04
CA TYR A 255 27.48 -6.49 -16.04
C TYR A 255 28.08 -6.40 -14.64
N TYR A 256 27.22 -6.11 -13.68
CA TYR A 256 27.68 -5.96 -12.29
C TYR A 256 28.21 -7.26 -11.73
N PHE A 257 27.50 -8.36 -11.95
CA PHE A 257 27.94 -9.65 -11.43
C PHE A 257 29.26 -10.06 -12.12
N ASN A 258 29.42 -9.76 -13.41
CA ASN A 258 30.70 -10.05 -14.05
C ASN A 258 31.83 -9.20 -13.51
N ARG A 259 31.57 -7.92 -13.24
CA ARG A 259 32.63 -7.08 -12.67
C ARG A 259 33.00 -7.59 -11.28
N GLY A 260 32.02 -8.04 -10.49
CA GLY A 260 32.31 -8.59 -9.18
C GLY A 260 33.33 -9.71 -9.25
N GLU A 261 33.11 -10.65 -10.17
CA GLU A 261 34.05 -11.73 -10.42
C GLU A 261 35.41 -11.19 -10.77
N GLU A 262 35.44 -10.21 -11.67
CA GLU A 262 36.68 -9.65 -12.16
C GLU A 262 37.47 -9.01 -11.02
N TRP A 263 36.75 -8.32 -10.13
CA TRP A 263 37.34 -7.62 -8.98
C TRP A 263 37.76 -8.56 -7.84
N GLY A 264 37.27 -9.80 -7.87
CA GLY A 264 37.50 -10.74 -6.80
C GLY A 264 36.68 -10.43 -5.55
N LYS A 265 35.49 -9.89 -5.77
CA LYS A 265 34.60 -9.47 -4.69
C LYS A 265 33.23 -10.11 -4.81
N GLU A 266 32.60 -10.37 -3.67
CA GLU A 266 31.21 -10.82 -3.65
C GLU A 266 30.33 -9.60 -3.55
N VAL A 267 29.62 -9.25 -4.63
CA VAL A 267 28.83 -8.03 -4.65
C VAL A 267 27.35 -8.33 -4.44
N VAL A 268 26.59 -7.29 -4.10
CA VAL A 268 25.18 -7.39 -3.75
C VAL A 268 24.38 -6.32 -4.49
N THR A 269 23.20 -6.66 -5.02
CA THR A 269 22.29 -5.62 -5.43
C THR A 269 20.92 -5.84 -4.77
N THR A 270 20.30 -4.75 -4.38
CA THR A 270 19.01 -4.78 -3.69
C THR A 270 17.96 -4.06 -4.54
N TYR A 271 16.70 -4.40 -4.31
CA TYR A 271 15.57 -3.78 -4.99
C TYR A 271 14.38 -3.84 -4.03
N LYS A 272 13.42 -2.98 -4.23
CA LYS A 272 12.28 -2.88 -3.29
C LYS A 272 11.45 -4.18 -3.35
N HIS A 273 11.00 -4.63 -2.18
N HIS A 273 10.99 -4.65 -2.20
CA HIS A 273 10.37 -5.93 -2.02
CA HIS A 273 10.46 -6.01 -2.17
C HIS A 273 9.18 -6.14 -2.94
C HIS A 273 9.14 -6.18 -2.92
N HIS A 274 8.37 -5.11 -3.08
CA HIS A 274 7.12 -5.17 -3.84
C HIS A 274 7.35 -5.08 -5.36
N ASP A 275 8.52 -4.56 -5.74
CA ASP A 275 8.92 -4.39 -7.14
C ASP A 275 9.23 -5.74 -7.76
N HIS A 276 8.85 -5.91 -9.03
CA HIS A 276 9.10 -7.16 -9.76
C HIS A 276 10.33 -7.10 -10.68
N GLY A 277 11.09 -6.02 -10.57
CA GLY A 277 12.15 -5.76 -11.53
C GLY A 277 13.33 -6.71 -11.53
N PHE A 278 13.72 -7.20 -10.35
CA PHE A 278 14.74 -8.21 -10.19
C PHE A 278 14.10 -9.42 -9.53
N ARG A 279 14.90 -10.46 -9.32
N ARG A 279 14.88 -10.48 -9.37
CA ARG A 279 14.43 -11.69 -8.68
CA ARG A 279 14.44 -11.70 -8.71
C ARG A 279 15.23 -12.03 -7.43
C ARG A 279 15.16 -11.87 -7.37
N ASN A 280 14.53 -12.60 -6.45
CA ASN A 280 15.12 -12.88 -5.15
C ASN A 280 16.05 -14.08 -5.18
N THR A 281 16.27 -14.62 -6.38
CA THR A 281 17.33 -15.58 -6.60
C THR A 281 18.73 -14.96 -6.57
N SER A 282 18.86 -13.70 -7.05
CA SER A 282 20.18 -13.11 -7.23
C SER A 282 20.29 -11.71 -6.63
N ALA A 283 19.15 -11.12 -6.29
CA ALA A 283 19.11 -9.80 -5.66
C ALA A 283 18.43 -9.91 -4.31
N VAL A 284 18.74 -8.98 -3.43
CA VAL A 284 18.21 -8.94 -2.08
C VAL A 284 16.99 -8.04 -1.97
N ASP A 285 15.89 -8.58 -1.49
CA ASP A 285 14.66 -7.81 -1.24
C ASP A 285 14.86 -6.75 -0.17
N ASP A 286 14.39 -5.55 -0.45
CA ASP A 286 14.52 -4.41 0.45
C ASP A 286 13.12 -4.02 0.91
N TRP A 287 12.80 -4.34 2.16
CA TRP A 287 11.46 -4.11 2.68
C TRP A 287 11.17 -2.68 3.03
N GLU A 288 9.89 -2.34 2.97
CA GLU A 288 9.37 -1.02 3.34
C GLU A 288 9.68 -0.73 4.80
N ARG A 289 9.65 0.54 5.16
CA ARG A 289 10.15 0.97 6.46
C ARG A 289 9.43 0.27 7.59
N GLY A 290 10.20 -0.20 8.57
CA GLY A 290 9.67 -1.04 9.63
C GLY A 290 10.02 -2.49 9.41
N GLY A 291 10.22 -2.89 8.15
CA GLY A 291 10.47 -4.29 7.82
C GLY A 291 9.26 -5.23 7.95
N PRO A 292 9.48 -6.55 7.79
CA PRO A 292 8.42 -7.54 7.92
C PRO A 292 7.96 -7.73 9.36
N SER A 293 6.72 -8.16 9.55
N SER A 293 6.71 -8.16 9.53
CA SER A 293 6.22 -8.48 10.89
CA SER A 293 6.19 -8.49 10.86
C SER A 293 6.79 -9.79 11.39
C SER A 293 6.76 -9.80 11.38
N ASN A 294 7.24 -10.63 10.47
CA ASN A 294 7.71 -11.96 10.83
C ASN A 294 9.12 -12.22 10.38
N LEU A 295 9.65 -13.36 10.80
CA LEU A 295 10.94 -13.84 10.31
C LEU A 295 10.82 -14.31 8.87
N VAL A 296 11.53 -13.62 7.98
CA VAL A 296 11.48 -13.87 6.55
C VAL A 296 12.76 -14.53 6.02
N ARG A 297 12.61 -15.49 5.14
CA ARG A 297 13.74 -16.11 4.44
C ARG A 297 13.43 -16.13 2.95
N PRO A 298 14.43 -15.91 2.08
CA PRO A 298 15.86 -15.78 2.40
C PRO A 298 16.24 -14.40 2.92
N TYR A 299 17.53 -14.29 3.23
CA TYR A 299 18.09 -13.07 3.79
C TYR A 299 17.63 -11.81 3.03
N TRP A 300 17.26 -10.78 3.79
CA TRP A 300 16.65 -9.57 3.24
C TRP A 300 17.23 -8.33 3.94
N GLN A 301 16.84 -7.14 3.49
CA GLN A 301 17.20 -5.95 4.27
C GLN A 301 16.07 -4.95 4.23
N THR A 302 16.24 -3.89 5.00
CA THR A 302 15.27 -2.81 5.00
C THR A 302 16.01 -1.50 5.27
N ASP A 303 15.42 -0.40 4.84
N ASP A 303 15.47 -0.38 4.78
CA ASP A 303 15.94 0.93 5.12
CA ASP A 303 16.07 0.91 5.12
C ASP A 303 15.13 1.60 6.18
C ASP A 303 15.14 1.76 5.97
N ASP A 304 15.76 2.51 6.87
CA ASP A 304 15.11 3.29 7.90
C ASP A 304 15.79 4.65 7.90
N ALA A 305 15.32 5.56 8.75
CA ALA A 305 15.83 6.93 8.76
C ALA A 305 15.77 7.49 10.17
N ILE A 306 16.74 8.34 10.55
CA ILE A 306 16.71 8.98 11.86
C ILE A 306 15.55 9.99 11.87
N SER A 307 14.97 10.30 10.69
N SER A 307 15.34 10.61 10.72
CA SER A 307 13.69 11.07 10.59
CA SER A 307 14.39 11.68 10.63
C SER A 307 12.49 10.42 9.83
C SER A 307 13.01 11.16 10.90
N ALA A 308 11.26 10.75 10.24
N ALA A 308 12.23 11.95 11.63
CA ALA A 308 10.05 10.23 9.58
CA ALA A 308 10.85 11.65 11.89
C ALA A 308 9.37 11.14 8.57
C ALA A 308 9.99 12.31 10.82
N SER A 309 9.65 12.44 8.65
N SER A 309 10.66 12.84 9.81
CA SER A 309 9.01 13.45 7.82
CA SER A 309 9.99 13.46 8.67
C SER A 309 9.68 13.55 6.47
C SER A 309 10.50 12.82 7.35
N SER A 310 11.00 13.67 6.47
CA SER A 310 11.71 13.37 5.22
C SER A 310 13.04 12.57 5.31
N TRP A 311 13.47 12.00 4.19
CA TRP A 311 14.78 11.35 4.11
C TRP A 311 15.91 12.38 3.88
N SER A 312 15.56 13.56 3.37
CA SER A 312 16.49 14.65 3.13
C SER A 312 16.22 15.81 4.09
N TYR A 313 17.26 16.53 4.47
CA TYR A 313 17.12 17.58 5.47
C TYR A 313 16.11 18.64 5.05
N THR A 314 15.24 19.01 5.97
CA THR A 314 14.33 20.15 5.81
C THR A 314 14.34 21.00 7.05
N VAL A 315 14.10 22.30 6.88
CA VAL A 315 14.03 23.18 8.03
C VAL A 315 12.87 22.74 8.92
N GLY A 316 13.17 22.55 10.21
CA GLY A 316 12.16 22.12 11.17
C GLY A 316 12.07 20.60 11.35
N ILE A 317 12.95 19.87 10.68
CA ILE A 317 12.96 18.40 10.72
C ILE A 317 13.03 17.89 12.16
N LYS A 318 12.30 16.82 12.44
CA LYS A 318 12.35 16.17 13.74
C LYS A 318 12.97 14.79 13.59
N TYR A 319 13.47 14.25 14.69
CA TYR A 319 14.21 13.00 14.67
C TYR A 319 13.68 11.99 15.66
N TYR A 320 13.93 10.73 15.36
CA TYR A 320 13.60 9.67 16.30
C TYR A 320 14.74 9.48 17.26
N SER A 321 14.48 8.65 18.28
CA SER A 321 15.41 8.46 19.37
C SER A 321 16.44 7.38 19.06
N SER A 322 17.55 7.46 19.78
N SER A 322 17.55 7.42 19.79
CA SER A 322 18.61 6.45 19.74
CA SER A 322 18.58 6.40 19.62
C SER A 322 18.03 5.09 20.10
C SER A 322 18.09 5.05 20.15
N LYS A 323 17.18 5.07 21.11
CA LYS A 323 16.59 3.83 21.60
C LYS A 323 15.81 3.17 20.47
N ALA A 324 15.00 3.96 19.76
CA ALA A 324 14.19 3.42 18.68
C ALA A 324 15.06 2.85 17.54
N MET A 325 16.17 3.52 17.24
CA MET A 325 17.04 3.02 16.18
C MET A 325 17.70 1.71 16.57
N VAL A 326 18.16 1.63 17.82
CA VAL A 326 18.80 0.40 18.31
C VAL A 326 17.79 -0.75 18.42
N HIS A 327 16.62 -0.48 18.99
CA HIS A 327 15.61 -1.53 19.07
C HIS A 327 15.16 -1.95 17.69
N SER A 328 15.09 -1.02 16.75
CA SER A 328 14.71 -1.39 15.38
C SER A 328 15.77 -2.29 14.76
N LEU A 329 17.04 -1.94 14.94
CA LEU A 329 18.11 -2.77 14.40
C LEU A 329 18.03 -4.20 14.93
N LEU A 330 17.86 -4.33 16.25
CA LEU A 330 17.77 -5.64 16.87
C LEU A 330 16.60 -6.43 16.30
N ASP A 331 15.48 -5.75 16.09
CA ASP A 331 14.30 -6.40 15.55
C ASP A 331 14.58 -6.92 14.13
N ARG A 332 15.16 -6.08 13.26
N ARG A 332 15.15 -6.07 13.27
CA ARG A 332 15.42 -6.50 11.90
CA ARG A 332 15.44 -6.48 11.89
C ARG A 332 16.40 -7.67 11.85
C ARG A 332 16.38 -7.68 11.86
N VAL A 333 17.46 -7.57 12.63
CA VAL A 333 18.49 -8.60 12.63
C VAL A 333 17.92 -9.93 13.15
N SER A 334 17.04 -9.88 14.14
CA SER A 334 16.42 -11.09 14.68
C SER A 334 15.50 -11.77 13.66
N LYS A 335 15.01 -10.98 12.70
CA LYS A 335 14.09 -11.48 11.67
C LYS A 335 14.79 -11.88 10.37
N ASN A 336 16.13 -11.96 10.41
CA ASN A 336 16.97 -12.46 9.32
C ASN A 336 17.23 -11.40 8.26
N GLY A 337 17.37 -10.14 8.69
CA GLY A 337 17.70 -9.05 7.78
C GLY A 337 18.84 -8.14 8.27
N ASN A 338 19.30 -7.26 7.38
CA ASN A 338 20.10 -6.09 7.72
C ASN A 338 19.25 -4.84 7.75
N MET A 339 19.74 -3.81 8.45
CA MET A 339 19.12 -2.48 8.46
C MET A 339 20.09 -1.47 7.92
N LEU A 340 19.65 -0.74 6.90
CA LEU A 340 20.40 0.37 6.31
C LEU A 340 19.76 1.67 6.77
N LEU A 341 20.48 2.43 7.58
CA LEU A 341 19.97 3.66 8.16
C LEU A 341 20.35 4.90 7.39
N ASN A 342 19.36 5.71 7.03
CA ASN A 342 19.58 6.95 6.32
C ASN A 342 19.78 8.13 7.25
N ILE A 343 20.79 8.96 6.95
CA ILE A 343 21.01 10.21 7.64
C ILE A 343 20.87 11.34 6.64
N SER A 344 20.78 12.58 7.14
CA SER A 344 20.26 13.70 6.38
C SER A 344 21.07 14.99 6.59
N PRO A 345 22.19 15.11 5.86
CA PRO A 345 23.00 16.33 5.97
C PRO A 345 22.24 17.54 5.41
N MET A 346 22.53 18.73 5.93
CA MET A 346 21.95 19.95 5.38
C MET A 346 22.50 20.22 3.99
N ALA A 347 21.90 21.15 3.26
CA ALA A 347 22.35 21.43 1.90
C ALA A 347 23.82 21.87 1.83
N ASN A 348 24.30 22.52 2.88
CA ASN A 348 25.68 22.99 2.90
C ASN A 348 26.68 21.90 3.26
N GLY A 349 26.17 20.70 3.54
CA GLY A 349 27.00 19.56 3.88
C GLY A 349 27.26 19.29 5.34
N VAL A 350 26.67 20.08 6.22
CA VAL A 350 26.78 19.88 7.66
C VAL A 350 25.82 18.79 8.15
N LEU A 351 26.32 17.87 8.98
CA LEU A 351 25.46 16.89 9.64
C LEU A 351 24.99 17.43 10.99
N PRO A 352 23.67 17.64 11.15
CA PRO A 352 23.17 18.20 12.41
C PRO A 352 23.53 17.41 13.66
N GLU A 353 23.77 18.13 14.74
CA GLU A 353 24.25 17.53 15.97
C GLU A 353 23.29 16.47 16.55
N GLU A 354 21.98 16.64 16.39
CA GLU A 354 21.04 15.64 16.87
C GLU A 354 21.28 14.28 16.19
N GLN A 355 21.62 14.33 14.91
CA GLN A 355 21.87 13.11 14.16
C GLN A 355 23.18 12.47 14.58
N ILE A 356 24.18 13.30 14.81
CA ILE A 356 25.47 12.83 15.29
C ILE A 356 25.27 12.09 16.62
N LYS A 357 24.43 12.64 17.50
CA LYS A 357 24.19 12.00 18.81
C LYS A 357 23.60 10.60 18.65
N VAL A 358 22.59 10.48 17.78
CA VAL A 358 21.98 9.19 17.52
C VAL A 358 23.03 8.20 17.01
N LEU A 359 23.85 8.63 16.05
CA LEU A 359 24.85 7.74 15.49
C LEU A 359 25.86 7.35 16.56
N ASN A 360 26.26 8.31 17.40
CA ASN A 360 27.17 8.01 18.51
C ASN A 360 26.57 6.96 19.45
N ASP A 361 25.28 7.10 19.73
CA ASP A 361 24.60 6.19 20.67
C ASP A 361 24.45 4.79 20.09
N ILE A 362 24.19 4.69 18.79
CA ILE A 362 24.15 3.38 18.16
C ILE A 362 25.53 2.72 18.24
N GLY A 363 26.57 3.52 18.01
CA GLY A 363 27.93 2.99 18.04
C GLY A 363 28.34 2.54 19.43
N ASP A 364 27.87 3.25 20.46
N ASP A 364 27.83 3.23 20.44
CA ASP A 364 28.13 2.84 21.83
CA ASP A 364 28.10 2.88 21.84
C ASP A 364 27.53 1.48 22.09
C ASP A 364 27.45 1.57 22.23
N PHE A 365 26.30 1.27 21.63
CA PHE A 365 25.64 0.00 21.81
C PHE A 365 26.40 -1.10 21.10
N LEU A 366 26.76 -0.87 19.84
CA LEU A 366 27.36 -1.92 19.04
C LEU A 366 28.82 -2.26 19.46
N SER A 367 29.56 -1.27 19.97
N SER A 367 29.54 -1.26 19.96
N SER A 367 29.55 -1.26 19.96
CA SER A 367 30.92 -1.55 20.41
CA SER A 367 30.90 -1.46 20.45
CA SER A 367 30.90 -1.49 20.44
C SER A 367 30.91 -2.37 21.69
C SER A 367 30.88 -2.39 21.66
C SER A 367 30.89 -2.38 21.67
N ARG A 368 29.88 -2.20 22.50
CA ARG A 368 29.73 -2.96 23.73
C ARG A 368 29.12 -4.34 23.52
N TYR A 369 28.11 -4.41 22.64
CA TYR A 369 27.27 -5.60 22.53
C TYR A 369 27.30 -6.23 21.15
N GLY A 370 28.28 -5.84 20.35
CA GLY A 370 28.43 -6.35 19.00
C GLY A 370 28.43 -7.86 18.86
N GLU A 371 28.84 -8.57 19.91
CA GLU A 371 28.84 -10.03 19.89
C GLU A 371 27.45 -10.61 19.56
N ALA A 372 26.41 -9.94 20.03
CA ALA A 372 25.04 -10.41 19.84
C ALA A 372 24.45 -9.99 18.50
N VAL A 373 25.20 -9.20 17.74
CA VAL A 373 24.71 -8.62 16.50
C VAL A 373 25.57 -9.04 15.29
N TYR A 374 26.77 -8.49 15.17
CA TYR A 374 27.66 -8.85 14.08
C TYR A 374 27.92 -10.34 14.04
N ASP A 375 27.99 -10.88 12.82
CA ASP A 375 28.40 -12.26 12.62
C ASP A 375 27.42 -13.29 13.19
N THR A 376 26.25 -12.86 13.63
CA THR A 376 25.24 -13.79 14.11
C THR A 376 24.24 -14.11 13.00
N ARG A 377 23.36 -15.05 13.31
CA ARG A 377 22.27 -15.41 12.41
C ARG A 377 20.99 -15.50 13.21
N ALA A 378 19.87 -15.36 12.53
CA ALA A 378 18.57 -15.48 13.17
C ALA A 378 18.39 -16.87 13.76
N TRP A 379 17.63 -16.94 14.83
CA TRP A 379 17.17 -18.20 15.38
C TRP A 379 15.97 -18.65 14.53
N ASP A 380 15.15 -19.58 14.99
CA ASP A 380 13.94 -19.88 14.22
C ASP A 380 12.72 -19.11 14.71
N ILE A 381 12.87 -18.42 15.83
CA ILE A 381 11.86 -17.56 16.42
C ILE A 381 12.55 -16.23 16.69
N TYR A 382 11.98 -15.10 16.24
CA TYR A 382 12.78 -13.86 16.29
C TYR A 382 12.77 -13.19 17.65
N GLY A 383 11.71 -13.42 18.43
CA GLY A 383 11.55 -12.68 19.67
C GLY A 383 10.24 -12.96 20.38
N GLU A 384 10.09 -12.29 21.52
CA GLU A 384 8.90 -12.40 22.35
C GLU A 384 8.52 -11.06 22.93
N GLY A 385 7.24 -10.86 23.21
CA GLY A 385 6.82 -9.69 23.94
C GLY A 385 5.71 -8.91 23.27
N PRO A 386 5.22 -7.87 23.96
CA PRO A 386 4.04 -7.14 23.50
C PRO A 386 4.38 -6.12 22.41
N ASN A 387 5.59 -5.58 22.40
CA ASN A 387 5.90 -4.49 21.49
C ASN A 387 6.42 -5.06 20.16
N GLN A 388 5.65 -4.86 19.10
N GLN A 388 5.63 -4.88 19.11
CA GLN A 388 5.94 -5.48 17.81
CA GLN A 388 5.90 -5.49 17.81
C GLN A 388 5.80 -4.47 16.67
C GLN A 388 5.57 -4.54 16.66
N VAL A 389 6.33 -4.85 15.51
N VAL A 389 6.35 -4.61 15.60
CA VAL A 389 6.13 -4.11 14.27
CA VAL A 389 6.05 -3.84 14.40
C VAL A 389 4.85 -4.61 13.62
C VAL A 389 4.90 -4.52 13.66
N GLU A 390 4.01 -3.71 13.10
CA GLU A 390 2.83 -4.20 12.38
C GLU A 390 3.11 -4.53 10.91
N GLY A 391 4.11 -3.91 10.33
CA GLY A 391 4.34 -4.07 8.90
C GLY A 391 3.39 -3.18 8.14
N GLY A 392 3.43 -3.24 6.82
CA GLY A 392 2.61 -2.38 6.00
C GLY A 392 3.05 -0.93 6.12
N SER A 393 2.12 -0.06 6.49
CA SER A 393 2.43 1.37 6.61
C SER A 393 3.11 1.70 7.93
N PHE A 394 4.21 2.43 7.82
CA PHE A 394 5.01 2.86 8.97
C PHE A 394 4.34 4.04 9.69
N THR A 395 4.48 4.09 11.01
CA THR A 395 3.95 5.18 11.81
C THR A 395 5.03 5.77 12.72
N ALA A 396 5.79 4.88 13.35
CA ALA A 396 6.89 5.27 14.23
C ALA A 396 7.73 4.03 14.44
N PRO A 397 9.03 4.19 14.69
CA PRO A 397 9.89 3.01 14.83
C PRO A 397 9.62 2.24 16.13
N LEU A 398 9.93 0.95 16.13
CA LEU A 398 9.84 0.10 17.33
C LEU A 398 10.60 0.66 18.52
N GLN A 399 9.91 0.72 19.64
CA GLN A 399 10.51 1.04 20.92
C GLN A 399 9.97 0.02 21.91
N GLY A 400 10.84 -0.85 22.40
CA GLY A 400 10.44 -1.84 23.38
C GLY A 400 10.86 -1.49 24.79
N ASN A 401 10.67 -2.45 25.68
CA ASN A 401 11.08 -2.29 27.07
C ASN A 401 11.43 -3.66 27.63
N SER A 402 11.48 -3.75 28.96
CA SER A 402 11.94 -4.97 29.62
C SER A 402 11.05 -6.19 29.37
N SER A 403 9.86 -5.95 28.85
CA SER A 403 8.94 -7.02 28.46
C SER A 403 9.28 -7.69 27.12
N ASP A 404 10.22 -7.13 26.38
CA ASP A 404 10.51 -7.58 25.02
C ASP A 404 11.89 -8.19 24.93
N ILE A 405 11.98 -9.32 24.23
N ILE A 405 11.94 -9.31 24.19
CA ILE A 405 13.28 -9.87 23.86
CA ILE A 405 13.15 -10.06 23.85
C ILE A 405 13.37 -10.25 22.39
C ILE A 405 13.33 -10.15 22.34
N ARG A 406 14.58 -10.11 21.87
CA ARG A 406 14.92 -10.48 20.50
C ARG A 406 16.06 -11.50 20.54
N PHE A 407 15.98 -12.50 19.69
CA PHE A 407 16.96 -13.59 19.68
C PHE A 407 17.93 -13.47 18.52
N THR A 408 19.19 -13.86 18.75
CA THR A 408 20.17 -14.09 17.67
C THR A 408 20.99 -15.30 18.13
N ARG A 409 21.71 -15.94 17.23
CA ARG A 409 22.53 -17.08 17.64
C ARG A 409 23.84 -17.11 16.86
N ASN A 410 24.81 -17.84 17.38
CA ASN A 410 26.09 -17.91 16.68
C ASN A 410 26.10 -18.90 15.51
N LYS A 411 27.14 -18.82 14.70
CA LYS A 411 27.24 -19.69 13.53
C LYS A 411 27.40 -21.16 13.89
N GLU A 412 28.00 -21.44 15.04
CA GLU A 412 28.12 -22.81 15.52
C GLU A 412 26.79 -23.38 16.03
N ASP A 413 25.83 -22.50 16.26
CA ASP A 413 24.46 -22.90 16.65
C ASP A 413 24.43 -23.53 18.02
N ASP A 414 25.32 -23.12 18.90
CA ASP A 414 25.30 -23.60 20.28
C ASP A 414 25.26 -22.45 21.30
N VAL A 415 25.12 -21.21 20.82
CA VAL A 415 24.97 -20.07 21.70
C VAL A 415 23.76 -19.25 21.25
N LEU A 416 22.83 -19.04 22.17
CA LEU A 416 21.67 -18.18 21.95
C LEU A 416 21.84 -16.88 22.72
N TYR A 417 21.73 -15.76 22.00
CA TYR A 417 21.75 -14.43 22.60
C TYR A 417 20.32 -14.00 22.81
N VAL A 418 20.03 -13.60 24.02
CA VAL A 418 18.70 -13.16 24.40
C VAL A 418 18.85 -11.72 24.77
N THR A 419 18.38 -10.83 23.89
CA THR A 419 18.58 -9.40 24.13
C THR A 419 17.26 -8.81 24.62
N VAL A 420 17.28 -8.21 25.80
N VAL A 420 17.29 -8.24 25.82
CA VAL A 420 16.09 -7.64 26.42
CA VAL A 420 16.12 -7.63 26.45
C VAL A 420 16.14 -6.12 26.26
C VAL A 420 16.15 -6.13 26.22
N LEU A 421 15.00 -5.54 25.88
CA LEU A 421 14.97 -4.15 25.41
C LEU A 421 14.75 -3.14 26.52
N GLY A 422 15.05 -3.54 27.75
CA GLY A 422 14.99 -2.67 28.91
C GLY A 422 15.45 -3.45 30.11
N TRP A 423 15.84 -2.75 31.19
CA TRP A 423 16.23 -3.43 32.42
C TRP A 423 15.01 -3.81 33.25
N PRO A 424 14.81 -5.11 33.52
CA PRO A 424 13.66 -5.57 34.30
C PRO A 424 13.71 -5.10 35.76
N GLU A 425 12.70 -4.37 36.22
CA GLU A 425 12.75 -3.89 37.59
C GLU A 425 12.60 -5.05 38.57
N ASP A 426 11.93 -6.13 38.13
CA ASP A 426 11.79 -7.32 38.97
C ASP A 426 13.01 -8.26 38.86
N ASN A 427 14.06 -7.78 38.21
CA ASN A 427 15.28 -8.56 37.96
C ASN A 427 15.01 -9.94 37.40
N LEU A 428 13.97 -10.04 36.57
CA LEU A 428 13.57 -11.30 35.96
C LEU A 428 13.42 -11.16 34.44
N VAL A 429 14.04 -12.09 33.72
CA VAL A 429 13.79 -12.30 32.30
C VAL A 429 13.20 -13.68 32.10
N SER A 430 11.99 -13.73 31.56
CA SER A 430 11.29 -14.98 31.31
C SER A 430 11.26 -15.26 29.82
N VAL A 431 11.93 -16.34 29.42
CA VAL A 431 12.00 -16.71 28.01
C VAL A 431 10.99 -17.83 27.72
N LYS A 432 9.85 -17.45 27.18
CA LYS A 432 8.77 -18.41 26.95
C LYS A 432 9.14 -19.59 26.06
N ASN A 433 9.95 -19.34 25.04
CA ASN A 433 10.26 -20.38 24.09
C ASN A 433 11.32 -21.35 24.59
N LEU A 434 11.76 -21.18 25.84
CA LEU A 434 12.66 -22.14 26.49
C LEU A 434 12.02 -22.76 27.75
N GLY A 435 10.72 -22.52 27.93
CA GLY A 435 9.97 -23.13 29.04
C GLY A 435 9.57 -24.56 28.72
N SER A 436 8.87 -25.25 29.62
N SER A 436 8.87 -25.21 29.64
CA SER A 436 8.57 -26.66 29.36
CA SER A 436 8.50 -26.61 29.46
C SER A 436 7.32 -26.83 28.48
C SER A 436 7.36 -26.80 28.46
N ASN A 437 6.47 -25.81 28.37
CA ASN A 437 5.38 -25.84 27.39
C ASN A 437 5.98 -25.91 25.98
N ALA A 438 7.14 -25.29 25.83
CA ALA A 438 7.88 -25.29 24.58
C ALA A 438 8.59 -26.62 24.31
N LEU A 439 8.42 -27.60 25.21
CA LEU A 439 8.98 -28.93 25.03
C LEU A 439 10.49 -28.89 24.88
N VAL A 440 11.11 -27.99 25.64
CA VAL A 440 12.55 -27.80 25.61
C VAL A 440 13.22 -28.47 26.80
N ASP A 441 14.22 -29.31 26.53
CA ASP A 441 15.03 -29.94 27.56
C ASP A 441 16.27 -29.07 27.77
N LEU A 442 16.47 -28.57 28.98
CA LEU A 442 17.59 -27.69 29.30
C LEU A 442 18.78 -28.41 29.96
N GLU A 443 18.81 -29.74 29.87
CA GLU A 443 19.94 -30.52 30.39
C GLU A 443 21.25 -29.99 29.82
N SER A 444 21.21 -29.53 28.57
CA SER A 444 22.42 -29.11 27.87
C SER A 444 22.78 -27.63 28.08
N LEU A 445 21.99 -26.90 28.86
CA LEU A 445 22.32 -25.51 29.13
C LEU A 445 23.47 -25.40 30.11
N LYS A 446 24.65 -25.12 29.58
CA LYS A 446 25.90 -25.09 30.38
C LYS A 446 26.15 -23.82 31.17
N SER A 447 25.79 -22.68 30.60
CA SER A 447 26.03 -21.42 31.26
C SER A 447 25.08 -20.37 30.75
N VAL A 448 24.82 -19.40 31.62
CA VAL A 448 24.03 -18.21 31.33
C VAL A 448 24.87 -17.04 31.85
N GLU A 449 25.14 -16.07 30.98
CA GLU A 449 25.96 -14.93 31.32
C GLU A 449 25.31 -13.66 30.82
N LEU A 450 25.49 -12.60 31.60
CA LEU A 450 25.11 -11.25 31.19
C LEU A 450 26.32 -10.53 30.62
N LEU A 451 26.19 -9.99 29.41
CA LEU A 451 27.28 -9.22 28.85
C LEU A 451 27.49 -7.94 29.66
N GLY A 452 28.76 -7.64 29.96
CA GLY A 452 29.11 -6.58 30.89
C GLY A 452 29.40 -5.22 30.24
N ASP A 453 30.21 -4.42 30.94
CA ASP A 453 30.41 -3.01 30.63
C ASP A 453 31.22 -2.80 29.36
N LYS A 454 32.14 -3.70 29.07
CA LYS A 454 32.89 -3.66 27.84
C LYS A 454 32.90 -5.04 27.20
N ALA A 455 33.03 -5.06 25.88
CA ALA A 455 33.05 -6.28 25.13
C ALA A 455 34.10 -7.24 25.66
N GLY A 456 33.67 -8.48 25.91
CA GLY A 456 34.53 -9.49 26.48
C GLY A 456 34.35 -9.70 27.96
N ASP A 457 33.60 -8.80 28.60
CA ASP A 457 33.17 -8.96 29.98
C ASP A 457 31.87 -9.75 30.08
N TYR A 458 31.83 -10.68 31.04
CA TYR A 458 30.64 -11.47 31.31
C TYR A 458 30.42 -11.60 32.78
N VAL A 459 29.19 -11.37 33.20
CA VAL A 459 28.81 -11.55 34.60
C VAL A 459 27.95 -12.80 34.68
N LYS A 460 28.37 -13.80 35.45
CA LYS A 460 27.63 -15.04 35.51
C LYS A 460 26.26 -14.87 36.12
N VAL A 461 25.30 -15.55 35.51
CA VAL A 461 23.92 -15.65 35.98
C VAL A 461 23.82 -16.99 36.71
N SER A 462 23.55 -16.94 38.01
CA SER A 462 23.60 -18.15 38.83
C SER A 462 22.25 -18.85 39.00
N GLU A 463 21.17 -18.07 39.04
CA GLU A 463 19.85 -18.58 39.39
C GLU A 463 18.91 -18.55 38.18
N TRP A 464 18.40 -19.72 37.79
CA TRP A 464 17.30 -19.82 36.83
C TRP A 464 16.50 -21.09 37.09
N GLU A 465 15.21 -21.03 36.76
CA GLU A 465 14.32 -22.19 36.85
C GLU A 465 13.49 -22.25 35.60
N GLN A 466 13.17 -23.46 35.16
CA GLN A 466 12.29 -23.68 34.02
C GLN A 466 10.88 -23.97 34.48
N SER A 467 9.96 -23.04 34.26
CA SER A 467 8.54 -23.30 34.50
C SER A 467 7.85 -23.76 33.23
N LYS A 468 6.57 -24.11 33.36
CA LYS A 468 5.74 -24.37 32.19
C LYS A 468 5.82 -23.22 31.20
N ASP A 469 5.65 -22.00 31.70
N ASP A 469 5.66 -22.01 31.72
CA ASP A 469 5.52 -20.85 30.84
CA ASP A 469 5.54 -20.82 30.89
C ASP A 469 6.84 -20.38 30.24
C ASP A 469 6.85 -20.43 30.23
N ALA A 470 7.95 -20.60 30.96
CA ALA A 470 9.21 -20.00 30.53
C ALA A 470 10.45 -20.46 31.28
N LEU A 471 11.59 -20.24 30.66
CA LEU A 471 12.85 -20.23 31.38
C LEU A 471 12.92 -18.90 32.14
N ASP A 472 12.84 -18.99 33.47
CA ASP A 472 12.79 -17.84 34.33
C ASP A 472 14.18 -17.54 34.88
N ILE A 473 14.79 -16.49 34.35
CA ILE A 473 16.18 -16.14 34.67
C ILE A 473 16.27 -14.97 35.65
N THR A 474 16.93 -15.18 36.77
CA THR A 474 17.14 -14.11 37.74
C THR A 474 18.43 -13.37 37.45
N LEU A 475 18.31 -12.07 37.21
CA LEU A 475 19.47 -11.28 36.79
C LEU A 475 20.37 -10.89 37.95
N PRO A 476 21.69 -10.79 37.68
CA PRO A 476 22.66 -10.23 38.63
C PRO A 476 22.56 -8.71 38.68
N SER A 477 23.46 -8.09 39.44
CA SER A 477 23.50 -6.64 39.55
C SER A 477 23.58 -6.00 38.16
N GLN A 478 22.79 -4.95 37.98
CA GLN A 478 22.69 -4.27 36.69
C GLN A 478 24.05 -3.71 36.31
N PRO A 479 24.51 -3.98 35.07
CA PRO A 479 25.75 -3.39 34.62
C PRO A 479 25.59 -1.93 34.27
N ALA A 480 26.61 -1.30 33.68
CA ALA A 480 26.46 0.07 33.21
C ALA A 480 25.23 0.19 32.31
N GLU A 481 24.54 1.33 32.41
CA GLU A 481 23.30 1.53 31.69
C GLU A 481 23.50 1.39 30.19
N SER A 482 22.51 0.79 29.53
CA SER A 482 22.51 0.70 28.08
C SER A 482 21.08 0.63 27.54
N LEU A 483 20.96 0.76 26.23
CA LEU A 483 19.64 0.82 25.57
C LEU A 483 18.95 -0.54 25.50
N ALA A 484 19.75 -1.60 25.60
CA ALA A 484 19.26 -2.98 25.71
C ALA A 484 20.33 -3.79 26.46
N TYR A 485 19.96 -4.97 26.94
CA TYR A 485 20.87 -5.82 27.71
C TYR A 485 20.88 -7.21 27.07
N VAL A 486 22.02 -7.90 27.19
CA VAL A 486 22.23 -9.14 26.49
C VAL A 486 22.59 -10.29 27.43
N LEU A 487 21.80 -11.35 27.35
CA LEU A 487 22.11 -12.63 27.98
C LEU A 487 22.70 -13.58 26.95
N LYS A 488 23.71 -14.35 27.36
CA LYS A 488 24.38 -15.31 26.49
C LYS A 488 24.17 -16.70 27.08
N LEU A 489 23.46 -17.55 26.33
CA LEU A 489 23.15 -18.90 26.80
C LEU A 489 23.93 -19.90 25.98
N THR A 490 24.83 -20.64 26.64
CA THR A 490 25.67 -21.62 25.97
C THR A 490 25.15 -23.02 26.25
N PHE A 491 24.94 -23.76 25.18
CA PHE A 491 24.48 -25.14 25.24
C PHE A 491 25.64 -25.99 24.78
N ASP A 492 25.72 -27.25 25.19
CA ASP A 492 26.63 -28.14 24.46
C ASP A 492 25.78 -28.96 23.50
N GLY A 493 26.29 -29.16 22.29
CA GLY A 493 25.62 -29.98 21.30
C GLY A 493 24.51 -29.31 20.50
N GLY A 494 24.28 -28.02 20.73
CA GLY A 494 23.35 -27.25 19.94
C GLY A 494 22.16 -26.73 20.72
N ILE A 495 21.62 -25.60 20.27
CA ILE A 495 20.45 -25.03 20.91
C ILE A 495 19.24 -25.93 20.69
N PRO A 496 18.46 -26.19 21.74
CA PRO A 496 17.21 -26.97 21.59
C PRO A 496 16.25 -26.36 20.59
N VAL A 497 15.44 -27.19 19.93
CA VAL A 497 14.42 -26.71 19.02
C VAL A 497 13.10 -26.54 19.77
N PRO A 498 12.64 -25.28 19.91
CA PRO A 498 11.41 -25.05 20.66
C PRO A 498 10.14 -25.44 19.89
N GLN A 499 9.11 -25.81 20.64
CA GLN A 499 7.79 -26.04 20.07
C GLN A 499 6.93 -24.78 20.23
N PRO A 500 6.62 -24.09 19.12
CA PRO A 500 5.79 -22.88 19.25
C PRO A 500 4.44 -23.19 19.88
N GLU A 501 3.86 -22.23 20.60
CA GLU A 501 2.52 -22.43 21.18
C GLU A 501 1.52 -22.84 20.10
N ARG A 502 1.50 -22.10 18.99
CA ARG A 502 0.80 -22.51 17.80
C ARG A 502 1.80 -22.53 16.67
N GLY A 503 2.01 -23.69 16.07
CA GLY A 503 3.08 -23.85 15.12
C GLY A 503 3.49 -25.29 15.02
N ALA A 504 4.69 -25.53 14.51
CA ALA A 504 5.18 -26.87 14.31
C ALA A 504 6.69 -26.86 14.43
N ALA A 505 7.29 -28.05 14.43
CA ALA A 505 8.73 -28.18 14.36
C ALA A 505 9.05 -29.40 13.52
N VAL A 506 10.00 -29.26 12.60
CA VAL A 506 10.38 -30.36 11.71
C VAL A 506 11.79 -30.81 12.08
N PHE A 507 12.07 -32.11 11.89
CA PHE A 507 13.29 -32.76 12.38
C PHE A 507 13.90 -33.71 11.35
N SER A 508 15.21 -33.90 11.45
CA SER A 508 15.97 -34.71 10.50
C SER A 508 15.97 -36.19 10.88
N LYS A 509 15.57 -36.51 12.11
CA LYS A 509 15.41 -37.91 12.52
C LYS A 509 13.94 -38.22 12.71
N ALA A 510 13.62 -39.51 12.70
CA ALA A 510 12.24 -39.98 12.63
C ALA A 510 11.44 -39.83 13.92
N ASP A 511 12.09 -39.51 15.03
CA ASP A 511 11.40 -39.45 16.31
C ASP A 511 11.40 -38.07 16.97
N ALA A 512 11.27 -37.03 16.16
CA ALA A 512 11.30 -35.67 16.68
C ALA A 512 12.59 -35.35 17.44
N THR A 513 13.71 -35.86 16.93
CA THR A 513 15.03 -35.49 17.42
C THR A 513 15.95 -35.20 16.25
N GLY A 514 17.19 -34.83 16.56
CA GLY A 514 18.18 -34.47 15.55
C GLY A 514 18.12 -32.98 15.23
N LYS A 515 18.64 -32.61 14.06
CA LYS A 515 18.55 -31.25 13.57
C LYS A 515 17.08 -30.89 13.43
N GLY A 516 16.70 -29.67 13.80
CA GLY A 516 15.34 -29.26 13.63
C GLY A 516 15.12 -27.78 13.40
N VAL A 517 13.91 -27.45 12.96
CA VAL A 517 13.51 -26.10 12.67
C VAL A 517 12.11 -25.87 13.22
N ALA A 518 11.97 -24.84 14.06
CA ALA A 518 10.67 -24.40 14.54
C ALA A 518 9.99 -23.51 13.51
N LEU A 519 8.67 -23.66 13.41
CA LEU A 519 7.86 -22.90 12.45
C LEU A 519 6.65 -22.27 13.11
N ALA A 520 6.47 -20.97 12.89
CA ALA A 520 5.25 -20.27 13.27
C ALA A 520 4.10 -20.64 12.34
N LEU A 521 2.95 -20.01 12.53
CA LEU A 521 1.89 -20.10 11.53
C LEU A 521 2.35 -19.38 10.27
N GLY A 522 2.14 -19.99 9.11
CA GLY A 522 2.57 -19.36 7.86
C GLY A 522 2.91 -20.36 6.77
N THR A 523 3.63 -19.89 5.75
CA THR A 523 3.96 -20.70 4.60
C THR A 523 5.47 -20.76 4.43
N PHE A 524 6.00 -21.98 4.28
CA PHE A 524 7.43 -22.22 4.33
C PHE A 524 7.86 -23.07 3.13
N ASP A 525 8.54 -22.44 2.18
CA ASP A 525 8.90 -23.12 0.95
C ASP A 525 10.29 -23.74 1.05
N THR A 526 10.73 -24.40 -0.02
CA THR A 526 12.02 -25.08 0.01
C THR A 526 13.18 -24.14 0.35
N VAL A 527 13.17 -22.95 -0.22
CA VAL A 527 14.19 -21.97 0.10
C VAL A 527 14.23 -21.66 1.60
N PHE A 528 13.06 -21.42 2.20
CA PHE A 528 12.96 -21.12 3.62
C PHE A 528 13.58 -22.24 4.45
N LEU A 529 13.05 -23.44 4.26
CA LEU A 529 13.47 -24.58 5.08
C LEU A 529 14.98 -24.86 4.93
N THR A 530 15.47 -24.83 3.70
CA THR A 530 16.89 -25.00 3.43
C THR A 530 17.72 -23.94 4.17
N GLU A 531 17.35 -22.67 4.04
CA GLU A 531 18.15 -21.63 4.69
C GLU A 531 18.08 -21.74 6.21
N ALA A 532 16.94 -22.22 6.72
CA ALA A 532 16.76 -22.45 8.16
C ALA A 532 17.58 -23.61 8.68
N GLY A 533 18.16 -24.39 7.78
CA GLY A 533 19.08 -25.45 8.15
C GLY A 533 18.57 -26.87 8.01
N LEU A 534 17.43 -27.06 7.34
CA LEU A 534 16.95 -28.41 7.07
C LEU A 534 16.28 -28.46 5.70
N LYS A 535 17.03 -28.96 4.71
CA LYS A 535 16.50 -29.22 3.37
C LYS A 535 15.26 -30.09 3.52
N PRO A 536 14.19 -29.76 2.80
CA PRO A 536 12.94 -30.44 3.14
C PRO A 536 12.95 -31.93 2.79
N GLU A 537 13.77 -32.34 1.82
CA GLU A 537 13.96 -33.76 1.50
C GLU A 537 14.51 -34.53 2.70
N GLU A 538 15.17 -33.83 3.63
CA GLU A 538 15.75 -34.50 4.80
C GLU A 538 14.86 -34.52 6.03
N ILE A 539 13.65 -33.95 5.93
CA ILE A 539 12.69 -34.04 7.03
C ILE A 539 12.17 -35.47 7.19
N ARG A 540 12.21 -35.98 8.43
CA ARG A 540 11.74 -37.34 8.69
C ARG A 540 10.71 -37.39 9.82
N SER A 541 10.47 -36.27 10.49
CA SER A 541 9.37 -36.19 11.43
C SER A 541 8.94 -34.73 11.64
N ILE A 542 7.74 -34.56 12.16
CA ILE A 542 7.20 -33.24 12.44
C ILE A 542 6.32 -33.31 13.69
N ARG A 543 6.49 -32.34 14.57
CA ARG A 543 5.62 -32.17 15.72
C ARG A 543 4.73 -30.93 15.52
N VAL A 544 3.42 -31.18 15.51
CA VAL A 544 2.43 -30.12 15.28
C VAL A 544 1.81 -29.77 16.63
N SER A 545 1.80 -28.49 16.96
CA SER A 545 1.28 -28.05 18.24
C SER A 545 -0.21 -28.25 18.32
N ASP A 546 -0.71 -28.31 19.54
CA ASP A 546 -2.13 -28.27 19.80
C ASP A 546 -2.71 -27.05 19.11
N GLY A 547 -3.94 -27.17 18.63
CA GLY A 547 -4.63 -26.05 18.02
C GLY A 547 -4.08 -25.69 16.65
N THR A 548 -3.28 -26.58 16.08
CA THR A 548 -2.61 -26.33 14.82
C THR A 548 -2.76 -27.53 13.86
N LYS A 549 -2.67 -27.26 12.57
CA LYS A 549 -2.48 -28.30 11.58
C LYS A 549 -1.34 -27.89 10.67
N ALA A 550 -0.72 -28.88 10.05
CA ALA A 550 0.32 -28.64 9.05
C ALA A 550 -0.07 -29.34 7.76
N THR A 551 0.10 -28.66 6.64
CA THR A 551 -0.15 -29.26 5.34
C THR A 551 1.17 -29.39 4.60
N LEU A 552 1.53 -30.63 4.26
CA LEU A 552 2.78 -30.91 3.57
C LEU A 552 2.57 -30.97 2.08
N PHE A 553 3.44 -30.32 1.32
CA PHE A 553 3.38 -30.35 -0.13
C PHE A 553 4.64 -30.99 -0.71
N SER A 554 4.49 -31.80 -1.75
CA SER A 554 5.66 -32.38 -2.40
C SER A 554 6.46 -31.33 -3.18
N GLY A 555 5.77 -30.29 -3.66
CA GLY A 555 6.39 -29.25 -4.45
C GLY A 555 7.22 -28.23 -3.66
N PHE A 556 8.06 -27.55 -4.42
CA PHE A 556 9.00 -26.50 -4.01
C PHE A 556 8.29 -25.36 -3.28
N ARG A 557 7.09 -25.03 -3.79
CA ARG A 557 6.37 -23.84 -3.35
C ARG A 557 4.84 -24.06 -3.43
N PHE A 558 4.38 -25.00 -2.60
CA PHE A 558 2.95 -25.21 -2.32
C PHE A 558 2.15 -25.70 -3.52
N THR A 559 2.80 -26.58 -4.28
CA THR A 559 2.17 -27.32 -5.37
C THR A 559 2.40 -28.82 -5.16
N GLY A 560 1.77 -29.63 -5.99
CA GLY A 560 1.96 -31.08 -5.92
C GLY A 560 1.05 -31.76 -4.92
N GLU A 561 1.38 -33.01 -4.62
CA GLU A 561 0.60 -33.80 -3.67
C GLU A 561 0.68 -33.20 -2.29
N SER A 562 -0.44 -33.24 -1.57
CA SER A 562 -0.51 -32.67 -0.24
C SER A 562 -1.10 -33.62 0.79
N LYS A 563 -0.74 -33.38 2.05
CA LYS A 563 -1.15 -34.20 3.18
C LYS A 563 -1.35 -33.31 4.41
N GLU A 564 -2.46 -33.49 5.12
CA GLU A 564 -2.76 -32.67 6.30
C GLU A 564 -2.50 -33.46 7.59
N LEU A 565 -1.86 -32.81 8.56
CA LEU A 565 -1.53 -33.45 9.83
C LEU A 565 -1.99 -32.61 11.01
N SER A 566 -2.66 -33.26 11.95
CA SER A 566 -3.14 -32.59 13.15
C SER A 566 -2.11 -32.65 14.27
N ALA A 567 -2.50 -32.11 15.41
CA ALA A 567 -1.63 -31.97 16.57
C ALA A 567 -1.04 -33.30 16.99
N GLY A 568 0.27 -33.30 17.24
CA GLY A 568 0.99 -34.50 17.67
C GLY A 568 2.27 -34.71 16.90
N GLU A 569 2.93 -35.83 17.15
CA GLU A 569 4.13 -36.21 16.41
C GLU A 569 3.82 -37.17 15.28
N HIS A 570 4.44 -36.93 14.13
CA HIS A 570 4.25 -37.73 12.92
C HIS A 570 5.56 -38.04 12.21
N GLU A 571 5.68 -39.25 11.69
CA GLU A 571 6.83 -39.60 10.88
C GLU A 571 6.62 -39.14 9.45
N VAL A 572 7.71 -38.73 8.81
CA VAL A 572 7.68 -38.22 7.43
C VAL A 572 8.63 -39.03 6.57
N GLU A 573 8.16 -39.43 5.41
CA GLU A 573 9.00 -40.18 4.47
C GLU A 573 10.09 -39.30 3.88
N ASP A 574 11.33 -39.80 3.88
CA ASP A 574 12.46 -39.07 3.33
C ASP A 574 12.19 -38.67 1.89
N GLY A 575 12.41 -37.38 1.57
CA GLY A 575 12.27 -36.91 0.21
C GLY A 575 10.83 -36.64 -0.24
N SER A 576 9.88 -36.65 0.71
CA SER A 576 8.47 -36.52 0.36
C SER A 576 7.93 -35.08 0.48
N VAL A 577 8.68 -34.21 1.15
CA VAL A 577 8.24 -32.84 1.44
C VAL A 577 9.08 -31.82 0.70
N GLY A 578 8.42 -30.85 0.09
CA GLY A 578 9.11 -29.72 -0.51
C GLY A 578 8.77 -28.40 0.16
N SER A 579 7.60 -28.34 0.76
CA SER A 579 7.11 -27.11 1.39
C SER A 579 5.94 -27.42 2.34
N ILE A 580 5.70 -26.49 3.27
CA ILE A 580 4.80 -26.72 4.37
C ILE A 580 3.97 -25.49 4.68
N VAL A 581 2.68 -25.67 4.92
CA VAL A 581 1.81 -24.60 5.43
C VAL A 581 1.30 -24.95 6.82
N VAL A 582 1.54 -24.06 7.77
CA VAL A 582 1.19 -24.30 9.16
C VAL A 582 0.05 -23.34 9.47
N SER A 583 -1.07 -23.89 9.95
N SER A 583 -1.07 -23.86 9.96
CA SER A 583 -2.32 -23.14 10.10
CA SER A 583 -2.28 -23.05 10.12
C SER A 583 -2.96 -23.38 11.46
C SER A 583 -3.06 -23.39 11.38
N LYS A 584 -3.68 -22.37 11.96
CA LYS A 584 -4.57 -22.54 13.09
C LYS A 584 -5.76 -23.37 12.66
N ILE A 585 -6.13 -24.33 13.50
CA ILE A 585 -7.46 -24.85 13.43
C ILE A 585 -8.22 -23.86 14.32
N ALA B 3 -29.37 -22.47 -1.68
CA ALA B 3 -30.52 -21.83 -2.33
C ALA B 3 -30.68 -22.46 -3.71
N ASP B 4 -31.91 -22.76 -4.11
CA ASP B 4 -32.16 -23.34 -5.42
C ASP B 4 -31.83 -22.34 -6.52
N GLY B 5 -31.08 -22.79 -7.53
CA GLY B 5 -30.75 -21.95 -8.64
C GLY B 5 -29.65 -22.55 -9.49
N PRO B 6 -29.27 -21.84 -10.56
CA PRO B 6 -28.28 -22.28 -11.53
C PRO B 6 -26.83 -22.12 -11.07
N TYR B 7 -26.60 -21.56 -9.88
CA TYR B 7 -25.24 -21.37 -9.43
C TYR B 7 -24.79 -22.44 -8.45
N GLU B 8 -23.61 -22.97 -8.74
N GLU B 8 -23.61 -22.99 -8.72
CA GLU B 8 -22.91 -23.85 -7.81
CA GLU B 8 -22.94 -23.83 -7.74
C GLU B 8 -21.69 -23.11 -7.24
C GLU B 8 -21.64 -23.17 -7.30
N ALA B 9 -21.11 -23.66 -6.20
CA ALA B 9 -19.97 -23.04 -5.51
C ALA B 9 -18.65 -23.34 -6.19
N THR B 10 -18.48 -22.76 -7.38
CA THR B 10 -17.27 -22.83 -8.17
C THR B 10 -17.08 -21.52 -8.88
N TRP B 11 -15.82 -21.21 -9.21
CA TRP B 11 -15.56 -19.96 -9.94
C TRP B 11 -16.25 -19.99 -11.31
N GLU B 12 -16.20 -21.13 -11.97
N GLU B 12 -16.15 -21.13 -11.97
CA GLU B 12 -16.70 -21.26 -13.32
CA GLU B 12 -16.71 -21.33 -13.31
C GLU B 12 -18.22 -21.02 -13.35
C GLU B 12 -18.21 -21.02 -13.35
N SER B 13 -18.93 -21.53 -12.36
CA SER B 13 -20.37 -21.34 -12.30
C SER B 13 -20.74 -19.89 -11.93
N THR B 14 -20.09 -19.35 -10.91
CA THR B 14 -20.42 -18.00 -10.48
C THR B 14 -19.95 -16.91 -11.45
N ASP B 15 -18.97 -17.23 -12.29
CA ASP B 15 -18.47 -16.28 -13.29
C ASP B 15 -19.57 -15.70 -14.21
N LYS B 16 -20.62 -16.49 -14.44
N LYS B 16 -20.62 -16.49 -14.46
CA LYS B 16 -21.68 -16.14 -15.38
CA LYS B 16 -21.67 -16.10 -15.40
C LYS B 16 -22.69 -15.13 -14.82
C LYS B 16 -22.55 -14.99 -14.86
N HIS B 17 -22.55 -14.78 -13.55
CA HIS B 17 -23.37 -13.71 -12.99
C HIS B 17 -22.90 -12.38 -13.58
N ASN B 18 -23.86 -11.52 -13.90
CA ASN B 18 -23.60 -10.21 -14.49
C ASN B 18 -23.15 -9.25 -13.41
N ALA B 19 -21.86 -8.91 -13.37
CA ALA B 19 -21.29 -8.22 -12.22
C ALA B 19 -21.95 -6.87 -11.95
N ALA B 20 -22.15 -6.10 -13.01
CA ALA B 20 -22.60 -4.71 -12.91
C ALA B 20 -23.81 -4.51 -13.84
N PRO B 21 -25.02 -4.71 -13.31
CA PRO B 21 -26.21 -4.60 -14.14
C PRO B 21 -26.50 -3.16 -14.52
N GLU B 22 -27.38 -2.97 -15.51
CA GLU B 22 -27.64 -1.63 -16.04
C GLU B 22 -28.14 -0.64 -14.99
N TRP B 23 -29.01 -1.07 -14.08
CA TRP B 23 -29.52 -0.13 -13.08
C TRP B 23 -28.39 0.42 -12.20
N TYR B 24 -27.37 -0.41 -11.95
CA TYR B 24 -26.24 -0.05 -11.11
C TYR B 24 -25.32 0.91 -11.88
N ARG B 25 -25.08 0.65 -13.16
CA ARG B 25 -24.30 1.56 -13.99
C ARG B 25 -25.01 2.90 -14.15
N ASP B 26 -26.34 2.86 -14.18
CA ASP B 26 -27.15 4.09 -14.29
C ASP B 26 -27.10 4.94 -13.01
N ALA B 27 -26.91 4.27 -11.87
CA ALA B 27 -27.18 4.87 -10.57
C ALA B 27 -26.19 5.95 -10.13
N LYS B 28 -24.91 5.69 -10.35
CA LYS B 28 -23.77 6.60 -10.15
C LYS B 28 -23.40 6.96 -8.72
N PHE B 29 -24.39 7.25 -7.88
CA PHE B 29 -24.17 7.80 -6.55
C PHE B 29 -25.01 7.10 -5.49
N GLY B 30 -24.34 6.66 -4.44
CA GLY B 30 -25.04 6.06 -3.32
C GLY B 30 -24.41 6.49 -2.01
N VAL B 31 -25.09 6.18 -0.92
CA VAL B 31 -24.66 6.60 0.43
C VAL B 31 -24.79 5.47 1.42
N TYR B 32 -23.79 5.30 2.28
CA TYR B 32 -23.90 4.34 3.36
C TYR B 32 -23.32 4.96 4.63
N TRP B 33 -23.41 4.24 5.74
CA TRP B 33 -23.03 4.85 7.03
C TRP B 33 -22.38 3.85 7.97
N HIS B 34 -21.18 4.22 8.45
CA HIS B 34 -20.48 3.53 9.50
C HIS B 34 -20.99 3.99 10.85
N TRP B 35 -22.01 3.31 11.34
CA TRP B 35 -22.64 3.61 12.61
C TRP B 35 -22.93 2.32 13.33
N GLY B 36 -22.46 2.23 14.59
CA GLY B 36 -22.61 1.00 15.33
C GLY B 36 -22.01 1.11 16.70
N ALA B 37 -21.82 -0.03 17.37
CA ALA B 37 -21.26 -0.02 18.72
C ALA B 37 -19.83 0.51 18.70
N PHE B 38 -19.18 0.46 17.55
CA PHE B 38 -17.81 0.99 17.43
C PHE B 38 -17.79 2.51 17.51
N THR B 39 -18.96 3.13 17.32
CA THR B 39 -19.13 4.57 17.39
C THR B 39 -19.26 5.06 18.84
N THR B 40 -19.59 4.16 19.75
CA THR B 40 -19.97 4.56 21.11
C THR B 40 -18.94 5.47 21.79
N ALA B 41 -17.67 5.10 21.67
CA ALA B 41 -16.59 5.89 22.29
C ALA B 41 -16.35 7.24 21.61
N GLN B 42 -16.76 7.38 20.34
CA GLN B 42 -16.62 8.62 19.58
C GLN B 42 -15.18 9.12 19.69
N TYR B 43 -14.26 8.17 19.56
CA TYR B 43 -12.84 8.45 19.71
C TYR B 43 -12.02 7.73 18.63
N ALA B 44 -11.10 8.49 18.04
CA ALA B 44 -10.08 8.01 17.08
C ALA B 44 -10.69 7.60 15.73
N SER B 45 -11.33 6.44 15.69
CA SER B 45 -11.92 5.94 14.45
C SER B 45 -12.79 4.73 14.71
N GLU B 46 -13.35 4.20 13.62
CA GLU B 46 -14.12 2.98 13.67
C GLU B 46 -13.29 1.76 14.09
N TRP B 47 -11.96 1.90 14.08
CA TRP B 47 -11.09 0.84 14.59
C TRP B 47 -10.85 0.91 16.08
N TYR B 48 -11.54 1.79 16.79
CA TYR B 48 -11.40 1.89 18.25
C TYR B 48 -11.50 0.53 18.96
N PRO B 49 -12.44 -0.34 18.55
CA PRO B 49 -12.52 -1.64 19.27
C PRO B 49 -11.24 -2.45 19.19
N ARG B 50 -10.53 -2.31 18.08
CA ARG B 50 -9.22 -2.95 17.93
C ARG B 50 -8.12 -2.23 18.75
N ASN B 51 -8.02 -0.93 18.55
CA ASN B 51 -6.88 -0.20 19.09
C ASN B 51 -6.96 0.09 20.57
N MET B 52 -8.16 0.01 21.16
CA MET B 52 -8.28 0.17 22.61
C MET B 52 -7.45 -0.86 23.37
N TYR B 53 -7.17 -2.00 22.73
CA TYR B 53 -6.36 -3.05 23.34
C TYR B 53 -4.88 -2.98 22.95
N GLU B 54 -4.54 -2.15 21.97
CA GLU B 54 -3.18 -2.15 21.44
C GLU B 54 -2.16 -1.71 22.50
N PRO B 55 -1.05 -2.44 22.64
CA PRO B 55 -0.05 -1.93 23.58
C PRO B 55 0.43 -0.49 23.29
N ASP B 56 0.47 0.30 24.36
CA ASP B 56 0.98 1.67 24.34
C ASP B 56 0.32 2.62 23.33
N SER B 57 -0.91 2.32 22.91
CA SER B 57 -1.59 3.17 21.94
C SER B 57 -2.30 4.33 22.63
N ASP B 58 -2.52 5.39 21.87
CA ASP B 58 -3.33 6.49 22.36
C ASP B 58 -4.75 6.04 22.67
N GLN B 59 -5.29 5.12 21.87
CA GLN B 59 -6.63 4.61 22.12
C GLN B 59 -6.73 3.87 23.45
N ARG B 60 -5.73 3.03 23.74
CA ARG B 60 -5.65 2.36 25.04
C ARG B 60 -5.53 3.34 26.19
N LYS B 61 -4.72 4.38 26.01
CA LYS B 61 -4.57 5.39 27.06
C LYS B 61 -5.88 6.10 27.31
N HIS B 62 -6.55 6.52 26.23
CA HIS B 62 -7.88 7.11 26.33
C HIS B 62 -8.85 6.18 27.05
N HIS B 63 -8.84 4.92 26.62
CA HIS B 63 -9.77 3.97 27.19
C HIS B 63 -9.54 3.80 28.71
N THR B 64 -8.28 3.70 29.08
CA THR B 64 -7.90 3.47 30.48
C THR B 64 -8.30 4.68 31.36
N GLU B 65 -8.17 5.88 30.81
CA GLU B 65 -8.55 7.09 31.52
C GLU B 65 -10.05 7.28 31.67
N THR B 66 -10.80 6.82 30.66
CA THR B 66 -12.23 7.10 30.56
C THR B 66 -13.12 6.00 31.15
N TYR B 67 -12.72 4.75 30.92
CA TYR B 67 -13.51 3.59 31.27
C TYR B 67 -12.83 2.68 32.29
N GLY B 68 -11.58 2.31 32.00
CA GLY B 68 -10.81 1.39 32.83
C GLY B 68 -9.80 0.69 31.94
N PRO B 69 -8.82 -0.02 32.51
CA PRO B 69 -7.92 -0.75 31.62
C PRO B 69 -8.74 -1.72 30.74
N PRO B 70 -8.34 -1.86 29.47
N PRO B 70 -8.34 -1.88 29.48
CA PRO B 70 -9.14 -2.70 28.56
CA PRO B 70 -9.18 -2.69 28.59
C PRO B 70 -9.30 -4.15 29.01
C PRO B 70 -9.29 -4.16 28.99
N GLU B 71 -8.34 -4.64 29.77
CA GLU B 71 -8.40 -6.01 30.29
C GLU B 71 -9.56 -6.16 31.30
N GLU B 72 -9.91 -5.06 31.93
CA GLU B 72 -11.01 -5.03 32.89
C GLU B 72 -12.33 -4.56 32.28
N TRP B 73 -12.25 -3.55 31.42
CA TRP B 73 -13.44 -2.92 30.81
C TRP B 73 -13.32 -3.19 29.32
N GLY B 74 -13.75 -4.38 28.92
CA GLY B 74 -13.50 -4.87 27.58
C GLY B 74 -14.46 -4.24 26.59
N TYR B 75 -14.18 -4.46 25.30
CA TYR B 75 -15.03 -3.89 24.25
C TYR B 75 -16.48 -4.34 24.43
N GLU B 76 -16.67 -5.56 24.92
CA GLU B 76 -18.03 -6.08 25.10
C GLU B 76 -18.89 -5.20 26.02
N ASN B 77 -18.27 -4.43 26.90
CA ASN B 77 -19.03 -3.54 27.77
C ASN B 77 -19.78 -2.44 27.00
N PHE B 78 -19.30 -2.06 25.81
CA PHE B 78 -20.02 -1.07 25.03
C PHE B 78 -21.35 -1.64 24.54
N ILE B 79 -21.41 -2.95 24.36
CA ILE B 79 -22.62 -3.62 23.89
C ILE B 79 -23.53 -4.01 25.05
N LYS B 80 -22.96 -4.57 26.13
CA LYS B 80 -23.75 -5.06 27.26
C LYS B 80 -24.14 -3.94 28.22
N GLY B 81 -23.36 -2.86 28.19
CA GLY B 81 -23.58 -1.70 29.02
C GLY B 81 -22.77 -1.78 30.30
N ALA B 82 -22.13 -0.68 30.68
CA ALA B 82 -21.37 -0.62 31.92
C ALA B 82 -21.08 0.82 32.27
N LYS B 83 -20.79 1.11 33.53
CA LYS B 83 -20.51 2.48 33.91
C LYS B 83 -19.04 2.84 33.73
N ASP B 84 -18.76 4.08 33.37
CA ASP B 84 -17.39 4.51 33.13
C ASP B 84 -16.75 5.04 34.42
N LYS B 85 -15.54 5.59 34.32
CA LYS B 85 -14.82 5.95 35.55
C LYS B 85 -15.50 7.07 36.34
N LYS B 86 -16.31 7.87 35.66
CA LYS B 86 -17.05 8.95 36.31
C LYS B 86 -18.48 8.56 36.67
N GLY B 87 -18.84 7.29 36.49
CA GLY B 87 -20.14 6.78 36.92
C GLY B 87 -21.25 6.85 35.89
N ASN B 88 -20.94 7.36 34.70
CA ASN B 88 -21.94 7.47 33.64
C ASN B 88 -22.17 6.11 33.00
N PHE B 89 -23.43 5.78 32.77
CA PHE B 89 -23.78 4.55 32.08
C PHE B 89 -23.44 4.69 30.60
N VAL B 90 -22.67 3.73 30.09
CA VAL B 90 -22.20 3.74 28.71
C VAL B 90 -22.72 2.51 27.98
N GLN B 91 -23.37 2.71 26.84
CA GLN B 91 -23.87 1.60 26.02
C GLN B 91 -24.24 2.10 24.65
N PHE B 92 -24.02 1.28 23.60
CA PHE B 92 -24.65 1.53 22.33
C PHE B 92 -26.15 1.24 22.49
N LYS B 93 -26.92 2.32 22.58
CA LYS B 93 -28.35 2.22 22.92
C LYS B 93 -29.06 3.41 22.34
N PRO B 94 -29.15 3.45 21.00
CA PRO B 94 -29.84 4.58 20.38
C PRO B 94 -31.30 4.56 20.76
N VAL B 95 -31.81 5.73 21.12
CA VAL B 95 -33.19 5.87 21.58
C VAL B 95 -33.97 6.59 20.50
N LEU B 96 -34.92 5.89 19.88
CA LEU B 96 -35.73 6.45 18.82
C LEU B 96 -36.45 7.73 19.23
N LYS B 97 -36.56 8.65 18.27
CA LYS B 97 -37.37 9.85 18.43
C LYS B 97 -38.79 9.48 18.89
N SER B 98 -39.32 8.38 18.38
CA SER B 98 -40.67 7.93 18.75
C SER B 98 -40.72 7.39 20.18
N LYS B 99 -39.57 7.27 20.86
CA LYS B 99 -39.55 6.91 22.28
C LYS B 99 -39.06 8.08 23.15
N GLY B 100 -38.95 9.27 22.56
CA GLY B 100 -38.52 10.45 23.28
C GLY B 100 -37.04 10.75 23.14
N GLY B 101 -36.36 9.98 22.30
CA GLY B 101 -34.93 10.16 22.07
C GLY B 101 -34.59 11.02 20.86
N GLU B 102 -33.33 10.97 20.45
CA GLU B 102 -32.83 11.78 19.33
C GLU B 102 -32.55 10.97 18.05
N PHE B 103 -32.63 9.64 18.13
CA PHE B 103 -32.34 8.83 16.95
C PHE B 103 -33.53 8.88 15.99
N ASP B 104 -33.33 9.49 14.82
CA ASP B 104 -34.37 9.75 13.85
C ASP B 104 -33.97 9.15 12.52
N PRO B 105 -34.14 7.83 12.37
CA PRO B 105 -33.62 7.23 11.14
C PRO B 105 -34.39 7.69 9.92
N GLU B 106 -35.68 7.99 10.07
CA GLU B 106 -36.44 8.47 8.91
C GLU B 106 -35.90 9.81 8.41
N ALA B 107 -35.54 10.70 9.32
CA ALA B 107 -34.98 11.99 8.92
C ALA B 107 -33.68 11.78 8.13
N ILE B 108 -32.86 10.83 8.58
CA ILE B 108 -31.61 10.57 7.89
C ILE B 108 -31.89 10.04 6.49
N ILE B 109 -32.83 9.12 6.34
CA ILE B 109 -33.11 8.57 5.03
C ILE B 109 -33.73 9.65 4.11
N LYS B 110 -34.51 10.58 4.65
CA LYS B 110 -35.03 11.66 3.81
C LYS B 110 -33.92 12.55 3.28
N ILE B 111 -32.91 12.84 4.11
CA ILE B 111 -31.76 13.63 3.69
C ILE B 111 -30.94 12.86 2.65
N VAL B 112 -30.76 11.56 2.87
CA VAL B 112 -30.06 10.75 1.89
C VAL B 112 -30.83 10.72 0.53
N LYS B 113 -32.15 10.57 0.55
N LYS B 113 -32.14 10.57 0.57
CA LYS B 113 -32.91 10.61 -0.69
CA LYS B 113 -32.96 10.59 -0.65
C LYS B 113 -32.73 11.96 -1.35
C LYS B 113 -32.84 11.96 -1.34
N GLY B 114 -32.79 13.00 -0.54
CA GLY B 114 -32.66 14.36 -1.04
C GLY B 114 -31.31 14.66 -1.66
N SER B 115 -30.29 13.88 -1.29
CA SER B 115 -28.94 14.09 -1.83
C SER B 115 -28.77 13.57 -3.26
N GLY B 116 -29.76 12.85 -3.75
CA GLY B 116 -29.71 12.25 -5.08
C GLY B 116 -29.17 10.83 -5.11
N ALA B 117 -28.94 10.24 -3.93
CA ALA B 117 -28.52 8.83 -3.84
C ALA B 117 -29.55 7.92 -4.49
N ARG B 118 -29.08 6.99 -5.31
N ARG B 118 -29.07 6.98 -5.31
CA ARG B 118 -29.95 6.00 -5.91
CA ARG B 118 -29.90 6.00 -5.94
C ARG B 118 -29.78 4.60 -5.29
C ARG B 118 -29.83 4.64 -5.22
N PHE B 119 -28.80 4.46 -4.40
CA PHE B 119 -28.71 3.28 -3.55
C PHE B 119 -28.20 3.75 -2.19
N ALA B 120 -28.66 3.06 -1.14
CA ALA B 120 -28.30 3.47 0.20
C ALA B 120 -28.45 2.33 1.20
N GLY B 121 -27.82 2.45 2.36
CA GLY B 121 -28.01 1.48 3.42
C GLY B 121 -26.93 1.50 4.47
N PRO B 122 -27.11 0.70 5.52
CA PRO B 122 -26.17 0.65 6.65
C PRO B 122 -24.98 -0.23 6.44
N VAL B 123 -23.92 0.05 7.21
CA VAL B 123 -23.02 -1.00 7.62
C VAL B 123 -23.83 -1.91 8.53
N ALA B 124 -24.01 -3.18 8.15
CA ALA B 124 -24.79 -4.11 8.96
C ALA B 124 -23.95 -4.86 9.98
N GLU B 125 -22.67 -5.07 9.67
CA GLU B 125 -21.71 -5.64 10.61
C GLU B 125 -20.34 -5.20 10.17
N HIS B 126 -19.62 -4.55 11.07
CA HIS B 126 -18.27 -4.09 10.78
C HIS B 126 -17.28 -5.20 11.18
N HIS B 127 -16.08 -4.85 11.66
CA HIS B 127 -15.07 -5.84 12.03
C HIS B 127 -15.25 -6.30 13.50
N ASP B 128 -16.14 -5.64 14.22
CA ASP B 128 -16.21 -5.77 15.69
C ASP B 128 -17.15 -6.85 16.24
N GLY B 129 -17.65 -7.73 15.39
CA GLY B 129 -18.35 -8.91 15.85
C GLY B 129 -19.82 -8.70 16.16
N PHE B 130 -20.31 -7.48 15.94
CA PHE B 130 -21.68 -7.10 16.34
C PHE B 130 -22.58 -7.02 15.10
N SER B 131 -23.51 -7.98 14.97
CA SER B 131 -24.44 -8.04 13.84
C SER B 131 -25.63 -7.14 14.14
N MET B 132 -25.95 -6.17 13.29
CA MET B 132 -26.97 -5.19 13.69
C MET B 132 -28.37 -5.54 13.15
N TRP B 133 -28.59 -6.80 12.78
CA TRP B 133 -29.96 -7.31 12.54
C TRP B 133 -30.35 -8.30 13.65
N ASP B 134 -31.59 -8.78 13.63
CA ASP B 134 -32.05 -9.79 14.59
C ASP B 134 -31.47 -11.14 14.16
N SER B 135 -30.35 -11.53 14.76
CA SER B 135 -29.55 -12.66 14.33
C SER B 135 -29.70 -13.85 15.26
N LYS B 136 -30.02 -15.00 14.69
CA LYS B 136 -29.94 -16.27 15.41
C LYS B 136 -28.50 -16.78 15.49
N VAL B 137 -27.71 -16.60 14.43
CA VAL B 137 -26.35 -17.16 14.44
C VAL B 137 -25.36 -16.36 15.27
N ASN B 138 -25.72 -15.12 15.61
CA ASN B 138 -24.87 -14.27 16.42
C ASN B 138 -25.66 -13.52 17.46
N GLU B 139 -25.56 -13.96 18.72
CA GLU B 139 -26.28 -13.31 19.81
C GLU B 139 -25.81 -11.89 20.10
N TRP B 140 -24.64 -11.51 19.58
CA TRP B 140 -24.14 -10.15 19.74
C TRP B 140 -24.84 -9.25 18.74
N ASN B 141 -25.99 -8.71 19.15
CA ASN B 141 -26.84 -7.95 18.24
C ASN B 141 -27.74 -7.02 19.04
N PRO B 142 -28.29 -6.00 18.40
CA PRO B 142 -29.02 -4.92 19.08
C PRO B 142 -30.47 -5.27 19.41
N VAL B 143 -30.91 -6.47 19.08
CA VAL B 143 -32.21 -6.97 19.58
C VAL B 143 -32.02 -7.60 20.95
N ASN B 144 -30.95 -8.37 21.14
CA ASN B 144 -30.63 -8.95 22.43
C ASN B 144 -30.09 -7.94 23.44
N TYR B 145 -29.37 -6.95 22.94
CA TYR B 145 -28.66 -5.98 23.76
C TYR B 145 -29.03 -4.58 23.34
N GLY B 146 -28.86 -3.63 24.25
CA GLY B 146 -28.89 -2.22 23.90
C GLY B 146 -30.28 -1.70 23.57
N PRO B 147 -30.48 -1.26 22.34
CA PRO B 147 -31.78 -0.62 22.03
C PRO B 147 -32.95 -1.60 21.91
N LYS B 148 -32.67 -2.90 21.88
CA LYS B 148 -33.72 -3.92 21.70
C LYS B 148 -34.50 -3.62 20.43
N LEU B 149 -33.78 -3.51 19.34
CA LEU B 149 -34.30 -2.98 18.10
C LEU B 149 -33.50 -3.56 16.94
N ASP B 150 -34.19 -4.06 15.92
CA ASP B 150 -33.53 -4.58 14.72
C ASP B 150 -33.19 -3.40 13.82
N LEU B 151 -31.99 -2.88 14.00
CA LEU B 151 -31.60 -1.67 13.31
C LEU B 151 -31.52 -1.85 11.81
N VAL B 152 -30.96 -2.97 11.36
CA VAL B 152 -30.73 -3.16 9.93
C VAL B 152 -32.10 -3.31 9.21
N LYS B 153 -33.07 -3.99 9.83
N LYS B 153 -33.04 -4.00 9.85
CA LYS B 153 -34.39 -4.08 9.21
CA LYS B 153 -34.40 -4.11 9.32
C LYS B 153 -35.03 -2.70 9.13
C LYS B 153 -35.06 -2.75 9.18
N LEU B 154 -34.92 -1.91 10.21
CA LEU B 154 -35.50 -0.57 10.22
C LEU B 154 -34.91 0.29 9.09
N TRP B 155 -33.59 0.24 8.93
CA TRP B 155 -32.94 1.00 7.87
C TRP B 155 -33.40 0.51 6.51
N ALA B 156 -33.41 -0.81 6.32
CA ALA B 156 -33.79 -1.39 5.03
C ALA B 156 -35.23 -1.05 4.64
N ASP B 157 -36.14 -1.10 5.61
CA ASP B 157 -37.55 -0.75 5.33
C ASP B 157 -37.67 0.71 4.88
N LEU B 158 -36.95 1.59 5.55
CA LEU B 158 -36.96 3.00 5.21
C LEU B 158 -36.35 3.29 3.83
N VAL B 159 -35.26 2.60 3.49
CA VAL B 159 -34.64 2.78 2.18
C VAL B 159 -35.62 2.36 1.07
N ARG B 160 -36.27 1.21 1.25
CA ARG B 160 -37.25 0.72 0.27
C ARG B 160 -38.45 1.67 0.17
N GLU B 161 -38.95 2.11 1.32
CA GLU B 161 -40.10 3.06 1.35
C GLU B 161 -39.80 4.36 0.61
N ASN B 162 -38.53 4.71 0.52
CA ASN B 162 -38.10 5.93 -0.12
C ASN B 162 -37.47 5.73 -1.51
N ASP B 163 -37.79 4.59 -2.12
CA ASP B 163 -37.48 4.32 -3.53
CA ASP B 163 -37.47 4.31 -3.52
C ASP B 163 -35.98 4.46 -3.85
N MET B 164 -35.15 3.86 -3.02
CA MET B 164 -33.73 3.68 -3.33
C MET B 164 -33.43 2.19 -3.28
N LYS B 165 -32.46 1.76 -4.09
CA LYS B 165 -31.89 0.42 -3.99
C LYS B 165 -31.17 0.27 -2.67
N LEU B 166 -31.16 -0.95 -2.14
CA LEU B 166 -30.56 -1.23 -0.84
C LEU B 166 -29.16 -1.80 -0.94
N VAL B 167 -28.20 -1.10 -0.34
CA VAL B 167 -26.84 -1.64 -0.13
C VAL B 167 -26.64 -1.98 1.34
N ILE B 168 -26.03 -3.13 1.58
CA ILE B 168 -25.62 -3.55 2.92
C ILE B 168 -24.13 -3.78 2.90
N ALA B 169 -23.44 -3.15 3.84
CA ALA B 169 -22.00 -3.29 3.97
C ALA B 169 -21.66 -4.24 5.12
N MET B 170 -20.78 -5.18 4.78
CA MET B 170 -20.35 -6.29 5.63
C MET B 170 -18.84 -6.31 5.69
N HIS B 171 -18.29 -6.31 6.91
CA HIS B 171 -16.84 -6.28 7.12
C HIS B 171 -16.43 -7.40 8.09
N GLN B 172 -17.13 -8.54 8.06
CA GLN B 172 -16.96 -9.53 9.13
C GLN B 172 -15.81 -10.53 8.89
N ALA B 173 -15.04 -10.37 7.83
CA ALA B 173 -13.88 -11.26 7.64
C ALA B 173 -12.73 -10.89 8.56
N TYR B 174 -12.43 -9.60 8.70
CA TYR B 174 -11.22 -9.23 9.44
C TYR B 174 -11.42 -9.47 10.95
N ASN B 175 -12.68 -9.58 11.36
CA ASN B 175 -13.03 -9.94 12.75
C ASN B 175 -12.19 -11.09 13.33
N TYR B 176 -11.95 -12.14 12.55
CA TYR B 176 -11.20 -13.31 13.03
C TYR B 176 -9.87 -13.48 12.31
N ASN B 177 -9.46 -12.45 11.57
CA ASN B 177 -8.19 -12.46 10.87
C ASN B 177 -7.23 -11.39 11.40
N GLY B 178 -7.50 -10.90 12.62
CA GLY B 178 -6.55 -10.07 13.34
C GLY B 178 -7.09 -8.80 13.97
N PHE B 179 -8.30 -8.38 13.60
CA PHE B 179 -8.84 -7.12 14.13
C PHE B 179 -8.72 -7.08 15.66
N PHE B 180 -9.10 -8.16 16.31
CA PHE B 180 -9.05 -8.24 17.78
C PHE B 180 -7.81 -8.96 18.32
N GLN B 181 -6.70 -8.87 17.59
CA GLN B 181 -5.49 -9.61 17.99
C GLN B 181 -4.96 -9.26 19.38
N TRP B 182 -5.22 -8.05 19.84
CA TRP B 182 -4.70 -7.59 21.14
C TRP B 182 -5.67 -7.78 22.31
N ALA B 183 -6.90 -8.24 22.02
CA ALA B 183 -7.83 -8.54 23.08
C ALA B 183 -7.37 -9.76 23.87
N PRO B 184 -7.68 -9.79 25.19
CA PRO B 184 -7.35 -10.99 25.97
C PRO B 184 -8.00 -12.24 25.47
N LYS B 185 -7.30 -13.37 25.58
CA LYS B 185 -7.88 -14.65 25.28
C LYS B 185 -8.94 -14.94 26.31
N THR B 186 -10.11 -15.40 25.87
CA THR B 186 -11.20 -15.74 26.79
C THR B 186 -11.65 -17.16 26.57
N ASN B 187 -12.00 -17.82 27.66
N ASN B 187 -12.02 -17.82 27.67
CA ASN B 187 -12.61 -19.15 27.59
CA ASN B 187 -12.62 -19.14 27.60
C ASN B 187 -14.13 -19.07 27.73
C ASN B 187 -14.14 -19.06 27.40
N ASP B 188 -14.70 -17.89 27.54
N ASP B 188 -14.69 -17.87 27.67
CA ASP B 188 -16.14 -17.75 27.48
CA ASP B 188 -16.11 -17.58 27.52
C ASP B 188 -16.60 -17.92 26.04
C ASP B 188 -16.54 -17.84 26.08
N THR B 189 -17.43 -18.93 25.80
N THR B 189 -17.38 -18.85 25.89
CA THR B 189 -17.77 -19.34 24.43
CA THR B 189 -17.79 -19.32 24.58
C THR B 189 -18.44 -18.20 23.68
C THR B 189 -18.42 -18.21 23.74
N SER B 190 -19.32 -17.46 24.36
CA SER B 190 -20.02 -16.38 23.69
C SER B 190 -19.07 -15.24 23.35
N LEU B 191 -18.23 -14.85 24.30
CA LEU B 191 -17.30 -13.76 24.05
C LEU B 191 -16.29 -14.12 22.95
N GLN B 192 -15.92 -15.39 22.87
CA GLN B 192 -15.08 -15.84 21.76
C GLN B 192 -15.69 -15.50 20.41
N LYS B 193 -17.01 -15.61 20.30
CA LYS B 193 -17.67 -15.30 19.04
C LYS B 193 -17.55 -13.81 18.69
N LEU B 194 -17.75 -12.93 19.67
CA LEU B 194 -17.61 -11.50 19.44
C LEU B 194 -16.17 -11.17 18.98
N LEU B 195 -15.20 -11.76 19.66
CA LEU B 195 -13.80 -11.36 19.49
C LEU B 195 -13.02 -12.18 18.46
N GLY B 196 -13.69 -13.02 17.68
CA GLY B 196 -13.03 -13.73 16.61
C GLY B 196 -12.07 -14.81 17.09
N GLN B 197 -12.40 -15.45 18.21
CA GLN B 197 -11.52 -16.43 18.85
C GLN B 197 -12.03 -17.88 18.73
N LEU B 198 -13.11 -18.11 17.99
CA LEU B 198 -13.56 -19.50 17.73
C LEU B 198 -12.58 -20.23 16.82
N PRO B 199 -12.65 -21.57 16.77
CA PRO B 199 -11.84 -22.28 15.77
C PRO B 199 -12.09 -21.70 14.39
N ARG B 200 -11.05 -21.66 13.56
N ARG B 200 -11.07 -21.68 13.54
CA ARG B 200 -11.14 -21.03 12.26
CA ARG B 200 -11.18 -21.04 12.22
C ARG B 200 -12.19 -21.68 11.38
C ARG B 200 -12.27 -21.68 11.37
N ASP B 201 -12.35 -23.00 11.44
N ASP B 201 -12.47 -22.98 11.47
CA ASP B 201 -13.35 -23.62 10.60
CA ASP B 201 -13.54 -23.63 10.71
C ASP B 201 -14.75 -23.12 10.96
C ASP B 201 -14.91 -23.07 11.12
N GLU B 202 -15.00 -22.89 12.26
N GLU B 202 -15.10 -22.84 12.42
CA GLU B 202 -16.28 -22.37 12.71
CA GLU B 202 -16.33 -22.28 12.94
C GLU B 202 -16.44 -20.87 12.36
C GLU B 202 -16.47 -20.83 12.50
N GLU B 203 -15.35 -20.12 12.42
CA GLU B 203 -15.38 -18.71 11.99
C GLU B 203 -15.73 -18.61 10.50
N ASP B 204 -15.15 -19.49 9.68
CA ASP B 204 -15.41 -19.46 8.26
C ASP B 204 -16.87 -19.76 8.01
N GLN B 205 -17.41 -20.74 8.72
CA GLN B 205 -18.83 -21.07 8.60
C GLN B 205 -19.68 -19.88 9.02
N LEU B 206 -19.30 -19.24 10.13
CA LEU B 206 -20.04 -18.10 10.66
C LEU B 206 -20.00 -16.89 9.70
N TRP B 207 -18.91 -16.73 8.95
CA TRP B 207 -18.82 -15.65 7.96
C TRP B 207 -19.93 -15.85 6.93
N PHE B 208 -20.05 -17.07 6.44
CA PHE B 208 -21.11 -17.38 5.48
C PHE B 208 -22.50 -17.28 6.11
N ASP B 209 -22.66 -17.82 7.32
CA ASP B 209 -23.97 -17.86 7.96
C ASP B 209 -24.52 -16.43 8.20
N LYS B 210 -23.62 -15.52 8.58
CA LYS B 210 -23.99 -14.12 8.77
C LYS B 210 -24.48 -13.51 7.46
N HIS B 211 -23.75 -13.70 6.37
CA HIS B 211 -24.19 -13.22 5.04
C HIS B 211 -25.57 -13.80 4.70
N ARG B 212 -25.70 -15.10 4.88
N ARG B 212 -25.70 -15.11 4.85
CA ARG B 212 -26.90 -15.83 4.48
CA ARG B 212 -26.94 -15.81 4.45
C ARG B 212 -28.12 -15.32 5.23
C ARG B 212 -28.13 -15.31 5.23
N GLU B 213 -27.96 -15.21 6.55
CA GLU B 213 -29.03 -14.76 7.41
C GLU B 213 -29.43 -13.34 7.09
N MET B 214 -28.44 -12.47 6.94
CA MET B 214 -28.69 -11.07 6.63
C MET B 214 -29.41 -10.95 5.29
N LEU B 215 -28.93 -11.67 4.27
CA LEU B 215 -29.41 -11.38 2.94
C LEU B 215 -30.83 -11.93 2.73
N ASP B 216 -31.16 -13.03 3.41
CA ASP B 216 -32.53 -13.54 3.38
C ASP B 216 -33.47 -12.60 4.17
N HIS B 217 -32.92 -11.90 5.15
CA HIS B 217 -33.68 -11.05 6.06
C HIS B 217 -34.12 -9.74 5.41
N VAL B 218 -33.22 -9.12 4.63
CA VAL B 218 -33.51 -7.80 4.04
C VAL B 218 -33.36 -7.69 2.51
N GLN B 219 -32.96 -8.79 1.86
CA GLN B 219 -32.89 -8.90 0.40
C GLN B 219 -32.18 -7.70 -0.23
N PRO B 220 -30.91 -7.52 0.14
CA PRO B 220 -30.17 -6.41 -0.42
C PRO B 220 -29.95 -6.47 -1.92
N ASP B 221 -29.98 -5.31 -2.56
CA ASP B 221 -29.61 -5.21 -3.96
C ASP B 221 -28.10 -5.25 -4.21
N ILE B 222 -27.36 -4.78 -3.21
CA ILE B 222 -25.89 -4.78 -3.22
C ILE B 222 -25.37 -5.28 -1.89
N ILE B 223 -24.48 -6.26 -1.89
CA ILE B 223 -23.71 -6.62 -0.71
C ILE B 223 -22.27 -6.20 -0.91
N TRP B 224 -21.88 -5.21 -0.10
CA TRP B 224 -20.55 -4.63 -0.12
C TRP B 224 -19.70 -5.39 0.90
N ASN B 225 -18.48 -5.78 0.52
CA ASN B 225 -17.56 -6.51 1.40
C ASN B 225 -16.26 -5.75 1.62
N ASP B 226 -15.73 -5.82 2.84
CA ASP B 226 -14.41 -5.30 3.15
C ASP B 226 -13.34 -6.37 2.95
N PHE B 227 -12.09 -5.99 3.18
CA PHE B 227 -10.91 -6.82 2.90
C PHE B 227 -10.81 -8.03 3.82
N SER B 228 -9.76 -8.81 3.58
CA SER B 228 -9.50 -10.08 4.29
C SER B 228 -10.39 -11.23 3.78
N LEU B 229 -10.88 -11.11 2.56
CA LEU B 229 -11.49 -12.25 1.88
C LEU B 229 -10.40 -13.21 1.39
N ASP B 230 -9.39 -12.63 0.74
CA ASP B 230 -8.14 -13.33 0.42
C ASP B 230 -7.11 -12.24 0.13
N SER B 231 -6.59 -11.63 1.19
CA SER B 231 -5.59 -10.58 1.03
C SER B 231 -4.40 -10.84 1.93
N PRO B 232 -3.63 -11.86 1.56
CA PRO B 232 -2.44 -12.20 2.32
C PRO B 232 -1.51 -10.99 2.43
N GLY B 233 -0.97 -10.80 3.63
CA GLY B 233 -0.03 -9.71 3.91
C GLY B 233 -0.67 -8.41 4.39
N GLU B 234 -2.01 -8.38 4.43
CA GLU B 234 -2.71 -7.14 4.78
C GLU B 234 -3.22 -7.09 6.24
N CYS B 235 -2.89 -8.09 7.05
CA CYS B 235 -3.46 -8.23 8.40
C CYS B 235 -2.37 -8.02 9.47
N GLY B 236 -1.34 -7.28 9.08
CA GLY B 236 -0.35 -6.82 10.02
C GLY B 236 0.44 -7.93 10.66
N SER B 237 0.62 -7.82 11.96
CA SER B 237 1.43 -8.78 12.71
C SER B 237 0.69 -10.03 13.18
N PHE B 238 -0.62 -10.08 12.97
CA PHE B 238 -1.39 -11.28 13.27
C PHE B 238 -0.94 -12.41 12.35
N GLU B 239 -0.70 -13.57 12.92
CA GLU B 239 -0.27 -14.72 12.16
C GLU B 239 -1.52 -15.39 11.60
N GLY B 240 -1.61 -15.45 10.28
CA GLY B 240 -2.75 -16.03 9.62
C GLY B 240 -2.84 -15.63 8.16
N PRO B 241 -3.82 -16.22 7.46
CA PRO B 241 -3.91 -16.09 6.00
C PRO B 241 -4.57 -14.79 5.53
N CYS B 242 -5.17 -14.04 6.45
CA CYS B 242 -5.85 -12.79 6.10
C CYS B 242 -6.90 -13.11 5.03
N ALA B 243 -7.69 -14.13 5.33
CA ALA B 243 -8.57 -14.75 4.34
C ALA B 243 -9.74 -15.50 4.97
N VAL B 244 -10.77 -15.64 4.16
CA VAL B 244 -11.92 -16.51 4.40
C VAL B 244 -11.70 -17.77 3.57
N ASP B 245 -12.05 -18.92 4.10
CA ASP B 245 -11.99 -20.16 3.32
C ASP B 245 -12.64 -20.03 1.95
N GLU B 246 -11.94 -20.48 0.93
N GLU B 246 -11.94 -20.49 0.92
CA GLU B 246 -12.41 -20.33 -0.44
CA GLU B 246 -12.39 -20.34 -0.46
C GLU B 246 -13.78 -20.96 -0.66
C GLU B 246 -13.76 -20.98 -0.70
N GLN B 247 -14.00 -22.16 -0.12
CA GLN B 247 -15.28 -22.84 -0.29
C GLN B 247 -16.42 -22.00 0.28
N LYS B 248 -16.19 -21.34 1.41
CA LYS B 248 -17.23 -20.52 2.00
C LYS B 248 -17.47 -19.24 1.19
N ARG B 249 -16.43 -18.68 0.60
CA ARG B 249 -16.61 -17.52 -0.29
C ARG B 249 -17.45 -17.93 -1.49
N LEU B 250 -17.17 -19.09 -2.07
CA LEU B 250 -17.93 -19.59 -3.19
C LEU B 250 -19.36 -19.95 -2.83
N GLU B 251 -19.57 -20.49 -1.62
CA GLU B 251 -20.92 -20.80 -1.19
C GLU B 251 -21.73 -19.49 -1.05
N PHE B 252 -21.11 -18.43 -0.56
CA PHE B 252 -21.77 -17.14 -0.46
C PHE B 252 -22.20 -16.63 -1.84
N LEU B 253 -21.27 -16.66 -2.80
CA LEU B 253 -21.56 -16.12 -4.12
C LEU B 253 -22.71 -16.88 -4.73
N ALA B 254 -22.64 -18.20 -4.66
CA ALA B 254 -23.69 -19.01 -5.24
C ALA B 254 -25.04 -18.77 -4.56
N TYR B 255 -25.05 -18.66 -3.22
CA TYR B 255 -26.27 -18.49 -2.47
C TYR B 255 -26.91 -17.15 -2.86
N TYR B 256 -26.11 -16.09 -2.86
CA TYR B 256 -26.63 -14.76 -3.15
C TYR B 256 -27.13 -14.65 -4.60
N PHE B 257 -26.34 -15.16 -5.53
CA PHE B 257 -26.72 -15.07 -6.94
C PHE B 257 -27.96 -15.94 -7.22
N ASN B 258 -28.10 -17.08 -6.55
CA ASN B 258 -29.31 -17.88 -6.68
C ASN B 258 -30.53 -17.15 -6.07
N ARG B 259 -30.38 -16.53 -4.91
CA ARG B 259 -31.50 -15.80 -4.30
C ARG B 259 -31.90 -14.64 -5.19
N GLY B 260 -30.93 -13.97 -5.80
CA GLY B 260 -31.21 -12.88 -6.70
C GLY B 260 -32.15 -13.31 -7.82
N GLU B 261 -31.89 -14.45 -8.44
CA GLU B 261 -32.80 -14.95 -9.48
C GLU B 261 -34.18 -15.28 -8.92
N GLU B 262 -34.22 -15.91 -7.75
CA GLU B 262 -35.49 -16.18 -7.10
C GLU B 262 -36.29 -14.90 -6.82
N TRP B 263 -35.60 -13.84 -6.42
CA TRP B 263 -36.26 -12.56 -6.11
C TRP B 263 -36.69 -11.78 -7.34
N GLY B 264 -36.23 -12.20 -8.52
CA GLY B 264 -36.50 -11.47 -9.74
C GLY B 264 -35.74 -10.15 -9.82
N LYS B 265 -34.52 -10.17 -9.28
CA LYS B 265 -33.65 -9.00 -9.17
C LYS B 265 -32.30 -9.25 -9.79
N GLU B 266 -31.65 -8.17 -10.18
CA GLU B 266 -30.25 -8.17 -10.59
C GLU B 266 -29.44 -7.64 -9.42
N VAL B 267 -28.74 -8.53 -8.73
CA VAL B 267 -28.00 -8.16 -7.54
C VAL B 267 -26.51 -7.97 -7.83
N VAL B 268 -25.84 -7.30 -6.90
CA VAL B 268 -24.44 -6.89 -7.03
C VAL B 268 -23.68 -7.23 -5.77
N THR B 269 -22.46 -7.74 -5.88
CA THR B 269 -21.59 -7.79 -4.72
C THR B 269 -20.24 -7.16 -5.07
N THR B 270 -19.69 -6.45 -4.09
CA THR B 270 -18.45 -5.72 -4.29
C THR B 270 -17.41 -6.22 -3.32
N TYR B 271 -16.14 -6.01 -3.66
CA TYR B 271 -15.04 -6.40 -2.79
C TYR B 271 -13.88 -5.45 -3.09
N LYS B 272 -12.91 -5.40 -2.19
CA LYS B 272 -11.84 -4.43 -2.34
C LYS B 272 -10.91 -4.79 -3.50
N HIS B 273 -10.54 -3.78 -4.28
N HIS B 273 -10.50 -3.81 -4.29
CA HIS B 273 -9.81 -3.96 -5.53
CA HIS B 273 -9.86 -4.12 -5.57
C HIS B 273 -8.55 -4.82 -5.38
C HIS B 273 -8.49 -4.79 -5.44
N HIS B 274 -7.81 -4.58 -4.32
CA HIS B 274 -6.54 -5.26 -4.04
C HIS B 274 -6.72 -6.68 -3.50
N ASP B 275 -7.92 -6.96 -3.00
CA ASP B 275 -8.25 -8.28 -2.44
C ASP B 275 -8.43 -9.30 -3.58
N HIS B 276 -8.01 -10.56 -3.34
CA HIS B 276 -8.15 -11.63 -4.34
C HIS B 276 -9.34 -12.55 -4.03
N GLY B 277 -10.14 -12.19 -3.03
CA GLY B 277 -11.19 -13.09 -2.52
C GLY B 277 -12.34 -13.41 -3.46
N PHE B 278 -12.74 -12.44 -4.29
CA PHE B 278 -13.71 -12.66 -5.35
C PHE B 278 -13.03 -12.38 -6.70
N ARG B 279 -13.78 -12.53 -7.78
N ARG B 279 -13.78 -12.58 -7.78
CA ARG B 279 -13.24 -12.24 -9.10
CA ARG B 279 -13.31 -12.35 -9.15
C ARG B 279 -14.08 -11.23 -9.83
C ARG B 279 -14.06 -11.18 -9.78
N ASN B 280 -13.40 -10.46 -10.68
CA ASN B 280 -14.04 -9.34 -11.39
C ASN B 280 -14.93 -9.77 -12.56
N THR B 281 -15.06 -11.08 -12.76
CA THR B 281 -16.07 -11.65 -13.63
C THR B 281 -17.47 -11.52 -13.07
N SER B 282 -17.62 -11.59 -11.75
CA SER B 282 -18.97 -11.65 -11.18
C SER B 282 -19.19 -10.67 -10.04
N ALA B 283 -18.11 -10.09 -9.52
CA ALA B 283 -18.16 -9.10 -8.44
C ALA B 283 -17.54 -7.79 -8.92
N VAL B 284 -17.95 -6.68 -8.34
CA VAL B 284 -17.46 -5.37 -8.73
C VAL B 284 -16.29 -4.92 -7.84
N ASP B 285 -15.19 -4.50 -8.46
CA ASP B 285 -14.03 -4.03 -7.74
C ASP B 285 -14.32 -2.68 -7.09
N ASP B 286 -13.94 -2.56 -5.83
CA ASP B 286 -14.15 -1.35 -5.06
C ASP B 286 -12.81 -0.75 -4.71
N TRP B 287 -12.54 0.40 -5.36
CA TRP B 287 -11.22 1.03 -5.29
C TRP B 287 -11.01 1.82 -4.06
N GLU B 288 -9.72 1.84 -3.69
CA GLU B 288 -9.17 2.63 -2.60
C GLU B 288 -9.61 4.09 -2.73
N ARG B 289 -9.67 4.78 -1.61
CA ARG B 289 -10.18 6.16 -1.61
C ARG B 289 -9.52 7.05 -2.66
N GLY B 290 -10.34 7.71 -3.47
CA GLY B 290 -9.88 8.53 -4.57
C GLY B 290 -10.12 7.89 -5.94
N GLY B 291 -10.19 6.56 -5.97
CA GLY B 291 -10.35 5.83 -7.23
C GLY B 291 -9.12 5.75 -8.14
N PRO B 292 -9.28 5.17 -9.34
CA PRO B 292 -8.19 5.03 -10.32
C PRO B 292 -7.78 6.37 -10.91
N SER B 293 -6.53 6.49 -11.31
CA SER B 293 -6.10 7.69 -12.02
C SER B 293 -6.60 7.73 -13.46
N ASN B 294 -6.94 6.56 -13.99
CA ASN B 294 -7.34 6.41 -15.37
C ASN B 294 -8.75 5.88 -15.50
N LEU B 295 -9.26 5.87 -16.72
CA LEU B 295 -10.51 5.20 -17.07
C LEU B 295 -10.29 3.69 -17.02
N VAL B 296 -10.99 3.02 -16.11
CA VAL B 296 -10.83 1.58 -15.88
C VAL B 296 -12.06 0.85 -16.36
N ARG B 297 -11.85 -0.29 -17.01
CA ARG B 297 -12.90 -1.19 -17.42
C ARG B 297 -12.50 -2.59 -16.97
N PRO B 298 -13.48 -3.40 -16.52
CA PRO B 298 -14.91 -3.16 -16.50
C PRO B 298 -15.36 -2.23 -15.38
N TYR B 299 -16.67 -1.98 -15.40
CA TYR B 299 -17.32 -1.08 -14.47
C TYR B 299 -16.89 -1.38 -13.04
N TRP B 300 -16.62 -0.32 -12.27
CA TRP B 300 -16.06 -0.45 -10.91
C TRP B 300 -16.77 0.55 -9.97
N GLN B 301 -16.41 0.55 -8.69
CA GLN B 301 -16.85 1.65 -7.81
C GLN B 301 -15.78 2.00 -6.83
N THR B 302 -16.01 3.10 -6.13
CA THR B 302 -15.10 3.46 -5.06
C THR B 302 -15.95 3.99 -3.91
N ASP B 303 -15.37 3.91 -2.72
N ASP B 303 -15.45 3.88 -2.68
CA ASP B 303 -15.91 4.53 -1.54
CA ASP B 303 -16.19 4.43 -1.53
C ASP B 303 -15.23 5.82 -1.25
C ASP B 303 -15.35 5.50 -0.80
N ASP B 304 -15.97 6.68 -0.62
CA ASP B 304 -15.38 7.94 -0.15
C ASP B 304 -16.12 8.30 1.13
N ALA B 305 -15.72 9.39 1.79
CA ALA B 305 -16.32 9.79 3.08
C ALA B 305 -16.34 11.31 3.18
N ILE B 306 -17.37 11.89 3.82
CA ILE B 306 -17.42 13.32 4.01
C ILE B 306 -16.31 13.68 5.02
N SER B 307 -15.69 12.67 5.70
N SER B 307 -16.12 12.78 5.96
CA SER B 307 -14.45 12.88 6.53
CA SER B 307 -15.24 13.04 7.04
C SER B 307 -13.13 12.08 6.23
C SER B 307 -13.85 13.20 6.49
N ALA B 308 -11.99 12.75 6.32
N ALA B 308 -13.14 14.17 7.05
CA ALA B 308 -10.68 12.13 6.04
CA ALA B 308 -11.74 14.38 6.73
C ALA B 308 -10.10 11.23 7.13
C ALA B 308 -10.89 13.61 7.73
N SER B 309 -10.52 11.45 8.37
N SER B 309 -11.57 12.85 8.58
CA SER B 309 -9.83 10.95 9.56
CA SER B 309 -10.94 11.96 9.56
C SER B 309 -10.48 9.73 10.15
C SER B 309 -11.40 10.49 9.28
N SER B 310 -11.79 9.81 10.35
CA SER B 310 -12.51 8.54 10.44
C SER B 310 -13.78 8.35 9.61
N TRP B 311 -14.13 7.08 9.40
CA TRP B 311 -15.41 6.73 8.78
C TRP B 311 -16.57 6.81 9.79
N SER B 312 -16.27 6.68 11.08
CA SER B 312 -17.25 6.74 12.14
C SER B 312 -17.08 8.07 12.91
N TYR B 313 -18.17 8.61 13.43
CA TYR B 313 -18.11 9.89 14.13
C TYR B 313 -17.19 9.88 15.33
N THR B 314 -16.35 10.91 15.44
CA THR B 314 -15.53 11.14 16.61
C THR B 314 -15.71 12.59 17.03
N VAL B 315 -15.55 12.85 18.32
CA VAL B 315 -15.59 14.23 18.80
C VAL B 315 -14.41 14.99 18.19
N GLY B 316 -14.72 16.11 17.55
CA GLY B 316 -13.73 16.93 16.88
C GLY B 316 -13.54 16.60 15.41
N ILE B 317 -14.38 15.71 14.86
CA ILE B 317 -14.25 15.31 13.47
C ILE B 317 -14.31 16.51 12.54
N LYS B 318 -13.52 16.44 11.46
CA LYS B 318 -13.53 17.45 10.43
C LYS B 318 -14.06 16.86 9.15
N TYR B 319 -14.53 17.73 8.27
CA TYR B 319 -15.19 17.34 7.04
C TYR B 319 -14.60 17.99 5.80
N TYR B 320 -14.76 17.28 4.72
CA TYR B 320 -14.48 17.85 3.42
C TYR B 320 -15.64 18.69 2.91
N SER B 321 -15.37 19.41 1.83
CA SER B 321 -16.32 20.37 1.28
C SER B 321 -17.28 19.73 0.27
N SER B 322 -18.42 20.37 0.09
N SER B 322 -18.42 20.37 0.06
CA SER B 322 -19.39 19.98 -0.94
CA SER B 322 -19.38 19.91 -0.93
C SER B 322 -18.73 19.95 -2.30
C SER B 322 -18.81 19.99 -2.34
N LYS B 323 -17.91 20.96 -2.57
CA LYS B 323 -17.25 21.07 -3.86
C LYS B 323 -16.38 19.83 -4.12
N ALA B 324 -15.60 19.42 -3.12
CA ALA B 324 -14.76 18.25 -3.27
C ALA B 324 -15.60 16.98 -3.54
N MET B 325 -16.74 16.87 -2.86
CA MET B 325 -17.58 15.69 -3.05
C MET B 325 -18.20 15.63 -4.44
N VAL B 326 -18.66 16.77 -4.94
CA VAL B 326 -19.28 16.81 -6.26
C VAL B 326 -18.23 16.64 -7.36
N HIS B 327 -17.08 17.31 -7.22
CA HIS B 327 -16.03 17.11 -8.22
C HIS B 327 -15.51 15.68 -8.20
N SER B 328 -15.39 15.08 -7.01
CA SER B 328 -14.98 13.67 -6.92
C SER B 328 -15.99 12.77 -7.62
N LEU B 329 -17.27 13.03 -7.40
CA LEU B 329 -18.30 12.24 -8.07
C LEU B 329 -18.16 12.31 -9.58
N LEU B 330 -18.03 13.52 -10.11
CA LEU B 330 -17.90 13.69 -11.55
C LEU B 330 -16.66 12.97 -12.08
N ASP B 331 -15.55 13.05 -11.33
CA ASP B 331 -14.34 12.36 -11.73
C ASP B 331 -14.55 10.84 -11.80
N ARG B 332 -15.13 10.26 -10.76
N ARG B 332 -15.12 10.25 -10.75
CA ARG B 332 -15.31 8.81 -10.72
CA ARG B 332 -15.33 8.81 -10.73
C ARG B 332 -16.23 8.36 -11.85
C ARG B 332 -16.22 8.37 -11.88
N VAL B 333 -17.33 9.08 -12.06
CA VAL B 333 -18.31 8.70 -13.07
C VAL B 333 -17.71 8.81 -14.48
N SER B 334 -16.87 9.82 -14.71
CA SER B 334 -16.21 9.98 -16.02
C SER B 334 -15.23 8.85 -16.29
N LYS B 335 -14.74 8.21 -15.24
CA LYS B 335 -13.78 7.10 -15.36
C LYS B 335 -14.40 5.71 -15.31
N ASN B 336 -15.72 5.63 -15.48
CA ASN B 336 -16.49 4.40 -15.63
C ASN B 336 -16.78 3.71 -14.29
N GLY B 337 -16.99 4.52 -13.24
CA GLY B 337 -17.38 3.96 -11.95
C GLY B 337 -18.56 4.65 -11.29
N ASN B 338 -18.96 4.07 -10.15
CA ASN B 338 -19.86 4.71 -9.19
C ASN B 338 -19.09 5.21 -7.99
N MET B 339 -19.67 6.15 -7.25
CA MET B 339 -19.13 6.59 -5.97
C MET B 339 -20.14 6.34 -4.84
N LEU B 340 -19.72 5.58 -3.85
CA LEU B 340 -20.49 5.29 -2.64
C LEU B 340 -19.92 6.14 -1.53
N LEU B 341 -20.71 7.09 -1.05
CA LEU B 341 -20.27 8.04 -0.02
C LEU B 341 -20.70 7.64 1.39
N ASN B 342 -19.72 7.62 2.29
CA ASN B 342 -19.98 7.32 3.69
C ASN B 342 -20.28 8.54 4.52
N ILE B 343 -21.32 8.45 5.32
CA ILE B 343 -21.65 9.48 6.29
C ILE B 343 -21.56 8.88 7.70
N SER B 344 -21.52 9.78 8.69
CA SER B 344 -21.06 9.43 10.03
C SER B 344 -21.96 9.99 11.13
N PRO B 345 -23.05 9.25 11.43
CA PRO B 345 -23.93 9.66 12.51
C PRO B 345 -23.23 9.53 13.86
N MET B 346 -23.59 10.40 14.79
CA MET B 346 -23.07 10.31 16.15
C MET B 346 -23.58 9.05 16.84
N ALA B 347 -22.98 8.70 17.97
CA ALA B 347 -23.34 7.47 18.66
C ALA B 347 -24.83 7.47 19.03
N ASN B 348 -25.39 8.65 19.31
CA ASN B 348 -26.80 8.74 19.67
C ASN B 348 -27.73 8.64 18.46
N GLY B 349 -27.16 8.57 17.26
CA GLY B 349 -27.98 8.43 16.05
C GLY B 349 -28.23 9.70 15.24
N VAL B 350 -27.79 10.85 15.76
CA VAL B 350 -28.00 12.13 15.10
C VAL B 350 -26.98 12.36 13.99
N LEU B 351 -27.45 12.81 12.82
CA LEU B 351 -26.54 13.19 11.73
C LEU B 351 -26.15 14.68 11.89
N PRO B 352 -24.86 14.97 12.12
CA PRO B 352 -24.46 16.37 12.32
C PRO B 352 -24.82 17.29 11.16
N GLU B 353 -25.13 18.54 11.51
CA GLU B 353 -25.58 19.52 10.54
C GLU B 353 -24.59 19.75 9.39
N GLU B 354 -23.29 19.68 9.65
CA GLU B 354 -22.29 19.91 8.59
C GLU B 354 -22.40 18.85 7.49
N GLN B 355 -22.68 17.61 7.90
CA GLN B 355 -22.92 16.52 6.93
C GLN B 355 -24.24 16.68 6.19
N ILE B 356 -25.26 17.15 6.87
CA ILE B 356 -26.54 17.38 6.23
C ILE B 356 -26.37 18.46 5.13
N LYS B 357 -25.58 19.48 5.42
CA LYS B 357 -25.31 20.55 4.45
C LYS B 357 -24.62 20.03 3.19
N VAL B 358 -23.61 19.20 3.36
CA VAL B 358 -22.90 18.63 2.22
C VAL B 358 -23.87 17.79 1.38
N LEU B 359 -24.69 16.96 2.03
CA LEU B 359 -25.64 16.11 1.31
C LEU B 359 -26.65 16.95 0.55
N ASN B 360 -27.13 18.01 1.19
CA ASN B 360 -28.03 18.93 0.53
C ASN B 360 -27.40 19.58 -0.72
N ASP B 361 -26.14 19.96 -0.62
CA ASP B 361 -25.43 20.60 -1.73
C ASP B 361 -25.23 19.61 -2.88
N ILE B 362 -24.88 18.37 -2.57
CA ILE B 362 -24.78 17.35 -3.61
C ILE B 362 -26.14 17.18 -4.28
N GLY B 363 -27.21 17.19 -3.48
CA GLY B 363 -28.56 16.99 -4.01
C GLY B 363 -28.97 18.14 -4.92
N ASP B 364 -28.62 19.35 -4.54
CA ASP B 364 -28.90 20.50 -5.41
C ASP B 364 -28.23 20.36 -6.77
N PHE B 365 -26.97 19.92 -6.77
CA PHE B 365 -26.24 19.72 -7.99
C PHE B 365 -26.90 18.63 -8.85
N LEU B 366 -27.19 17.48 -8.25
CA LEU B 366 -27.77 16.37 -9.02
C LEU B 366 -29.20 16.63 -9.50
N SER B 367 -29.99 17.38 -8.74
N SER B 367 -29.97 17.38 -8.73
N SER B 367 -29.98 17.39 -8.74
CA SER B 367 -31.33 17.72 -9.20
CA SER B 367 -31.32 17.75 -9.14
CA SER B 367 -31.33 17.72 -9.17
C SER B 367 -31.26 18.58 -10.46
C SER B 367 -31.30 18.61 -10.40
C SER B 367 -31.30 18.63 -10.41
N ARG B 368 -30.32 19.52 -10.46
CA ARG B 368 -30.18 20.48 -11.55
C ARG B 368 -29.47 19.90 -12.78
N TYR B 369 -28.38 19.17 -12.53
CA TYR B 369 -27.50 18.72 -13.58
C TYR B 369 -27.40 17.19 -13.72
N GLY B 370 -28.32 16.46 -13.11
CA GLY B 370 -28.32 15.01 -13.16
C GLY B 370 -28.31 14.39 -14.56
N GLU B 371 -28.74 15.13 -15.57
CA GLU B 371 -28.70 14.66 -16.95
C GLU B 371 -27.29 14.28 -17.39
N ALA B 372 -26.30 14.95 -16.83
CA ALA B 372 -24.91 14.68 -17.18
C ALA B 372 -24.31 13.53 -16.39
N VAL B 373 -25.07 13.00 -15.42
CA VAL B 373 -24.57 12.02 -14.48
C VAL B 373 -25.38 10.73 -14.55
N TYR B 374 -26.61 10.76 -14.06
CA TYR B 374 -27.46 9.57 -14.08
C TYR B 374 -27.64 9.04 -15.49
N ASP B 375 -27.63 7.71 -15.62
CA ASP B 375 -27.98 7.02 -16.88
C ASP B 375 -26.95 7.26 -17.99
N THR B 376 -25.86 7.94 -17.68
CA THR B 376 -24.79 8.12 -18.65
C THR B 376 -23.77 7.02 -18.58
N ARG B 377 -22.84 7.04 -19.53
CA ARG B 377 -21.71 6.11 -19.55
C ARG B 377 -20.46 6.90 -19.86
N ALA B 378 -19.31 6.35 -19.48
CA ALA B 378 -18.04 7.00 -19.77
C ALA B 378 -17.83 7.13 -21.26
N TRP B 379 -17.15 8.20 -21.64
CA TRP B 379 -16.60 8.32 -22.99
C TRP B 379 -15.37 7.41 -23.08
N ASP B 380 -14.53 7.60 -24.10
CA ASP B 380 -13.24 6.90 -24.10
C ASP B 380 -12.07 7.69 -23.53
N ILE B 381 -12.32 8.97 -23.25
CA ILE B 381 -11.39 9.87 -22.61
C ILE B 381 -12.17 10.49 -21.45
N TYR B 382 -11.64 10.44 -20.24
CA TYR B 382 -12.44 10.83 -19.06
C TYR B 382 -12.52 12.34 -18.85
N GLY B 383 -11.50 13.07 -19.25
CA GLY B 383 -11.51 14.49 -19.02
C GLY B 383 -10.26 15.18 -19.51
N GLU B 384 -10.15 16.47 -19.19
CA GLU B 384 -8.99 17.29 -19.54
C GLU B 384 -8.72 18.30 -18.43
N GLY B 385 -7.46 18.72 -18.33
CA GLY B 385 -7.08 19.82 -17.45
C GLY B 385 -6.02 19.44 -16.43
N PRO B 386 -5.56 20.43 -15.66
CA PRO B 386 -4.44 20.25 -14.73
C PRO B 386 -4.76 19.51 -13.41
N ASN B 387 -5.98 19.62 -12.91
CA ASN B 387 -6.31 19.04 -11.60
C ASN B 387 -6.79 17.61 -11.73
N GLN B 388 -6.02 16.68 -11.18
CA GLN B 388 -6.27 15.24 -11.33
C GLN B 388 -6.06 14.52 -10.02
N VAL B 389 -6.56 13.30 -9.91
CA VAL B 389 -6.26 12.48 -8.74
C VAL B 389 -4.96 11.68 -8.99
N GLU B 390 -4.15 11.46 -7.96
CA GLU B 390 -2.89 10.72 -8.21
C GLU B 390 -3.10 9.21 -8.25
N GLY B 391 -4.04 8.72 -7.46
CA GLY B 391 -4.27 7.29 -7.37
C GLY B 391 -3.25 6.62 -6.47
N GLY B 392 -3.72 5.74 -5.60
CA GLY B 392 -2.89 5.11 -4.59
C GLY B 392 -3.25 5.65 -3.21
N SER B 393 -2.25 6.16 -2.49
CA SER B 393 -2.50 6.78 -1.19
C SER B 393 -3.15 8.16 -1.39
N PHE B 394 -4.03 8.51 -0.47
CA PHE B 394 -4.96 9.62 -0.63
C PHE B 394 -4.68 10.71 0.41
N THR B 395 -4.62 11.98 -0.02
CA THR B 395 -4.37 13.09 0.90
C THR B 395 -5.61 13.97 1.10
N ALA B 396 -6.35 14.21 0.03
CA ALA B 396 -7.58 14.98 0.06
C ALA B 396 -8.28 14.77 -1.28
N PRO B 397 -9.61 14.93 -1.31
CA PRO B 397 -10.40 14.71 -2.52
C PRO B 397 -10.12 15.71 -3.64
N LEU B 398 -10.44 15.33 -4.89
CA LEU B 398 -10.28 16.23 -6.05
C LEU B 398 -11.04 17.52 -5.85
N GLN B 399 -10.35 18.62 -6.11
CA GLN B 399 -10.98 19.92 -6.21
C GLN B 399 -10.47 20.53 -7.48
N GLY B 400 -11.39 20.75 -8.40
CA GLY B 400 -11.08 21.29 -9.72
C GLY B 400 -11.53 22.72 -9.86
N ASN B 401 -11.35 23.28 -11.05
CA ASN B 401 -11.81 24.62 -11.32
C ASN B 401 -12.13 24.78 -12.80
N SER B 402 -12.25 26.01 -13.27
CA SER B 402 -12.67 26.25 -14.65
C SER B 402 -11.70 25.72 -15.71
N SER B 403 -10.50 25.31 -15.31
CA SER B 403 -9.53 24.72 -16.22
C SER B 403 -9.78 23.23 -16.48
N ASP B 404 -10.72 22.64 -15.72
CA ASP B 404 -10.93 21.19 -15.77
C ASP B 404 -12.27 20.82 -16.37
N ILE B 405 -12.26 19.81 -17.23
CA ILE B 405 -13.51 19.24 -17.73
C ILE B 405 -13.53 17.73 -17.51
N ARG B 406 -14.74 17.21 -17.33
CA ARG B 406 -14.98 15.77 -17.26
C ARG B 406 -16.07 15.43 -18.27
N PHE B 407 -15.88 14.34 -18.98
CA PHE B 407 -16.80 13.90 -20.02
C PHE B 407 -17.74 12.78 -19.55
N THR B 408 -18.97 12.81 -20.04
CA THR B 408 -19.88 11.65 -19.96
C THR B 408 -20.67 11.66 -21.26
N ARG B 409 -21.32 10.55 -21.58
CA ARG B 409 -22.10 10.52 -22.81
C ARG B 409 -23.35 9.70 -22.64
N ASN B 410 -24.31 9.88 -23.54
CA ASN B 410 -25.56 9.16 -23.43
C ASN B 410 -25.46 7.73 -24.00
N LYS B 411 -26.46 6.91 -23.69
CA LYS B 411 -26.43 5.53 -24.16
C LYS B 411 -26.51 5.41 -25.67
N GLU B 412 -27.21 6.33 -26.34
CA GLU B 412 -27.30 6.34 -27.80
C GLU B 412 -25.97 6.73 -28.46
N ASP B 413 -25.09 7.34 -27.69
CA ASP B 413 -23.74 7.70 -28.13
C ASP B 413 -23.74 8.83 -29.14
N ASP B 414 -24.74 9.70 -29.07
CA ASP B 414 -24.78 10.89 -29.94
C ASP B 414 -24.82 12.22 -29.15
N VAL B 415 -24.79 12.15 -27.83
CA VAL B 415 -24.65 13.33 -26.99
C VAL B 415 -23.46 13.19 -26.04
N LEU B 416 -22.57 14.18 -26.12
CA LEU B 416 -21.43 14.32 -25.22
C LEU B 416 -21.68 15.45 -24.25
N TYR B 417 -21.61 15.12 -22.96
CA TYR B 417 -21.64 16.09 -21.88
C TYR B 417 -20.22 16.47 -21.48
N VAL B 418 -19.99 17.78 -21.46
CA VAL B 418 -18.73 18.37 -21.09
C VAL B 418 -18.99 19.20 -19.83
N THR B 419 -18.56 18.66 -18.70
CA THR B 419 -18.79 19.32 -17.42
C THR B 419 -17.55 20.03 -16.97
N VAL B 420 -17.64 21.35 -16.83
N VAL B 420 -17.65 21.35 -16.84
CA VAL B 420 -16.51 22.18 -16.43
CA VAL B 420 -16.54 22.20 -16.41
C VAL B 420 -16.62 22.48 -14.92
C VAL B 420 -16.63 22.42 -14.90
N LEU B 421 -15.50 22.32 -14.21
CA LEU B 421 -15.51 22.33 -12.74
C LEU B 421 -15.38 23.74 -12.10
N GLY B 422 -15.68 24.77 -12.85
CA GLY B 422 -15.77 26.14 -12.36
C GLY B 422 -16.23 27.00 -13.51
N TRP B 423 -16.61 28.25 -13.25
CA TRP B 423 -17.05 29.13 -14.34
C TRP B 423 -15.87 29.83 -14.99
N PRO B 424 -15.66 29.63 -16.30
CA PRO B 424 -14.54 30.29 -17.01
C PRO B 424 -14.67 31.81 -17.03
N GLU B 425 -13.76 32.52 -16.40
CA GLU B 425 -13.86 33.98 -16.37
C GLU B 425 -13.59 34.57 -17.75
N ASP B 426 -12.81 33.86 -18.58
CA ASP B 426 -12.56 34.29 -19.96
C ASP B 426 -13.71 33.88 -20.90
N ASN B 427 -14.77 33.34 -20.31
N ASN B 427 -14.76 33.31 -20.33
CA ASN B 427 -15.97 32.89 -21.02
CA ASN B 427 -15.95 32.96 -21.08
C ASN B 427 -15.67 31.96 -22.19
C ASN B 427 -15.71 31.92 -22.17
N LEU B 428 -14.63 31.15 -22.03
CA LEU B 428 -14.24 30.17 -23.03
C LEU B 428 -14.00 28.79 -22.43
N VAL B 429 -14.59 27.76 -23.04
CA VAL B 429 -14.22 26.37 -22.76
C VAL B 429 -13.57 25.80 -24.00
N SER B 430 -12.31 25.40 -23.87
CA SER B 430 -11.58 24.79 -24.97
C SER B 430 -11.44 23.29 -24.74
N VAL B 431 -12.08 22.52 -25.62
CA VAL B 431 -12.05 21.06 -25.56
C VAL B 431 -11.00 20.54 -26.52
N LYS B 432 -9.84 20.15 -25.99
CA LYS B 432 -8.70 19.79 -26.83
C LYS B 432 -8.97 18.55 -27.67
N ASN B 433 -9.71 17.59 -27.11
CA ASN B 433 -9.98 16.37 -27.85
C ASN B 433 -11.06 16.48 -28.92
N LEU B 434 -11.58 17.70 -29.15
CA LEU B 434 -12.45 17.96 -30.29
C LEU B 434 -11.87 19.01 -31.25
N GLY B 435 -10.60 19.33 -31.08
CA GLY B 435 -9.91 20.20 -32.03
C GLY B 435 -9.44 19.46 -33.29
N SER B 436 -8.89 20.18 -34.27
CA SER B 436 -8.54 19.48 -35.50
C SER B 436 -7.28 18.62 -35.36
N ASN B 437 -6.40 18.91 -34.39
CA ASN B 437 -5.26 18.03 -34.14
C ASN B 437 -5.72 16.65 -33.63
N ALA B 438 -6.92 16.62 -33.04
CA ALA B 438 -7.55 15.37 -32.62
C ALA B 438 -8.20 14.60 -33.77
N LEU B 439 -8.08 15.14 -34.98
CA LEU B 439 -8.60 14.50 -36.19
C LEU B 439 -10.13 14.34 -36.14
N VAL B 440 -10.78 15.32 -35.52
CA VAL B 440 -12.22 15.34 -35.36
C VAL B 440 -12.86 16.30 -36.38
N ASP B 441 -13.84 15.78 -37.09
CA ASP B 441 -14.70 16.54 -38.01
C ASP B 441 -15.98 16.90 -37.28
N LEU B 442 -16.28 18.19 -37.18
CA LEU B 442 -17.49 18.65 -36.48
C LEU B 442 -18.63 19.03 -37.40
N GLU B 443 -18.60 18.59 -38.65
CA GLU B 443 -19.71 18.87 -39.54
C GLU B 443 -21.04 18.37 -38.99
N SER B 444 -21.02 17.26 -38.25
CA SER B 444 -22.25 16.69 -37.72
C SER B 444 -22.64 17.24 -36.34
N LEU B 445 -21.90 18.21 -35.81
CA LEU B 445 -22.29 18.83 -34.54
C LEU B 445 -23.52 19.70 -34.75
N LYS B 446 -24.63 19.26 -34.19
CA LYS B 446 -25.93 19.86 -34.47
C LYS B 446 -26.17 21.06 -33.57
N SER B 447 -25.82 20.91 -32.30
CA SER B 447 -26.07 21.95 -31.33
C SER B 447 -25.13 21.84 -30.15
N VAL B 448 -24.84 23.00 -29.58
CA VAL B 448 -24.08 23.12 -28.35
C VAL B 448 -24.95 23.91 -27.41
N GLU B 449 -25.20 23.37 -26.22
CA GLU B 449 -26.10 23.99 -25.26
C GLU B 449 -25.48 24.04 -23.88
N LEU B 450 -25.77 25.11 -23.14
CA LEU B 450 -25.41 25.19 -21.74
C LEU B 450 -26.63 24.85 -20.90
N LEU B 451 -26.52 23.89 -19.99
CA LEU B 451 -27.63 23.59 -19.11
C LEU B 451 -27.86 24.73 -18.13
N GLY B 452 -29.12 25.08 -17.92
CA GLY B 452 -29.46 26.27 -17.16
C GLY B 452 -29.78 26.01 -15.70
N ASP B 453 -30.67 26.84 -15.16
CA ASP B 453 -30.93 26.87 -13.73
C ASP B 453 -31.65 25.67 -13.17
N LYS B 454 -32.51 25.07 -13.99
CA LYS B 454 -33.25 23.89 -13.56
C LYS B 454 -33.21 22.85 -14.66
N ALA B 455 -33.38 21.60 -14.28
CA ALA B 455 -33.38 20.51 -15.25
C ALA B 455 -34.41 20.75 -16.36
N GLY B 456 -33.97 20.56 -17.61
CA GLY B 456 -34.79 20.88 -18.78
C GLY B 456 -34.54 22.26 -19.39
N ASP B 457 -33.85 23.14 -18.67
CA ASP B 457 -33.44 24.45 -19.18
C ASP B 457 -32.18 24.30 -20.00
N TYR B 458 -32.20 24.81 -21.24
CA TYR B 458 -31.04 24.86 -22.11
C TYR B 458 -30.91 26.25 -22.70
N VAL B 459 -29.68 26.76 -22.72
CA VAL B 459 -29.38 27.97 -23.44
C VAL B 459 -28.49 27.63 -24.62
N LYS B 460 -28.87 28.12 -25.77
CA LYS B 460 -28.09 27.90 -26.96
C LYS B 460 -26.74 28.58 -26.85
N VAL B 461 -25.72 27.81 -27.21
CA VAL B 461 -24.40 28.36 -27.37
C VAL B 461 -24.31 28.73 -28.85
N SER B 462 -24.23 30.02 -29.14
CA SER B 462 -24.28 30.48 -30.53
C SER B 462 -22.93 30.49 -31.24
N GLU B 463 -21.87 30.66 -30.44
N GLU B 463 -21.87 30.64 -30.44
CA GLU B 463 -20.51 30.84 -30.98
CA GLU B 463 -20.52 30.84 -30.97
C GLU B 463 -19.55 29.75 -30.52
C GLU B 463 -19.53 29.77 -30.52
N TRP B 464 -19.04 29.01 -31.49
CA TRP B 464 -17.97 28.07 -31.26
C TRP B 464 -17.18 27.93 -32.55
N GLU B 465 -15.92 27.58 -32.42
CA GLU B 465 -15.07 27.37 -33.58
C GLU B 465 -13.97 26.39 -33.24
N GLN B 466 -13.63 25.59 -34.23
CA GLN B 466 -12.58 24.62 -34.10
C GLN B 466 -11.24 25.18 -34.53
N SER B 467 -10.30 25.20 -33.61
CA SER B 467 -8.90 25.49 -33.88
C SER B 467 -8.12 24.19 -33.93
N LYS B 468 -6.83 24.26 -34.25
CA LYS B 468 -5.99 23.07 -34.21
C LYS B 468 -5.96 22.51 -32.80
N ASP B 469 -5.86 23.39 -31.81
CA ASP B 469 -5.68 22.95 -30.43
C ASP B 469 -6.94 22.41 -29.80
N ALA B 470 -8.10 22.95 -30.20
CA ALA B 470 -9.34 22.67 -29.46
C ALA B 470 -10.60 23.13 -30.17
N LEU B 471 -11.71 22.55 -29.74
CA LEU B 471 -13.02 23.15 -29.98
C LEU B 471 -13.20 24.25 -28.95
N ASP B 472 -13.27 25.48 -29.45
CA ASP B 472 -13.30 26.66 -28.58
C ASP B 472 -14.72 27.19 -28.52
N ILE B 473 -15.32 27.00 -27.34
CA ILE B 473 -16.73 27.30 -27.11
C ILE B 473 -16.88 28.59 -26.29
N THR B 474 -17.54 29.60 -26.88
CA THR B 474 -17.83 30.84 -26.16
C THR B 474 -19.14 30.74 -25.39
N LEU B 475 -19.07 30.95 -24.09
CA LEU B 475 -20.23 30.72 -23.24
C LEU B 475 -21.23 31.87 -23.27
N PRO B 476 -22.53 31.55 -23.20
CA PRO B 476 -23.57 32.56 -23.01
C PRO B 476 -23.54 33.06 -21.59
N SER B 477 -24.55 33.81 -21.19
CA SER B 477 -24.54 34.40 -19.87
C SER B 477 -24.52 33.29 -18.81
N GLN B 478 -23.80 33.55 -17.73
CA GLN B 478 -23.68 32.59 -16.64
C GLN B 478 -25.03 32.30 -16.00
N PRO B 479 -25.39 31.01 -15.82
CA PRO B 479 -26.60 30.70 -15.06
C PRO B 479 -26.39 30.87 -13.58
N ALA B 480 -27.38 30.50 -12.79
CA ALA B 480 -27.25 30.58 -11.35
C ALA B 480 -25.99 29.81 -10.89
N GLU B 481 -25.34 30.33 -9.87
CA GLU B 481 -24.14 29.73 -9.34
C GLU B 481 -24.29 28.21 -9.09
N SER B 482 -23.24 27.49 -9.45
N SER B 482 -23.26 27.46 -9.48
CA SER B 482 -23.16 26.04 -9.29
CA SER B 482 -23.20 26.03 -9.20
C SER B 482 -21.73 25.58 -9.05
C SER B 482 -21.74 25.56 -9.10
N LEU B 483 -21.57 24.37 -8.53
CA LEU B 483 -20.24 23.82 -8.24
C LEU B 483 -19.56 23.35 -9.50
N ALA B 484 -20.36 23.11 -10.54
CA ALA B 484 -19.85 22.79 -11.86
C ALA B 484 -20.93 23.15 -12.87
N TYR B 485 -20.55 23.30 -14.15
CA TYR B 485 -21.45 23.72 -15.20
C TYR B 485 -21.37 22.71 -16.33
N VAL B 486 -22.48 22.52 -17.03
CA VAL B 486 -22.58 21.45 -18.04
C VAL B 486 -22.90 21.98 -19.45
N LEU B 487 -22.03 21.65 -20.39
CA LEU B 487 -22.28 21.79 -21.82
C LEU B 487 -22.79 20.48 -22.39
N LYS B 488 -23.76 20.57 -23.30
CA LYS B 488 -24.35 19.41 -23.98
C LYS B 488 -24.13 19.55 -25.47
N LEU B 489 -23.35 18.63 -26.05
CA LEU B 489 -23.01 18.66 -27.47
C LEU B 489 -23.78 17.54 -28.16
N THR B 490 -24.68 17.88 -29.08
CA THR B 490 -25.52 16.89 -29.76
C THR B 490 -25.05 16.71 -31.19
N PHE B 491 -24.81 15.46 -31.59
CA PHE B 491 -24.31 15.12 -32.91
C PHE B 491 -25.38 14.39 -33.70
N ASP B 492 -25.39 14.60 -35.01
CA ASP B 492 -26.26 13.84 -35.89
C ASP B 492 -25.46 12.62 -36.32
N GLY B 493 -25.68 11.51 -35.63
CA GLY B 493 -24.87 10.33 -35.76
C GLY B 493 -23.97 10.27 -34.54
N GLY B 494 -23.08 9.29 -34.48
CA GLY B 494 -22.27 9.14 -33.28
C GLY B 494 -21.34 10.31 -32.97
N ILE B 495 -20.95 10.42 -31.69
CA ILE B 495 -19.87 11.31 -31.29
C ILE B 495 -18.60 10.88 -32.06
N PRO B 496 -17.87 11.84 -32.62
CA PRO B 496 -16.61 11.50 -33.29
C PRO B 496 -15.62 10.81 -32.36
N VAL B 497 -14.78 9.94 -32.93
CA VAL B 497 -13.71 9.29 -32.20
C VAL B 497 -12.44 10.13 -32.24
N PRO B 498 -12.01 10.66 -31.08
CA PRO B 498 -10.80 11.49 -31.13
C PRO B 498 -9.51 10.68 -31.25
N GLN B 499 -8.50 11.31 -31.85
CA GLN B 499 -7.15 10.78 -31.84
C GLN B 499 -6.37 11.40 -30.69
N PRO B 500 -6.04 10.61 -29.67
CA PRO B 500 -5.29 11.17 -28.54
C PRO B 500 -3.93 11.75 -28.96
N GLU B 501 -3.47 12.79 -28.28
CA GLU B 501 -2.18 13.37 -28.60
C GLU B 501 -1.08 12.30 -28.56
N ARG B 502 -1.10 11.51 -27.49
CA ARG B 502 -0.25 10.31 -27.37
C ARG B 502 -1.19 9.14 -27.08
N GLY B 503 -1.24 8.17 -27.99
CA GLY B 503 -2.16 7.06 -27.84
C GLY B 503 -2.54 6.47 -29.19
N ALA B 504 -3.75 5.91 -29.29
CA ALA B 504 -4.21 5.23 -30.51
C ALA B 504 -5.71 5.27 -30.58
N ALA B 505 -6.26 4.85 -31.71
CA ALA B 505 -7.69 4.65 -31.84
C ALA B 505 -7.92 3.45 -32.75
N VAL B 506 -8.85 2.58 -32.38
CA VAL B 506 -9.16 1.38 -33.13
C VAL B 506 -10.54 1.49 -33.72
N PHE B 507 -10.71 0.89 -34.91
CA PHE B 507 -11.92 1.08 -35.70
C PHE B 507 -12.43 -0.21 -36.28
N SER B 508 -13.74 -0.27 -36.55
CA SER B 508 -14.39 -1.48 -37.06
C SER B 508 -14.32 -1.61 -38.59
N LYS B 509 -13.96 -0.54 -39.26
CA LYS B 509 -13.73 -0.61 -40.72
C LYS B 509 -12.23 -0.51 -41.02
N ALA B 510 -11.81 -0.86 -42.24
CA ALA B 510 -10.39 -0.97 -42.56
C ALA B 510 -9.73 0.37 -42.82
N ASP B 511 -10.50 1.43 -42.94
CA ASP B 511 -9.96 2.74 -43.31
C ASP B 511 -10.00 3.74 -42.15
N ALA B 512 -9.92 3.23 -40.92
CA ALA B 512 -10.01 4.08 -39.73
C ALA B 512 -11.32 4.89 -39.72
N THR B 513 -12.42 4.23 -40.03
CA THR B 513 -13.76 4.79 -39.81
C THR B 513 -14.66 3.71 -39.22
N GLY B 514 -15.93 4.04 -39.04
CA GLY B 514 -16.87 3.14 -38.39
C GLY B 514 -16.92 3.39 -36.90
N LYS B 515 -17.41 2.41 -36.14
CA LYS B 515 -17.38 2.53 -34.69
C LYS B 515 -15.91 2.52 -34.29
N GLY B 516 -15.56 3.25 -33.26
CA GLY B 516 -14.19 3.25 -32.81
C GLY B 516 -14.05 3.54 -31.35
N VAL B 517 -12.84 3.29 -30.86
CA VAL B 517 -12.49 3.49 -29.47
C VAL B 517 -11.14 4.18 -29.40
N ALA B 518 -11.08 5.31 -28.72
CA ALA B 518 -9.82 5.98 -28.42
C ALA B 518 -9.14 5.34 -27.22
N LEU B 519 -7.82 5.23 -27.30
CA LEU B 519 -6.99 4.60 -26.28
C LEU B 519 -5.85 5.51 -25.84
N ALA B 520 -5.71 5.66 -24.53
CA ALA B 520 -4.54 6.34 -23.97
C ALA B 520 -3.34 5.41 -23.96
N LEU B 521 -2.20 5.88 -23.43
CA LEU B 521 -1.13 4.95 -23.11
C LEU B 521 -1.62 4.01 -22.03
N GLY B 522 -1.32 2.72 -22.17
CA GLY B 522 -1.74 1.74 -21.21
C GLY B 522 -1.96 0.37 -21.82
N THR B 523 -2.66 -0.48 -21.08
CA THR B 523 -2.90 -1.87 -21.48
C THR B 523 -4.41 -2.10 -21.53
N PHE B 524 -4.87 -2.70 -22.63
CA PHE B 524 -6.29 -2.82 -22.93
C PHE B 524 -6.61 -4.25 -23.36
N ASP B 525 -7.28 -5.01 -22.49
CA ASP B 525 -7.59 -6.42 -22.77
C ASP B 525 -8.94 -6.60 -23.45
N THR B 526 -9.30 -7.85 -23.73
CA THR B 526 -10.52 -8.13 -24.45
C THR B 526 -11.73 -7.53 -23.72
N VAL B 527 -11.75 -7.67 -22.39
CA VAL B 527 -12.86 -7.15 -21.61
C VAL B 527 -12.97 -5.62 -21.74
N PHE B 528 -11.84 -4.93 -21.70
CA PHE B 528 -11.85 -3.47 -21.85
C PHE B 528 -12.41 -3.08 -23.21
N LEU B 529 -11.86 -3.67 -24.25
CA LEU B 529 -12.21 -3.22 -25.60
C LEU B 529 -13.67 -3.54 -25.86
N THR B 530 -14.12 -4.70 -25.40
CA THR B 530 -15.51 -5.10 -25.57
C THR B 530 -16.45 -4.10 -24.86
N GLU B 531 -16.15 -3.79 -23.59
CA GLU B 531 -17.02 -2.88 -22.86
C GLU B 531 -17.00 -1.47 -23.46
N ALA B 532 -15.88 -1.11 -24.07
CA ALA B 532 -15.71 0.18 -24.71
C ALA B 532 -16.51 0.30 -26.02
N GLY B 533 -17.02 -0.81 -26.50
CA GLY B 533 -17.91 -0.81 -27.65
C GLY B 533 -17.36 -1.46 -28.91
N LEU B 534 -16.21 -2.11 -28.81
CA LEU B 534 -15.64 -2.76 -29.99
C LEU B 534 -14.89 -4.05 -29.63
N LYS B 535 -15.57 -5.18 -29.82
CA LYS B 535 -14.99 -6.48 -29.55
C LYS B 535 -13.72 -6.60 -30.39
N PRO B 536 -12.64 -7.14 -29.81
CA PRO B 536 -11.38 -7.06 -30.55
C PRO B 536 -11.39 -7.84 -31.86
N GLU B 537 -12.17 -8.90 -31.95
CA GLU B 537 -12.28 -9.64 -33.21
C GLU B 537 -12.89 -8.78 -34.33
N GLU B 538 -13.55 -7.67 -33.98
CA GLU B 538 -14.14 -6.74 -34.95
C GLU B 538 -13.25 -5.56 -35.30
N ILE B 539 -12.09 -5.46 -34.67
CA ILE B 539 -11.14 -4.39 -35.05
C ILE B 539 -10.56 -4.66 -36.43
N ARG B 540 -10.66 -3.68 -37.31
CA ARG B 540 -10.13 -3.84 -38.67
C ARG B 540 -9.05 -2.82 -39.02
N SER B 541 -8.86 -1.79 -38.18
CA SER B 541 -7.77 -0.84 -38.38
C SER B 541 -7.46 -0.11 -37.08
N ILE B 542 -6.29 0.52 -37.05
CA ILE B 542 -5.81 1.26 -35.89
C ILE B 542 -5.01 2.44 -36.37
N ARG B 543 -5.23 3.60 -35.77
CA ARG B 543 -4.35 4.74 -35.98
C ARG B 543 -3.53 4.95 -34.74
N VAL B 544 -2.21 4.89 -34.89
CA VAL B 544 -1.28 5.11 -33.80
C VAL B 544 -0.77 6.55 -33.88
N SER B 545 -0.83 7.29 -32.79
CA SER B 545 -0.37 8.67 -32.82
C SER B 545 1.15 8.80 -32.96
N ASP B 546 1.59 9.97 -33.41
CA ASP B 546 3.00 10.30 -33.37
C ASP B 546 3.55 10.10 -31.95
N GLY B 547 4.82 9.71 -31.87
CA GLY B 547 5.49 9.50 -30.61
C GLY B 547 4.93 8.34 -29.81
N THR B 548 4.11 7.51 -30.45
CA THR B 548 3.46 6.38 -29.82
C THR B 548 3.74 5.10 -30.62
N LYS B 549 3.70 3.96 -29.95
CA LYS B 549 3.62 2.67 -30.62
C LYS B 549 2.50 1.85 -29.97
N ALA B 550 1.98 0.89 -30.72
CA ALA B 550 0.93 -0.01 -30.23
C ALA B 550 1.35 -1.43 -30.54
N THR B 551 1.27 -2.30 -29.55
CA THR B 551 1.59 -3.70 -29.73
C THR B 551 0.30 -4.50 -29.65
N LEU B 552 -0.06 -5.18 -30.74
CA LEU B 552 -1.21 -6.07 -30.75
C LEU B 552 -0.81 -7.42 -30.17
N PHE B 553 -1.66 -8.02 -29.36
CA PHE B 553 -1.48 -9.41 -28.92
C PHE B 553 -2.70 -10.22 -29.35
N SER B 554 -2.51 -11.44 -29.85
CA SER B 554 -3.66 -12.21 -30.31
C SER B 554 -4.51 -12.72 -29.15
N GLY B 555 -3.88 -12.88 -27.99
CA GLY B 555 -4.58 -13.36 -26.81
C GLY B 555 -5.51 -12.35 -26.13
N PHE B 556 -6.34 -12.87 -25.25
CA PHE B 556 -7.33 -12.18 -24.43
C PHE B 556 -6.67 -11.13 -23.53
N ARG B 557 -5.48 -11.47 -23.02
CA ARG B 557 -4.82 -10.64 -22.01
C ARG B 557 -3.30 -10.73 -22.14
N PHE B 558 -2.80 -10.18 -23.25
CA PHE B 558 -1.37 -9.92 -23.48
C PHE B 558 -0.52 -11.19 -23.57
N THR B 559 -1.13 -12.20 -24.18
CA THR B 559 -0.47 -13.47 -24.50
C THR B 559 -0.63 -13.72 -26.00
N GLY B 560 0.04 -14.74 -26.52
CA GLY B 560 -0.04 -15.07 -27.94
C GLY B 560 0.94 -14.31 -28.81
N GLU B 561 0.68 -14.33 -30.11
CA GLU B 561 1.55 -13.65 -31.06
C GLU B 561 1.35 -12.15 -30.99
N SER B 562 2.45 -11.41 -31.04
CA SER B 562 2.41 -9.97 -31.00
C SER B 562 2.87 -9.29 -32.28
N LYS B 563 2.37 -8.07 -32.48
CA LYS B 563 2.77 -7.25 -33.63
C LYS B 563 2.91 -5.82 -33.20
N GLU B 564 4.11 -5.27 -33.39
CA GLU B 564 4.39 -3.88 -33.03
C GLU B 564 4.05 -2.97 -34.20
N LEU B 565 3.31 -1.91 -33.92
CA LEU B 565 2.91 -0.93 -34.94
C LEU B 565 3.38 0.47 -34.54
N SER B 566 4.08 1.14 -35.46
N SER B 566 4.08 1.14 -35.46
CA SER B 566 4.52 2.51 -35.22
CA SER B 566 4.55 2.50 -35.24
C SER B 566 3.48 3.54 -35.68
C SER B 566 3.49 3.53 -35.66
N ALA B 567 3.79 4.80 -35.43
CA ALA B 567 2.89 5.90 -35.79
C ALA B 567 2.40 5.80 -37.22
N GLY B 568 1.10 5.95 -37.39
CA GLY B 568 0.46 5.89 -38.69
C GLY B 568 -0.85 5.12 -38.62
N GLU B 569 -1.40 4.81 -39.78
CA GLU B 569 -2.65 4.10 -39.90
C GLU B 569 -2.36 2.71 -40.44
N HIS B 570 -2.94 1.69 -39.81
CA HIS B 570 -2.68 0.30 -40.17
C HIS B 570 -3.98 -0.49 -40.28
N GLU B 571 -4.07 -1.34 -41.29
CA GLU B 571 -5.09 -2.37 -41.31
C GLU B 571 -4.72 -3.49 -40.34
N VAL B 572 -5.73 -4.10 -39.72
CA VAL B 572 -5.54 -5.14 -38.72
C VAL B 572 -6.06 -6.46 -39.24
N GLU B 573 -5.20 -7.47 -39.19
CA GLU B 573 -5.47 -8.80 -39.75
C GLU B 573 -6.41 -9.60 -38.86
N ASP B 574 -7.29 -10.38 -39.50
CA ASP B 574 -8.25 -11.21 -38.79
C ASP B 574 -7.55 -12.15 -37.82
N GLY B 575 -7.99 -12.11 -36.57
CA GLY B 575 -7.47 -12.95 -35.50
C GLY B 575 -6.16 -12.49 -34.89
N SER B 576 -5.65 -11.33 -35.31
CA SER B 576 -4.36 -10.87 -34.83
C SER B 576 -4.45 -10.15 -33.49
N VAL B 577 -5.67 -9.83 -33.03
CA VAL B 577 -5.78 -9.00 -31.82
C VAL B 577 -6.92 -9.38 -30.85
N GLY B 578 -6.50 -9.66 -29.62
CA GLY B 578 -7.41 -9.77 -28.50
C GLY B 578 -7.11 -8.73 -27.43
N SER B 579 -5.95 -8.10 -27.52
CA SER B 579 -5.53 -7.14 -26.50
C SER B 579 -4.42 -6.26 -27.08
N ILE B 580 -4.24 -5.06 -26.51
CA ILE B 580 -3.36 -4.04 -27.07
C ILE B 580 -2.61 -3.33 -25.98
N VAL B 581 -1.33 -3.10 -26.21
CA VAL B 581 -0.51 -2.28 -25.32
C VAL B 581 -0.06 -1.04 -26.08
N VAL B 582 -0.36 0.14 -25.54
CA VAL B 582 -0.09 1.41 -26.20
C VAL B 582 1.01 2.10 -25.38
N SER B 583 2.13 2.40 -26.04
N SER B 583 2.13 2.42 -26.02
CA SER B 583 3.34 2.86 -25.37
CA SER B 583 3.30 2.92 -25.31
C SER B 583 3.93 4.13 -26.00
C SER B 583 3.99 4.08 -26.01
N LYS B 584 4.65 4.89 -25.18
N LYS B 584 4.61 4.94 -25.21
CA LYS B 584 5.46 6.01 -25.67
CA LYS B 584 5.44 6.04 -25.69
C LYS B 584 6.79 5.48 -26.18
C LYS B 584 6.79 5.51 -26.18
N ILE B 585 7.28 6.01 -27.31
CA ILE B 585 8.53 5.50 -27.90
C ILE B 585 9.80 6.07 -27.23
C1 NAG C . 10.74 -14.98 -4.40
C2 NAG C . 9.62 -15.02 -3.38
C3 NAG C . 8.62 -16.10 -3.74
C4 NAG C . 8.15 -15.95 -5.18
C5 NAG C . 9.35 -15.81 -6.12
C6 NAG C . 8.96 -15.51 -7.55
C7 NAG C . 9.87 -14.37 -1.02
C8 NAG C . 10.48 -14.72 0.29
N2 NAG C . 10.13 -15.20 -2.03
O3 NAG C . 7.52 -16.00 -2.83
O4 NAG C . 7.41 -17.09 -5.59
O5 NAG C . 10.21 -14.75 -5.69
O6 NAG C . 8.22 -14.30 -7.65
O7 NAG C . 9.14 -13.38 -1.16
H1 NAG C . 11.20 -15.84 -4.39
H2 NAG C . 9.16 -14.16 -3.41
H3 NAG C . 9.04 -16.98 -3.64
H4 NAG C . 7.59 -15.16 -5.26
H5 NAG C . 9.84 -16.65 -6.11
H61 NAG C . 9.77 -15.43 -8.09
H62 NAG C . 8.42 -16.24 -7.91
H81 NAG C . 11.45 -14.78 0.19
H82 NAG C . 10.26 -14.03 0.94
H83 NAG C . 10.14 -15.58 0.59
HN2 NAG C . 10.67 -15.92 -1.88
HO3 NAG C . 7.25 -16.82 -2.60
HO6 NAG C . 8.19 -14.03 -8.50
C1 NAG C . 5.99 -17.03 -5.62
C2 NAG C . 5.51 -18.08 -6.61
C3 NAG C . 3.98 -18.17 -6.56
C4 NAG C . 3.50 -18.36 -5.13
C5 NAG C . 4.10 -17.29 -4.25
C6 NAG C . 3.74 -17.43 -2.79
C7 NAG C . 6.90 -18.50 -8.57
C8 NAG C . 7.24 -18.06 -9.97
N2 NAG C . 5.96 -17.79 -7.95
O3 NAG C . 3.57 -19.25 -7.40
O4 NAG C . 2.08 -18.25 -5.10
O5 NAG C . 5.53 -17.36 -4.32
O6 NAG C . 4.11 -18.70 -2.30
O7 NAG C . 7.47 -19.45 -8.04
H1 NAG C . 5.64 -16.16 -5.87
H2 NAG C . 5.86 -18.94 -6.33
H3 NAG C . 3.61 -17.35 -6.91
H4 NAG C . 3.76 -19.25 -4.81
H5 NAG C . 3.81 -16.41 -4.56
H61 NAG C . 4.20 -16.73 -2.27
H62 NAG C . 2.77 -17.32 -2.68
H81 NAG C . 7.52 -17.13 -9.96
H82 NAG C . 7.97 -18.62 -10.33
H83 NAG C . 6.45 -18.16 -10.54
HN2 NAG C . 5.57 -17.10 -8.40
HO3 NAG C . 2.83 -19.02 -7.85
HO6 NAG C . 4.06 -18.71 -1.42
C1 BMA C . 1.41 -19.35 -4.54
C2 BMA C . 0.04 -18.80 -4.12
C3 BMA C . -0.85 -20.00 -3.80
C4 BMA C . -0.88 -21.00 -4.93
C5 BMA C . 0.58 -21.43 -5.30
C6 BMA C . 0.67 -22.38 -6.49
O2 BMA C . -0.56 -18.06 -5.18
O3 BMA C . -2.18 -19.61 -3.41
O4 BMA C . -1.62 -22.14 -4.51
O5 BMA C . 1.31 -20.24 -5.63
O6 BMA C . 0.10 -21.75 -7.61
H1 BMA C . 1.88 -19.87 -3.69
H2 BMA C . 0.17 -18.18 -3.23
H3 BMA C . -0.45 -20.52 -2.92
H4 BMA C . -1.34 -20.51 -5.81
H5 BMA C . 1.05 -21.93 -4.42
H61 BMA C . 0.14 -23.31 -6.22
H62 BMA C . 1.73 -22.62 -6.64
HO2 BMA C . -0.86 -17.23 -4.78
HO4 BMA C . -2.31 -22.26 -5.17
C1 MAN C . -2.50 -19.86 -2.09
C2 MAN C . -4.00 -19.70 -1.96
C3 MAN C . -4.36 -18.24 -2.08
C4 MAN C . -3.53 -17.37 -1.13
C5 MAN C . -2.06 -17.60 -1.39
C6 MAN C . -1.17 -16.92 -0.36
O2 MAN C . -4.45 -20.13 -0.67
O3 MAN C . -5.76 -18.08 -1.82
O4 MAN C . -3.81 -15.99 -1.38
O5 MAN C . -1.78 -19.01 -1.25
O6 MAN C . 0.12 -16.83 -0.93
H1 MAN C . -2.20 -20.87 -1.76
H2 MAN C . -4.49 -20.27 -2.76
H3 MAN C . -4.19 -17.90 -3.11
H4 MAN C . -3.76 -17.65 -0.09
H5 MAN C . -1.79 -17.25 -2.40
H61 MAN C . -1.59 -15.92 -0.14
H62 MAN C . -1.17 -17.53 0.55
HO3 MAN C . -6.15 -17.82 -2.68
HO4 MAN C . -4.27 -15.67 -0.58
HO6 MAN C . 0.68 -16.35 -0.31
C1 MAN C . -4.32 -21.43 -0.17
C2 MAN C . -5.14 -21.35 1.14
C3 MAN C . -4.29 -20.72 2.27
C4 MAN C . -2.87 -21.35 2.35
C5 MAN C . -2.25 -21.42 0.93
C6 MAN C . -0.93 -22.12 0.88
O2 MAN C . -5.48 -22.63 1.60
O3 MAN C . -4.95 -20.81 3.54
O4 MAN C . -2.03 -20.52 3.18
O5 MAN C . -3.15 -22.10 0.02
O6 MAN C . -0.02 -21.24 0.21
H1 MAN C . -4.86 -22.03 -0.91
H2 MAN C . -6.03 -20.74 0.97
H3 MAN C . -4.17 -19.65 2.07
H4 MAN C . -2.96 -22.37 2.75
H5 MAN C . -2.10 -20.39 0.58
H61 MAN C . -0.59 -22.35 1.91
H62 MAN C . -1.06 -23.07 0.34
HO3 MAN C . -5.23 -19.91 3.76
HO4 MAN C . -2.05 -20.94 4.06
HO6 MAN C . 0.78 -21.75 0.00
C1 MAN C . -6.31 -23.33 0.67
C2 MAN C . -6.84 -24.19 1.87
C3 MAN C . -5.80 -25.22 2.30
C4 MAN C . -5.29 -26.03 1.07
C5 MAN C . -4.73 -25.05 0.02
C6 MAN C . -4.21 -25.77 -1.23
O2 MAN C . -8.00 -24.96 1.49
O3 MAN C . -6.30 -26.10 3.29
O4 MAN C . -4.29 -26.94 1.48
O5 MAN C . -5.78 -24.12 -0.38
O6 MAN C . -3.57 -24.82 -2.10
H1 MAN C . -7.15 -22.79 0.20
H2 MAN C . -7.07 -23.52 2.70
H3 MAN C . -4.94 -24.70 2.74
H4 MAN C . -6.15 -26.55 0.63
H5 MAN C . -3.89 -24.49 0.46
H61 MAN C . -3.51 -26.56 -0.92
H62 MAN C . -5.07 -26.25 -1.71
HO2 MAN C . -8.16 -24.83 0.54
HO3 MAN C . -7.19 -26.34 3.01
HO4 MAN C . -3.49 -26.40 1.65
HO6 MAN C . -3.33 -25.29 -2.91
C1 MAN C . 0.04 -22.51 -8.84
C2 MAN C . -0.62 -21.42 -9.73
C3 MAN C . -2.10 -21.22 -9.34
C4 MAN C . -2.84 -22.56 -9.26
C5 MAN C . -2.11 -23.50 -8.28
C6 MAN C . -2.77 -24.86 -8.16
O2 MAN C . -0.66 -21.82 -11.10
O3 MAN C . -2.77 -20.33 -10.25
O4 MAN C . -4.17 -22.35 -8.78
O5 MAN C . -0.73 -23.69 -8.73
O6 MAN C . -2.78 -25.48 -9.46
H1 MAN C . 0.98 -22.85 -9.31
H2 MAN C . -0.08 -20.48 -9.60
H3 MAN C . -2.14 -20.74 -8.36
H4 MAN C . -2.84 -23.03 -10.25
H5 MAN C . -2.12 -23.04 -7.28
H61 MAN C . -3.80 -24.72 -7.79
H62 MAN C . -2.22 -25.45 -7.44
HO2 MAN C . 0.00 -21.30 -11.59
HO3 MAN C . -2.79 -19.47 -9.79
HO4 MAN C . -4.71 -22.30 -9.59
HO6 MAN C . -2.61 -26.42 -9.34
C1 NAG D . -9.58 -9.02 -13.42
C2 NAG D . -8.50 -8.00 -13.73
C3 NAG D . -7.43 -8.64 -14.64
C4 NAG D . -6.94 -9.95 -14.03
C5 NAG D . -8.10 -10.87 -13.64
C6 NAG D . -7.67 -12.11 -12.90
C7 NAG D . -8.89 -5.58 -13.81
C8 NAG D . -9.58 -4.46 -14.52
N2 NAG D . -9.05 -6.81 -14.33
O3 NAG D . -6.37 -7.72 -14.77
O4 NAG D . -6.12 -10.67 -14.95
O5 NAG D . -9.01 -10.16 -12.78
O6 NAG D . -6.95 -11.80 -11.72
O7 NAG D . -8.17 -5.38 -12.83
H1 NAG D . -10.01 -9.30 -14.26
H2 NAG D . -8.06 -7.76 -12.90
H3 NAG D . -7.83 -8.82 -15.53
H4 NAG D . -6.41 -9.74 -13.23
H5 NAG D . -8.57 -11.13 -14.45
H61 NAG D . -7.11 -12.65 -13.49
H62 NAG D . -8.47 -12.63 -12.67
H81 NAG D . -10.54 -4.65 -14.56
H82 NAG D . -9.23 -4.38 -15.42
H83 NAG D . -9.42 -3.62 -14.04
HN2 NAG D . -9.60 -6.90 -15.06
HO3 NAG D . -6.07 -7.73 -15.61
HO6 NAG D . -6.84 -12.53 -11.23
C1 NAG D . -4.70 -10.64 -14.75
C2 NAG D . -4.11 -11.86 -15.42
C3 NAG D . -2.58 -11.76 -15.45
C4 NAG D . -2.16 -10.45 -16.10
C5 NAG D . -2.85 -9.29 -15.38
C6 NAG D . -2.55 -7.94 -16.00
C7 NAG D . -5.46 -13.91 -15.25
C8 NAG D . -5.78 -15.12 -14.42
N2 NAG D . -4.54 -13.08 -14.76
O3 NAG D . -2.09 -12.87 -16.20
O4 NAG D . -0.76 -10.23 -16.01
O5 NAG D . -4.27 -9.47 -15.45
O6 NAG D . -2.80 -7.95 -17.39
O7 NAG D . -6.05 -13.68 -16.32
H1 NAG D . -4.38 -10.59 -13.82
H2 NAG D . -4.42 -11.88 -16.35
H3 NAG D . -2.24 -11.81 -14.53
H4 NAG D . -2.43 -10.45 -17.04
H5 NAG D . -2.58 -9.28 -14.45
H61 NAG D . -1.61 -7.72 -15.84
H62 NAG D . -3.11 -7.26 -15.58
H81 NAG D . -6.48 -15.63 -14.85
H82 NAG D . -6.08 -14.83 -13.54
H83 NAG D . -4.97 -15.66 -14.34
HN2 NAG D . -4.16 -13.30 -13.96
HO3 NAG D . -1.42 -13.24 -15.76
HO6 NAG D . -2.70 -7.12 -17.72
C1 BMA D . -0.11 -10.18 -17.24
C2 BMA D . 1.24 -9.52 -16.83
C3 BMA D . 2.16 -9.57 -18.05
C4 BMA D . 2.23 -10.96 -18.64
C5 BMA D . 0.82 -11.51 -18.95
C6 BMA D . 0.84 -12.95 -19.48
O2 BMA D . 1.90 -10.21 -15.74
O3 BMA D . 3.49 -9.09 -17.73
O4 BMA D . 2.97 -10.92 -19.86
O5 BMA D . 0.06 -11.47 -17.72
O6 BMA D . 1.49 -13.79 -18.52
H1 BMA D . -0.61 -9.57 -18.01
H2 BMA D . 1.05 -8.47 -16.55
H3 BMA D . 1.77 -8.89 -18.83
H4 BMA D . 2.70 -11.62 -17.91
H5 BMA D . 0.33 -10.87 -19.71
H61 BMA D . 1.37 -12.95 -20.45
H62 BMA D . -0.20 -13.24 -19.66
HO2 BMA D . 2.03 -9.56 -15.04
HO4 BMA D . 3.82 -10.53 -19.62
HO6 BMA D . 1.88 -14.53 -19.00
C1 MAN D . 3.81 -7.96 -18.41
C2 MAN D . 5.30 -7.76 -18.25
C3 MAN D . 5.59 -7.27 -16.85
C4 MAN D . 4.74 -6.08 -16.44
C5 MAN D . 3.26 -6.33 -16.75
C6 MAN D . 2.43 -5.07 -16.63
O2 MAN D . 5.73 -6.74 -19.14
O3 MAN D . 6.96 -6.92 -16.68
O4 MAN D . 4.86 -5.90 -15.01
O5 MAN D . 3.11 -6.80 -18.11
O6 MAN D . 1.10 -5.48 -16.36
H1 MAN D . 3.56 -8.15 -19.46
H2 MAN D . 5.82 -8.70 -18.45
H3 MAN D . 5.39 -8.09 -16.15
H4 MAN D . 5.07 -5.19 -17.00
H5 MAN D . 2.86 -7.07 -16.05
H61 MAN D . 2.50 -4.51 -17.57
H62 MAN D . 2.85 -4.46 -15.83
HO3 MAN D . 7.36 -7.67 -16.20
HO4 MAN D . 5.38 -5.10 -14.90
HO6 MAN D . 0.93 -5.33 -15.42
C1 MAN D . 6.23 -7.31 -20.41
C2 MAN D . 7.26 -6.33 -20.94
C3 MAN D . 6.61 -5.03 -21.36
C4 MAN D . 5.43 -5.27 -22.27
C5 MAN D . 4.46 -6.29 -21.65
C6 MAN D . 3.39 -6.68 -22.66
O2 MAN D . 7.90 -6.84 -22.14
O3 MAN D . 7.55 -4.20 -22.02
O4 MAN D . 4.74 -4.04 -22.44
O5 MAN D . 5.18 -7.50 -21.30
O6 MAN D . 2.33 -7.31 -21.96
H1 MAN D . 6.68 -8.31 -20.30
H2 MAN D . 7.99 -6.15 -20.15
H3 MAN D . 6.26 -4.49 -20.48
H4 MAN D . 5.80 -5.67 -23.23
H5 MAN D . 3.99 -5.86 -20.76
H61 MAN D . 3.05 -5.76 -23.17
H62 MAN D . 3.84 -7.33 -23.41
HO3 MAN D . 7.88 -3.60 -21.35
HO4 MAN D . 4.95 -3.76 -23.35
HO6 MAN D . 1.50 -6.93 -22.29
C1 MAN D . 9.20 -7.41 -21.80
C2 MAN D . 9.95 -7.61 -23.10
C3 MAN D . 9.40 -8.82 -23.80
C4 MAN D . 9.44 -10.07 -22.87
C5 MAN D . 8.70 -9.74 -21.56
C6 MAN D . 8.80 -10.83 -20.49
O2 MAN D . 11.34 -7.88 -22.83
O3 MAN D . 10.07 -9.09 -25.02
O4 MAN D . 8.83 -11.18 -23.51
O5 MAN D . 9.26 -8.55 -20.97
O6 MAN D . 8.04 -10.41 -19.33
H1 MAN D . 9.69 -6.62 -21.20
H2 MAN D . 9.83 -6.71 -23.72
H3 MAN D . 8.34 -8.64 -24.06
H4 MAN D . 10.49 -10.28 -22.63
H5 MAN D . 7.63 -9.59 -21.78
H61 MAN D . 8.41 -11.77 -20.91
H62 MAN D . 9.85 -10.97 -20.25
HO2 MAN D . 11.88 -7.36 -23.43
HO3 MAN D . 9.49 -8.73 -25.71
HO4 MAN D . 9.56 -11.74 -23.80
HO6 MAN D . 8.01 -11.16 -18.71
C1 NAG E . 6.31 -2.34 28.57
C2 NAG E . 5.64 -1.84 29.85
C3 NAG E . 4.36 -2.63 30.10
C4 NAG E . 3.45 -2.55 28.89
C5 NAG E . 4.20 -2.99 27.64
C6 NAG E . 3.39 -2.79 26.38
C7 NAG E . 6.96 -0.86 31.67
C8 NAG E . 7.90 -1.14 32.80
N2 NAG E . 6.54 -1.93 30.99
O3 NAG E . 3.70 -2.11 31.25
O4 NAG E . 2.35 -3.42 29.05
O5 NAG E . 5.40 -2.21 27.47
O6 NAG E . 3.16 -1.40 26.15
O7 NAG E . 6.59 0.27 31.40
H1 NAG E . 6.55 -3.28 28.68
H2 NAG E . 5.39 -0.90 29.72
H3 NAG E . 4.59 -3.57 30.26
H4 NAG E . 3.14 -1.63 28.78
H5 NAG E . 4.44 -3.92 27.72
H61 NAG E . 2.53 -3.24 26.48
H62 NAG E . 3.86 -3.17 25.62
H81 NAG E . 8.18 -0.30 33.21
H82 NAG E . 7.45 -1.69 33.47
H83 NAG E . 8.69 -1.61 32.47
HN2 NAG E . 6.85 -2.76 31.23
HO3 NAG E . 3.42 -2.80 31.76
HO4 NAG E . 1.63 -2.95 29.30
HO6 NAG E . 2.76 -1.29 25.37
C1 NAG F . 8.82 21.90 -29.39
C2 NAG F . 7.92 23.11 -29.55
C3 NAG F . 6.59 22.69 -30.17
C4 NAG F . 6.85 21.96 -31.47
C5 NAG F . 7.81 20.79 -31.24
C6 NAG F . 8.19 20.08 -32.50
C7 NAG F . 7.67 25.09 -28.10
C8 NAG F . 7.44 25.57 -26.70
N2 NAG F . 7.69 23.76 -28.26
O3 NAG F . 5.81 23.84 -30.41
O4 NAG F . 5.61 21.46 -31.98
O5 NAG F . 9.02 21.29 -30.66
O6 NAG F . 8.75 20.98 -33.45
O7 NAG F . 7.86 25.87 -29.04
H1 NAG F . 8.40 21.25 -28.79
H2 NAG F . 8.35 23.74 -30.15
H3 NAG F . 6.12 22.10 -29.55
H4 NAG F . 7.24 22.57 -32.12
H5 NAG F . 7.39 20.16 -30.62
H61 NAG F . 8.85 19.38 -32.29
H62 NAG F . 7.40 19.66 -32.88
H81 NAG F . 6.55 25.28 -26.40
H82 NAG F . 7.49 26.55 -26.68
H83 NAG F . 8.12 25.20 -26.11
HN2 NAG F . 7.55 23.23 -27.53
HO3 NAG F . 4.96 23.66 -30.23
HO4 NAG F . 5.33 22.00 -32.63
HO6 NAG F . 9.09 20.52 -34.14
C TRS G . 18.48 -22.84 13.35
C1 TRS G . 18.21 -21.36 13.09
C2 TRS G . 18.42 -23.11 14.84
C3 TRS G . 19.88 -23.16 12.79
N TRS G . 17.50 -23.69 12.64
O1 TRS G . 17.78 -21.21 11.77
O2 TRS G . 19.21 -22.14 15.49
O3 TRS G . 20.19 -24.53 12.95
H11 TRS G . 17.44 -21.00 13.78
H12 TRS G . 19.12 -20.78 13.26
H21 TRS G . 18.79 -24.11 15.07
H22 TRS G . 17.38 -23.04 15.18
H31 TRS G . 19.90 -22.91 11.73
H32 TRS G . 20.62 -22.56 13.30
HN1 TRS G . 17.66 -24.68 12.75
HN2 TRS G . 16.54 -23.41 12.78
HN3 TRS G . 17.67 -23.51 11.66
HO1 TRS G . 17.60 -20.27 11.58
HO2 TRS G . 19.17 -22.30 16.46
HO3 TRS G . 21.08 -24.69 12.58
C TRS H . 9.50 -10.09 -5.34
C1 TRS H . 10.12 -11.02 -6.39
C2 TRS H . 9.45 -10.76 -3.96
C3 TRS H . 8.12 -9.62 -5.81
N TRS H . 10.34 -8.90 -5.22
O1 TRS H . 10.43 -10.30 -7.58
O2 TRS H . 10.70 -11.34 -3.60
O3 TRS H . 7.19 -10.65 -5.63
H11 TRS H . 11.03 -11.47 -6.00
H12 TRS H . 9.42 -11.82 -6.63
H21 TRS H . 9.16 -10.01 -3.22
H22 TRS H . 8.68 -11.53 -3.97
H31 TRS H . 7.83 -8.74 -5.23
H32 TRS H . 8.17 -9.34 -6.87
HN1 TRS H . 10.00 -8.22 -4.55
HN2 TRS H . 11.34 -9.10 -5.12
HN3 TRS H . 10.27 -8.45 -6.12
HO1 TRS H . 10.82 -10.92 -8.24
HO2 TRS H . 10.62 -11.75 -2.71
HO3 TRS H . 6.31 -10.34 -5.92
C TRS I . 9.37 -9.73 32.75
C1 TRS I . 7.95 -9.22 33.00
C2 TRS I . 10.30 -8.56 32.47
C3 TRS I . 9.36 -10.72 31.57
N TRS I . 9.83 -10.39 33.98
O1 TRS I . 7.49 -8.52 31.88
O2 TRS I . 10.41 -7.75 33.63
O3 TRS I . 10.65 -11.14 31.17
H11 TRS I . 7.96 -8.56 33.87
H12 TRS I . 7.29 -10.06 33.22
H21 TRS I . 11.29 -8.92 32.20
H22 TRS I . 9.91 -7.96 31.65
H31 TRS I . 8.85 -10.26 30.73
H32 TRS I . 8.77 -11.60 31.85
HN1 TRS I . 9.86 -9.78 34.79
HN2 TRS I . 9.39 -11.29 34.16
HN3 TRS I . 10.79 -10.62 33.80
HO1 TRS I . 6.57 -8.20 32.06
HO2 TRS I . 11.00 -7.00 33.45
HO3 TRS I . 10.58 -11.77 30.42
NA NA J . 21.34 -17.19 -6.53
C1 GOL K . 20.78 -23.17 38.53
O1 GOL K . 20.16 -21.99 38.96
C2 GOL K . 19.78 -24.31 38.62
O2 GOL K . 18.88 -24.22 37.55
C3 GOL K . 20.52 -25.64 38.54
O3 GOL K . 21.11 -25.74 37.26
H11 GOL K . 21.65 -23.39 39.17
H12 GOL K . 21.14 -23.07 37.51
HO1 GOL K . 20.82 -21.25 38.96
H2 GOL K . 19.26 -24.26 39.58
HO2 GOL K . 19.36 -24.29 36.70
H31 GOL K . 19.82 -26.46 38.69
H32 GOL K . 21.29 -25.69 39.31
HO3 GOL K . 20.60 -26.37 36.71
C1 GOL L . 17.40 34.23 -10.87
O1 GOL L . 16.11 34.49 -11.39
C2 GOL L . 18.50 34.52 -11.89
O2 GOL L . 19.79 34.63 -11.31
C3 GOL L . 18.57 33.46 -12.97
O3 GOL L . 17.35 32.83 -13.30
H11 GOL L . 17.46 33.18 -10.57
H12 GOL L . 17.56 34.84 -9.99
HO1 GOL L . 15.43 34.23 -10.72
H2 GOL L . 18.25 35.47 -12.37
HO2 GOL L . 20.05 33.77 -10.94
H31 GOL L . 19.27 32.69 -12.65
H32 GOL L . 18.99 33.91 -13.87
HO3 GOL L . 16.65 33.52 -13.39
C1 GOL M . 13.23 7.68 -0.64
O1 GOL M . 14.30 7.68 -1.56
C2 GOL M . 12.81 6.25 -0.33
O2 GOL M . 12.43 5.60 -1.53
C3 GOL M . 13.96 5.51 0.36
O3 GOL M . 13.66 4.12 0.41
H11 GOL M . 12.39 8.22 -1.06
H12 GOL M . 13.53 8.19 0.28
HO1 GOL M . 14.53 8.61 -1.80
H2 GOL M . 11.97 6.27 0.36
HO2 GOL M . 13.20 5.56 -2.14
H31 GOL M . 14.11 5.89 1.37
H32 GOL M . 14.88 5.65 -0.19
HO3 GOL M . 14.49 3.61 0.55
C1 NAG N . -7.16 26.32 -11.70
C2 NAG N . -6.62 27.75 -11.51
C3 NAG N . -5.30 27.89 -12.26
C4 NAG N . -4.32 26.82 -11.84
C5 NAG N . -4.95 25.43 -12.01
C6 NAG N . -4.05 24.32 -11.51
C7 NAG N . -8.32 29.49 -11.17
C8 NAG N . -9.29 30.43 -11.83
N2 NAG N . -7.59 28.72 -11.98
O3 NAG N . -4.76 29.19 -11.99
O4 NAG N . -3.15 26.89 -12.64
O5 NAG N . -6.16 25.35 -11.26
O6 NAG N . -3.78 24.48 -10.12
O7 NAG N . -8.22 29.43 -9.94
H1 NAG N . -7.36 26.17 -12.64
H2 NAG N . -6.45 27.89 -10.56
H3 NAG N . -5.47 27.82 -13.22
H4 NAG N . -4.08 26.95 -10.90
H5 NAG N . -5.14 25.28 -12.96
H61 NAG N . -3.21 24.34 -12.00
H62 NAG N . -4.50 23.46 -11.65
H81 NAG N . -9.80 30.91 -11.16
H82 NAG N . -9.90 29.91 -12.41
H83 NAG N . -8.78 31.06 -12.39
HN2 NAG N . -7.72 28.81 -12.88
HO3 NAG N . -4.46 29.55 -12.74
HO4 NAG N . -2.51 27.29 -12.19
HO6 NAG N . -3.40 23.75 -9.81
C TRS O . -9.91 27.80 -20.22
C1 TRS O . -8.56 28.18 -19.62
C2 TRS O . -10.96 27.94 -19.14
C3 TRS O . -9.87 26.39 -20.84
N TRS O . -10.25 28.77 -21.28
O1 TRS O . -7.63 28.34 -20.65
O2 TRS O . -11.19 29.31 -18.86
O3 TRS O . -11.16 26.00 -21.31
H11 TRS O . -8.23 27.39 -18.93
H12 TRS O . -8.66 29.11 -19.05
H21 TRS O . -11.89 27.48 -19.47
H22 TRS O . -10.63 27.42 -18.24
H31 TRS O . -9.16 26.39 -21.68
H32 TRS O . -9.52 25.68 -20.10
HN1 TRS O . -10.29 29.73 -20.96
HN2 TRS O . -11.03 28.48 -21.86
HN3 TRS O . -9.45 28.74 -21.90
HO1 TRS O . -6.76 28.59 -20.29
HO2 TRS O . -11.87 29.40 -18.17
HO3 TRS O . -11.11 25.11 -21.70
C TRS P . -8.65 -8.46 -8.45
C1 TRS P . -8.60 -7.41 -9.57
C2 TRS P . -7.24 -8.75 -7.93
C3 TRS P . -9.28 -9.77 -8.90
N TRS P . -9.44 -7.92 -7.35
O1 TRS P . -9.87 -7.27 -10.20
O2 TRS P . -6.39 -7.65 -8.18
O3 TRS P . -9.31 -10.70 -7.83
H11 TRS P . -7.86 -7.71 -10.32
H12 TRS P . -8.29 -6.46 -9.16
H21 TRS P . -7.29 -8.94 -6.85
H22 TRS P . -6.86 -9.65 -8.41
H31 TRS P . -8.71 -10.19 -9.74
H32 TRS P . -10.31 -9.59 -9.25
HN1 TRS P . -10.40 -7.72 -7.59
HN2 TRS P . -9.32 -8.42 -6.48
HN3 TRS P . -9.03 -7.01 -7.17
HO1 TRS P . -9.80 -6.59 -10.91
HO2 TRS P . -5.50 -7.85 -7.84
HO3 TRS P . -9.72 -11.55 -8.13
C TRS Q . -17.68 4.93 -26.88
C1 TRS Q . -17.34 5.20 -25.41
C2 TRS Q . -17.67 6.23 -27.68
C3 TRS Q . -19.04 4.24 -26.99
N TRS Q . -16.67 4.02 -27.47
O1 TRS Q . -16.99 3.98 -24.80
O2 TRS Q . -18.40 7.18 -26.94
O3 TRS Q . -19.34 3.92 -28.33
H11 TRS Q . -16.51 5.90 -25.35
H12 TRS Q . -18.21 5.64 -24.92
H21 TRS Q . -16.65 6.57 -27.83
H22 TRS Q . -18.14 6.08 -28.65
H31 TRS Q . -19.02 3.33 -26.39
H32 TRS Q . -19.80 4.89 -26.58
HN1 TRS Q . -16.60 3.13 -26.99
HN2 TRS Q . -16.72 3.96 -28.48
HN3 TRS Q . -15.78 4.48 -27.29
HO1 TRS Q . -16.78 4.15 -23.86
HO2 TRS Q . -18.41 8.03 -27.43
HO3 TRS Q . -20.21 3.48 -28.37
NA NA R . -14.80 -6.98 32.48
NA NA S . -19.96 -12.30 -15.30
C1 GOL T . -13.62 1.29 6.83
O1 GOL T . -14.57 0.33 7.19
C2 GOL T . -13.20 1.12 5.36
O2 GOL T . -12.68 -0.18 5.16
C3 GOL T . -14.38 1.30 4.41
O3 GOL T . -13.92 1.10 3.09
H11 GOL T . -12.74 1.20 7.47
H12 GOL T . -14.03 2.28 6.98
HO1 GOL T . -14.77 0.41 8.14
H2 GOL T . -12.44 1.86 5.12
HO2 GOL T . -13.37 -0.85 5.34
H31 GOL T . -14.79 2.31 4.52
H32 GOL T . -15.17 0.59 4.65
HO3 GOL T . -14.68 1.12 2.46
#